data_8FYA
#
_entry.id   8FYA
#
_cell.length_a   1.00
_cell.length_b   1.00
_cell.length_c   1.00
_cell.angle_alpha   90.00
_cell.angle_beta   90.00
_cell.angle_gamma   90.00
#
_symmetry.space_group_name_H-M   'P 1'
#
loop_
_entity.id
_entity.type
_entity.pdbx_description
1 polymer Cas2-DEDDh
2 polymer Cas1
3 polymer 'DNA (28-MER)'
4 polymer 'DNA (31-MER)'
#
loop_
_entity_poly.entity_id
_entity_poly.type
_entity_poly.pdbx_seq_one_letter_code
_entity_poly.pdbx_strand_id
1 'polypeptide(L)'
;MPMTVITLKNVPQSLRGDLTRWMQEIATGVYVGNFNSRIREYLWRRVQETMGAGEASMCFAARNELGYDFLTENASRSVI
DYDGLPLIFIPKEQSAVSDLPKGFSTAAKLHRAHIAGSGKKKEKPIRYVVIDIETDGKDAKRNHILEIGAIRCEDGKETH
FTALISGDAVPPSITKLTGITATLLQKEGQEEKKVLTAFREFIGDDDLVGYHVSFDIEFLRQAFKKYGLGYLKNKTHDLL
RIVKKEQLFQADYKLETSLQSYGIHKKVPHRALGDAELVKCLAKKLNKF
;
A,D
2 'polypeptide(L)'
;MAGPIIAGKSESSELPRVEDRATFIYIEHAKINRVDSAVTVAEAKGVVRIPAAMIGVLLLGPGTDISHRAVELLGDTGTA
LVWVGEQGVRYYASGRALARSTRFLVKQAELVTNERSRLRVARRMYQMRFPTEDVSKLTMQQLRSHEGARVRRKYRELSK
KYNVPWKKRVYNPDDFAGGDPINQALSAAHVALYGLVHSVVAALGLSPGLGFVHTGHDRSFIYDVADLYKAEITVPIAFA
VAAEAEEGQDIGQLARLRTRDAFVDGKILKRMVKDLQTLLEIPEEGQIEAEPLSLWDDKEKLVPYGVNYSEVTSCP
;
B,C,E,F
3 'polydeoxyribonucleotide'
;(DG)(DC)(DA)(DA)(DC)(DC)(DA)(DC)(DT)(DT)(DG)(DT)(DG)(DC)(DA)(DT)(DC)(DA)(DT)(DG)
(DA)(DG)(DT)(DG)(DA)(DT)(DG)(DA)
;
G
4 'polydeoxyribonucleotide'
;(DA)(DC)(DT)(DC)(DA)(DT)(DG)(DA)(DT)(DG)(DC)(DA)(DC)(DA)(DA)(DG)(DT)(DG)(DG)(DT)
(DT)(DG)(DC)(DG)(DC)(DG)(DT)(DG)(DT)(DT)(DC)(DC)(DC)
;
H
#
loop_
_chem_comp.id
_chem_comp.type
_chem_comp.name
_chem_comp.formula
DA DNA linking 2'-DEOXYADENOSINE-5'-MONOPHOSPHATE 'C10 H14 N5 O6 P'
DC DNA linking 2'-DEOXYCYTIDINE-5'-MONOPHOSPHATE 'C9 H14 N3 O7 P'
DG DNA linking 2'-DEOXYGUANOSINE-5'-MONOPHOSPHATE 'C10 H14 N5 O7 P'
DT DNA linking THYMIDINE-5'-MONOPHOSPHATE 'C10 H15 N2 O8 P'
#
# COMPACT_ATOMS: atom_id res chain seq x y z
N MET A 1 2.14 -6.39 4.79
CA MET A 1 2.08 -6.20 3.35
C MET A 1 2.02 -4.71 2.99
N PRO A 2 2.81 -4.32 1.99
CA PRO A 2 2.78 -2.92 1.55
C PRO A 2 1.41 -2.54 1.02
N MET A 3 1.03 -1.28 1.25
CA MET A 3 -0.24 -0.77 0.76
C MET A 3 -0.06 -0.24 -0.65
N THR A 4 -0.84 -0.78 -1.58
CA THR A 4 -0.78 -0.39 -2.99
C THR A 4 -1.94 0.53 -3.31
N VAL A 5 -1.64 1.59 -4.05
CA VAL A 5 -2.62 2.61 -4.41
C VAL A 5 -2.66 2.72 -5.92
N ILE A 6 -3.85 2.59 -6.50
CA ILE A 6 -4.06 2.71 -7.93
C ILE A 6 -5.10 3.80 -8.16
N THR A 7 -4.82 4.72 -9.09
CA THR A 7 -5.77 5.73 -9.50
C THR A 7 -6.08 5.55 -10.98
N LEU A 8 -7.37 5.43 -11.30
CA LEU A 8 -7.84 5.29 -12.67
C LEU A 8 -8.73 6.46 -13.04
N LYS A 9 -8.64 6.89 -14.29
CA LYS A 9 -9.48 7.96 -14.81
C LYS A 9 -9.65 7.76 -16.30
N ASN A 10 -10.89 7.97 -16.78
CA ASN A 10 -11.23 7.76 -18.19
C ASN A 10 -10.96 6.33 -18.63
N VAL A 11 -11.26 5.38 -17.76
CA VAL A 11 -11.08 3.96 -18.05
C VAL A 11 -12.45 3.31 -18.18
N PRO A 12 -12.57 2.16 -18.85
CA PRO A 12 -13.87 1.50 -18.94
C PRO A 12 -14.41 1.14 -17.56
N GLN A 13 -15.74 1.23 -17.43
CA GLN A 13 -16.39 0.94 -16.15
C GLN A 13 -16.17 -0.50 -15.72
N SER A 14 -15.90 -1.41 -16.67
CA SER A 14 -15.63 -2.80 -16.32
C SER A 14 -14.40 -2.91 -15.43
N LEU A 15 -13.32 -2.21 -15.78
CA LEU A 15 -12.13 -2.22 -14.93
C LEU A 15 -12.38 -1.47 -13.63
N ARG A 16 -13.20 -0.42 -13.68
CA ARG A 16 -13.57 0.30 -12.46
C ARG A 16 -14.19 -0.63 -11.44
N GLY A 17 -15.08 -1.51 -11.89
CA GLY A 17 -15.65 -2.51 -10.98
C GLY A 17 -14.72 -3.67 -10.71
N ASP A 18 -13.87 -4.02 -11.67
CA ASP A 18 -12.97 -5.16 -11.52
C ASP A 18 -11.96 -4.93 -10.41
N LEU A 19 -11.36 -3.74 -10.36
CA LEU A 19 -10.38 -3.47 -9.32
C LEU A 19 -10.98 -3.52 -7.93
N THR A 20 -12.29 -3.32 -7.80
CA THR A 20 -12.93 -3.40 -6.49
C THR A 20 -12.91 -4.82 -5.92
N ARG A 21 -12.68 -5.83 -6.77
CA ARG A 21 -12.58 -7.20 -6.26
C ARG A 21 -11.31 -7.41 -5.46
N TRP A 22 -10.26 -6.64 -5.75
CA TRP A 22 -9.00 -6.72 -5.03
C TRP A 22 -8.85 -5.59 -4.01
N MET A 23 -8.95 -4.35 -4.47
CA MET A 23 -8.78 -3.18 -3.62
C MET A 23 -9.98 -2.24 -3.73
N GLN A 24 -10.39 -1.68 -2.60
CA GLN A 24 -11.60 -0.88 -2.50
C GLN A 24 -11.43 0.47 -3.19
N GLU A 25 -12.56 1.17 -3.38
CA GLU A 25 -12.55 2.55 -3.86
C GLU A 25 -12.86 3.48 -2.70
N ILE A 26 -11.98 4.46 -2.49
CA ILE A 26 -12.21 5.49 -1.48
C ILE A 26 -12.69 6.80 -2.09
N ALA A 27 -12.43 7.04 -3.37
CA ALA A 27 -12.94 8.18 -4.09
C ALA A 27 -13.05 7.78 -5.55
N THR A 28 -13.69 8.63 -6.34
CA THR A 28 -13.90 8.31 -7.75
C THR A 28 -12.57 8.05 -8.45
N GLY A 29 -12.33 6.78 -8.80
CA GLY A 29 -11.11 6.42 -9.46
C GLY A 29 -9.90 6.24 -8.56
N VAL A 30 -10.09 6.10 -7.26
CA VAL A 30 -9.00 5.91 -6.31
C VAL A 30 -9.18 4.58 -5.62
N TYR A 31 -8.11 3.77 -5.60
CA TYR A 31 -8.13 2.42 -5.05
C TYR A 31 -6.96 2.21 -4.10
N VAL A 32 -7.21 1.46 -3.03
CA VAL A 32 -6.18 1.13 -2.03
C VAL A 32 -6.36 -0.31 -1.59
N GLY A 33 -5.25 -1.03 -1.46
CA GLY A 33 -5.29 -2.42 -1.04
C GLY A 33 -3.93 -2.91 -0.59
N ASN A 34 -3.94 -3.93 0.26
CA ASN A 34 -2.73 -4.54 0.78
C ASN A 34 -2.42 -5.83 0.03
N PHE A 35 -1.27 -5.87 -0.65
CA PHE A 35 -0.85 -7.04 -1.41
C PHE A 35 0.66 -7.19 -1.27
N ASN A 36 1.18 -8.34 -1.70
CA ASN A 36 2.62 -8.54 -1.79
C ASN A 36 3.08 -8.11 -3.17
N SER A 37 4.35 -8.37 -3.49
CA SER A 37 4.89 -7.92 -4.77
C SER A 37 4.22 -8.64 -5.93
N ARG A 38 3.96 -9.94 -5.78
CA ARG A 38 3.44 -10.73 -6.90
C ARG A 38 2.01 -10.35 -7.24
N ILE A 39 1.16 -10.25 -6.22
CA ILE A 39 -0.24 -9.89 -6.47
C ILE A 39 -0.33 -8.48 -7.05
N ARG A 40 0.47 -7.55 -6.52
CA ARG A 40 0.47 -6.19 -7.04
C ARG A 40 0.93 -6.16 -8.49
N GLU A 41 1.98 -6.93 -8.82
CA GLU A 41 2.46 -6.95 -10.19
C GLU A 41 1.43 -7.54 -11.15
N TYR A 42 0.77 -8.64 -10.74
CA TYR A 42 -0.28 -9.21 -11.59
C TYR A 42 -1.46 -8.26 -11.72
N LEU A 43 -1.77 -7.50 -10.68
CA LEU A 43 -2.91 -6.59 -10.74
C LEU A 43 -2.62 -5.40 -11.65
N TRP A 44 -1.40 -4.87 -11.58
CA TRP A 44 -1.00 -3.83 -12.53
C TRP A 44 -0.96 -4.39 -13.95
N ARG A 45 -0.56 -5.66 -14.09
CA ARG A 45 -0.59 -6.34 -15.38
C ARG A 45 -2.01 -6.41 -15.93
N ARG A 46 -2.98 -6.73 -15.08
CA ARG A 46 -4.38 -6.74 -15.49
C ARG A 46 -4.85 -5.34 -15.86
N VAL A 47 -4.47 -4.34 -15.08
CA VAL A 47 -4.90 -2.96 -15.33
C VAL A 47 -4.34 -2.45 -16.66
N GLN A 48 -3.14 -2.88 -17.03
CA GLN A 48 -2.48 -2.31 -18.20
C GLN A 48 -3.27 -2.56 -19.48
N GLU A 49 -3.77 -3.78 -19.68
CA GLU A 49 -4.56 -4.11 -20.87
C GLU A 49 -6.06 -4.16 -20.60
N THR A 50 -6.53 -3.49 -19.55
CA THR A 50 -7.95 -3.31 -19.32
C THR A 50 -8.37 -1.84 -19.24
N MET A 51 -7.42 -0.93 -19.00
CA MET A 51 -7.72 0.50 -18.92
C MET A 51 -8.06 1.12 -20.27
N GLY A 52 -7.77 0.43 -21.36
CA GLY A 52 -8.09 0.99 -22.67
C GLY A 52 -7.37 2.30 -22.91
N ALA A 53 -8.09 3.30 -23.38
CA ALA A 53 -7.53 4.63 -23.62
C ALA A 53 -7.80 5.53 -22.40
N GLY A 54 -7.20 5.13 -21.28
CA GLY A 54 -7.36 5.85 -20.04
C GLY A 54 -6.01 6.05 -19.37
N GLU A 55 -6.06 6.66 -18.19
CA GLU A 55 -4.87 6.99 -17.42
C GLU A 55 -4.86 6.20 -16.12
N ALA A 56 -3.73 5.54 -15.85
CA ALA A 56 -3.56 4.73 -14.66
C ALA A 56 -2.25 5.08 -13.98
N SER A 57 -2.29 5.25 -12.66
CA SER A 57 -1.10 5.53 -11.86
C SER A 57 -1.15 4.69 -10.61
N MET A 58 -0.03 4.05 -10.27
CA MET A 58 0.05 3.18 -9.10
C MET A 58 1.21 3.60 -8.22
N CYS A 59 0.96 3.62 -6.90
CA CYS A 59 1.98 3.94 -5.91
C CYS A 59 2.06 2.80 -4.91
N PHE A 60 3.28 2.38 -4.60
CA PHE A 60 3.53 1.26 -3.71
C PHE A 60 4.73 1.57 -2.83
N ALA A 61 4.82 0.88 -1.70
CA ALA A 61 5.98 1.01 -0.83
C ALA A 61 7.23 0.48 -1.52
N ALA A 62 8.33 1.23 -1.39
CA ALA A 62 9.58 0.84 -2.03
C ALA A 62 10.74 0.94 -1.06
N ARG A 63 11.96 0.77 -1.55
CA ARG A 63 13.17 0.75 -0.73
C ARG A 63 14.02 1.99 -0.94
N ASN A 64 13.37 3.15 -1.11
CA ASN A 64 14.04 4.42 -1.20
C ASN A 64 13.83 5.22 0.08
N GLU A 65 14.52 6.35 0.18
CA GLU A 65 14.46 7.14 1.40
C GLU A 65 13.16 7.92 1.56
N LEU A 66 12.36 8.07 0.48
CA LEU A 66 10.99 8.53 0.65
C LEU A 66 10.08 7.43 1.16
N GLY A 67 10.34 6.18 0.75
CA GLY A 67 9.55 5.05 1.19
C GLY A 67 8.52 4.55 0.21
N TYR A 68 8.48 5.08 -1.01
CA TYR A 68 7.51 4.64 -1.99
C TYR A 68 8.04 4.93 -3.39
N ASP A 69 7.42 4.30 -4.38
CA ASP A 69 7.75 4.50 -5.78
C ASP A 69 6.47 4.51 -6.60
N PHE A 70 6.59 4.89 -7.87
CA PHE A 70 5.43 5.15 -8.71
C PHE A 70 5.56 4.39 -10.02
N LEU A 71 4.45 3.81 -10.48
CA LEU A 71 4.33 3.29 -11.83
C LEU A 71 3.13 3.94 -12.50
N THR A 72 3.36 4.59 -13.63
CA THR A 72 2.32 5.23 -14.41
C THR A 72 2.44 4.80 -15.87
N GLU A 73 1.29 4.60 -16.52
CA GLU A 73 1.26 4.30 -17.94
C GLU A 73 0.21 5.20 -18.59
N ASN A 74 0.65 6.06 -19.50
CA ASN A 74 -0.21 7.01 -20.20
C ASN A 74 -1.03 7.81 -19.18
N ALA A 75 -0.30 8.60 -18.40
CA ALA A 75 -0.89 9.43 -17.37
C ALA A 75 -0.46 10.88 -17.57
N SER A 76 -1.32 11.80 -17.11
CA SER A 76 -1.01 13.22 -17.24
C SER A 76 0.23 13.60 -16.46
N ARG A 77 0.38 13.07 -15.26
CA ARG A 77 1.50 13.41 -14.37
C ARG A 77 2.52 12.29 -14.43
N SER A 78 3.63 12.54 -15.12
CA SER A 78 4.71 11.57 -15.18
C SER A 78 5.55 11.62 -13.90
N VAL A 79 6.54 10.74 -13.83
CA VAL A 79 7.42 10.64 -12.68
C VAL A 79 8.85 10.87 -13.15
N ILE A 80 9.52 11.83 -12.53
CA ILE A 80 10.90 12.17 -12.86
C ILE A 80 11.81 11.75 -11.72
N ASP A 81 12.97 11.19 -12.06
CA ASP A 81 13.93 10.72 -11.08
C ASP A 81 14.87 11.85 -10.72
N TYR A 82 14.73 12.40 -9.52
CA TYR A 82 15.62 13.44 -9.02
C TYR A 82 16.69 12.77 -8.15
N ASP A 83 17.65 12.15 -8.83
CA ASP A 83 18.82 11.52 -8.19
C ASP A 83 18.39 10.46 -7.18
N GLY A 84 17.72 9.43 -7.69
CA GLY A 84 17.26 8.34 -6.86
C GLY A 84 16.07 8.65 -5.99
N LEU A 85 15.36 9.74 -6.27
CA LEU A 85 14.23 10.15 -5.45
C LEU A 85 13.02 10.37 -6.36
N PRO A 86 11.90 9.66 -6.14
CA PRO A 86 10.74 9.79 -7.04
C PRO A 86 9.91 11.01 -6.67
N LEU A 87 9.82 11.95 -7.61
CA LEU A 87 9.00 13.14 -7.45
C LEU A 87 8.02 13.26 -8.61
N ILE A 88 6.77 13.58 -8.31
CA ILE A 88 5.74 13.66 -9.33
C ILE A 88 5.91 14.94 -10.13
N PHE A 89 5.96 14.80 -11.45
CA PHE A 89 6.16 15.92 -12.37
C PHE A 89 4.85 16.21 -13.09
N ILE A 90 4.46 17.48 -13.12
CA ILE A 90 3.23 17.91 -13.79
C ILE A 90 3.58 18.76 -15.00
N PRO A 91 3.49 18.22 -16.22
CA PRO A 91 3.83 19.01 -17.41
C PRO A 91 2.90 20.20 -17.57
N LYS A 92 3.44 21.27 -18.14
CA LYS A 92 2.71 22.51 -18.34
C LYS A 92 2.11 22.54 -19.74
N GLU A 93 0.85 22.94 -19.84
CA GLU A 93 0.17 23.03 -21.12
C GLU A 93 0.73 24.17 -21.97
N ASP B 20 -35.95 -43.48 -6.16
CA ASP B 20 -34.93 -43.88 -7.10
C ASP B 20 -34.90 -42.95 -8.31
N ARG B 21 -35.76 -41.94 -8.29
CA ARG B 21 -35.88 -40.98 -9.38
C ARG B 21 -35.40 -39.61 -8.91
N ALA B 22 -34.48 -39.02 -9.66
CA ALA B 22 -33.93 -37.70 -9.38
C ALA B 22 -34.29 -36.78 -10.53
N THR B 23 -34.90 -35.64 -10.19
CA THR B 23 -35.31 -34.66 -11.21
C THR B 23 -34.24 -33.57 -11.32
N PHE B 24 -33.81 -33.31 -12.55
CA PHE B 24 -32.80 -32.28 -12.84
C PHE B 24 -33.54 -31.10 -13.45
N ILE B 25 -34.02 -30.21 -12.59
CA ILE B 25 -34.80 -29.05 -13.04
C ILE B 25 -33.85 -27.95 -13.48
N TYR B 26 -34.14 -27.35 -14.63
CA TYR B 26 -33.33 -26.27 -15.18
C TYR B 26 -34.10 -24.97 -15.10
N ILE B 27 -33.49 -23.96 -14.50
CA ILE B 27 -34.11 -22.65 -14.30
C ILE B 27 -33.21 -21.58 -14.89
N GLU B 28 -33.80 -20.66 -15.65
CA GLU B 28 -33.08 -19.51 -16.17
C GLU B 28 -34.07 -18.38 -16.38
N HIS B 29 -33.54 -17.16 -16.41
CA HIS B 29 -34.34 -15.95 -16.70
C HIS B 29 -35.48 -15.81 -15.69
N ALA B 30 -35.22 -16.12 -14.43
CA ALA B 30 -36.28 -16.19 -13.44
C ALA B 30 -35.77 -15.75 -12.07
N LYS B 31 -36.71 -15.46 -11.18
CA LYS B 31 -36.44 -15.08 -9.80
C LYS B 31 -37.12 -16.08 -8.90
N ILE B 32 -36.34 -16.88 -8.18
CA ILE B 32 -36.84 -17.95 -7.34
C ILE B 32 -36.98 -17.45 -5.91
N ASN B 33 -38.16 -17.65 -5.32
CA ASN B 33 -38.40 -17.31 -3.93
C ASN B 33 -39.17 -18.47 -3.31
N ARG B 34 -39.61 -18.31 -2.07
CA ARG B 34 -40.29 -19.37 -1.33
C ARG B 34 -41.54 -18.81 -0.67
N VAL B 35 -42.61 -19.60 -0.63
CA VAL B 35 -43.84 -19.13 0.00
C VAL B 35 -44.09 -19.86 1.31
N ASP B 36 -44.39 -21.16 1.23
CA ASP B 36 -44.51 -21.99 2.43
C ASP B 36 -43.57 -23.18 2.40
N SER B 37 -43.65 -24.02 1.36
CA SER B 37 -42.76 -25.15 1.20
C SER B 37 -42.39 -25.38 -0.26
N ALA B 38 -42.69 -24.44 -1.14
CA ALA B 38 -42.48 -24.59 -2.56
C ALA B 38 -41.71 -23.39 -3.09
N VAL B 39 -40.79 -23.64 -4.01
CA VAL B 39 -40.05 -22.55 -4.64
C VAL B 39 -40.94 -21.88 -5.67
N THR B 40 -40.77 -20.57 -5.83
CA THR B 40 -41.59 -19.75 -6.71
C THR B 40 -40.72 -19.24 -7.85
N VAL B 41 -40.79 -19.89 -9.00
CA VAL B 41 -39.98 -19.52 -10.16
C VAL B 41 -40.78 -18.49 -10.95
N ALA B 42 -40.39 -17.22 -10.81
CA ALA B 42 -41.08 -16.12 -11.48
C ALA B 42 -40.43 -15.91 -12.84
N GLU B 43 -40.86 -16.71 -13.83
CA GLU B 43 -40.35 -16.60 -15.18
C GLU B 43 -40.96 -15.39 -15.88
N ALA B 44 -40.60 -15.21 -17.15
CA ALA B 44 -41.29 -14.23 -17.98
C ALA B 44 -42.65 -14.73 -18.42
N LYS B 45 -42.77 -16.04 -18.67
CA LYS B 45 -44.06 -16.62 -19.04
C LYS B 45 -45.06 -16.52 -17.91
N GLY B 46 -44.62 -16.76 -16.68
CA GLY B 46 -45.52 -16.70 -15.54
C GLY B 46 -44.82 -17.18 -14.28
N VAL B 47 -45.64 -17.50 -13.29
CA VAL B 47 -45.18 -17.92 -11.96
C VAL B 47 -45.46 -19.40 -11.80
N VAL B 48 -44.45 -20.16 -11.37
CA VAL B 48 -44.57 -21.59 -11.14
C VAL B 48 -44.20 -21.85 -9.68
N ARG B 49 -44.82 -22.86 -9.09
CA ARG B 49 -44.80 -23.09 -7.65
C ARG B 49 -44.33 -24.51 -7.34
N ILE B 50 -43.17 -24.88 -7.88
CA ILE B 50 -42.68 -26.25 -7.71
C ILE B 50 -42.53 -26.57 -6.24
N PRO B 51 -43.11 -27.66 -5.73
CA PRO B 51 -42.79 -28.09 -4.37
C PRO B 51 -41.32 -28.45 -4.24
N ALA B 52 -40.77 -28.18 -3.05
CA ALA B 52 -39.34 -28.41 -2.83
C ALA B 52 -39.00 -29.89 -2.88
N ALA B 53 -39.88 -30.75 -2.36
CA ALA B 53 -39.57 -32.17 -2.25
C ALA B 53 -39.37 -32.83 -3.61
N MET B 54 -40.00 -32.32 -4.67
CA MET B 54 -39.89 -32.96 -5.98
C MET B 54 -38.58 -32.59 -6.67
N ILE B 55 -37.97 -31.47 -6.31
CA ILE B 55 -36.75 -31.02 -6.96
C ILE B 55 -35.56 -31.82 -6.43
N GLY B 56 -34.87 -32.52 -7.33
CA GLY B 56 -33.66 -33.21 -6.95
C GLY B 56 -32.43 -32.36 -7.19
N VAL B 57 -32.27 -31.85 -8.41
CA VAL B 57 -31.13 -31.03 -8.79
C VAL B 57 -31.65 -29.79 -9.50
N LEU B 58 -31.22 -28.62 -9.02
CA LEU B 58 -31.61 -27.34 -9.61
C LEU B 58 -30.45 -26.79 -10.42
N LEU B 59 -30.67 -26.62 -11.71
CA LEU B 59 -29.64 -26.09 -12.62
C LEU B 59 -29.96 -24.63 -12.88
N LEU B 60 -29.46 -23.76 -12.00
CA LEU B 60 -29.70 -22.32 -12.11
C LEU B 60 -28.89 -21.76 -13.28
N GLY B 61 -29.57 -21.44 -14.37
CA GLY B 61 -28.91 -20.91 -15.55
C GLY B 61 -28.72 -19.40 -15.47
N PRO B 62 -28.36 -18.79 -16.59
CA PRO B 62 -28.10 -17.35 -16.60
C PRO B 62 -29.35 -16.54 -16.28
N GLY B 63 -29.11 -15.35 -15.74
CA GLY B 63 -30.20 -14.46 -15.37
C GLY B 63 -31.07 -14.98 -14.24
N THR B 64 -30.45 -15.60 -13.24
CA THR B 64 -31.16 -16.22 -12.13
C THR B 64 -30.86 -15.45 -10.85
N ASP B 65 -31.92 -15.08 -10.13
CA ASP B 65 -31.80 -14.40 -8.84
C ASP B 65 -32.42 -15.31 -7.79
N ILE B 66 -31.57 -16.01 -7.03
CA ILE B 66 -32.01 -16.95 -6.01
C ILE B 66 -32.06 -16.22 -4.67
N SER B 67 -33.11 -16.49 -3.89
CA SER B 67 -33.30 -15.84 -2.62
C SER B 67 -32.72 -16.68 -1.48
N HIS B 68 -32.66 -16.09 -0.28
CA HIS B 68 -32.12 -16.81 0.87
C HIS B 68 -33.09 -17.89 1.34
N ARG B 69 -34.38 -17.58 1.40
CA ARG B 69 -35.36 -18.57 1.85
C ARG B 69 -35.47 -19.72 0.86
N ALA B 70 -35.35 -19.44 -0.44
CA ALA B 70 -35.37 -20.50 -1.43
C ALA B 70 -34.19 -21.45 -1.23
N VAL B 71 -33.00 -20.90 -1.01
CA VAL B 71 -31.82 -21.73 -0.79
C VAL B 71 -31.97 -22.54 0.49
N GLU B 72 -32.48 -21.90 1.55
CA GLU B 72 -32.68 -22.61 2.82
C GLU B 72 -33.65 -23.77 2.66
N LEU B 73 -34.77 -23.54 1.98
CA LEU B 73 -35.75 -24.59 1.77
C LEU B 73 -35.18 -25.71 0.91
N LEU B 74 -34.47 -25.36 -0.17
CA LEU B 74 -33.92 -26.38 -1.05
C LEU B 74 -32.85 -27.21 -0.35
N GLY B 75 -32.02 -26.57 0.49
CA GLY B 75 -31.05 -27.33 1.24
C GLY B 75 -31.65 -28.14 2.37
N ASP B 76 -32.82 -27.73 2.86
CA ASP B 76 -33.52 -28.54 3.86
C ASP B 76 -34.02 -29.85 3.27
N THR B 77 -34.32 -29.87 1.97
CA THR B 77 -34.82 -31.07 1.31
C THR B 77 -33.75 -31.78 0.49
N GLY B 78 -32.47 -31.41 0.66
CA GLY B 78 -31.40 -32.12 -0.01
C GLY B 78 -31.27 -31.84 -1.49
N THR B 79 -31.77 -30.70 -1.96
CA THR B 79 -31.62 -30.34 -3.36
C THR B 79 -30.18 -29.95 -3.66
N ALA B 80 -29.73 -30.26 -4.87
CA ALA B 80 -28.38 -29.94 -5.32
C ALA B 80 -28.45 -28.74 -6.24
N LEU B 81 -28.11 -27.57 -5.71
CA LEU B 81 -28.07 -26.34 -6.51
C LEU B 81 -26.75 -26.26 -7.25
N VAL B 82 -26.82 -26.21 -8.58
CA VAL B 82 -25.64 -26.09 -9.42
C VAL B 82 -25.84 -24.91 -10.35
N TRP B 83 -25.00 -23.89 -10.21
CA TRP B 83 -25.06 -22.71 -11.06
C TRP B 83 -24.34 -23.02 -12.37
N VAL B 84 -25.10 -23.13 -13.46
CA VAL B 84 -24.57 -23.59 -14.72
C VAL B 84 -24.74 -22.50 -15.78
N GLY B 85 -24.27 -22.79 -17.00
CA GLY B 85 -24.50 -21.93 -18.14
C GLY B 85 -25.84 -22.27 -18.79
N GLU B 86 -25.99 -21.83 -20.03
CA GLU B 86 -27.20 -22.14 -20.78
C GLU B 86 -27.24 -23.64 -21.06
N GLN B 87 -28.18 -24.33 -20.42
CA GLN B 87 -28.32 -25.79 -20.51
C GLN B 87 -27.06 -26.50 -20.05
N GLY B 88 -26.37 -25.93 -19.06
CA GLY B 88 -25.25 -26.60 -18.44
C GLY B 88 -23.98 -26.66 -19.26
N VAL B 89 -23.77 -25.74 -20.20
CA VAL B 89 -22.54 -25.76 -20.99
C VAL B 89 -21.35 -25.39 -20.12
N ARG B 90 -21.52 -24.47 -19.19
CA ARG B 90 -20.44 -24.04 -18.30
C ARG B 90 -20.83 -24.32 -16.86
N TYR B 91 -19.88 -24.84 -16.09
CA TYR B 91 -20.07 -25.05 -14.65
C TYR B 91 -19.43 -23.89 -13.91
N TYR B 92 -20.24 -23.14 -13.16
CA TYR B 92 -19.78 -21.97 -12.43
C TYR B 92 -19.64 -22.23 -10.94
N ALA B 93 -20.66 -22.80 -10.32
CA ALA B 93 -20.61 -23.12 -8.90
C ALA B 93 -21.66 -24.19 -8.62
N SER B 94 -21.53 -24.82 -7.46
CA SER B 94 -22.49 -25.84 -7.05
C SER B 94 -22.57 -25.86 -5.53
N GLY B 95 -23.70 -26.37 -5.04
CA GLY B 95 -23.91 -26.47 -3.61
C GLY B 95 -23.50 -27.82 -3.07
N ARG B 96 -24.36 -28.41 -2.24
CA ARG B 96 -24.10 -29.74 -1.70
C ARG B 96 -24.49 -30.79 -2.73
N ALA B 97 -24.54 -32.05 -2.29
CA ALA B 97 -24.86 -33.15 -3.19
C ALA B 97 -26.35 -33.45 -3.17
N LEU B 98 -26.77 -34.29 -4.11
CA LEU B 98 -28.14 -34.76 -4.14
C LEU B 98 -28.46 -35.56 -2.88
N ALA B 99 -29.34 -35.00 -2.04
CA ALA B 99 -29.71 -35.58 -0.76
C ALA B 99 -28.51 -35.78 0.16
N ARG B 100 -27.45 -35.00 -0.06
CA ARG B 100 -26.22 -35.10 0.73
C ARG B 100 -25.67 -36.51 0.70
N SER B 101 -25.79 -37.17 -0.44
CA SER B 101 -25.38 -38.57 -0.60
C SER B 101 -23.93 -38.61 -1.03
N THR B 102 -23.05 -39.08 -0.14
CA THR B 102 -21.64 -39.21 -0.42
C THR B 102 -21.25 -40.63 -0.80
N ARG B 103 -22.23 -41.51 -1.01
CA ARG B 103 -21.91 -42.90 -1.36
C ARG B 103 -21.21 -42.98 -2.71
N PHE B 104 -21.62 -42.15 -3.67
CA PHE B 104 -20.91 -42.10 -4.95
C PHE B 104 -19.47 -41.63 -4.75
N LEU B 105 -19.27 -40.60 -3.93
CA LEU B 105 -17.92 -40.09 -3.69
C LEU B 105 -17.06 -41.14 -3.00
N VAL B 106 -17.60 -41.81 -1.99
CA VAL B 106 -16.85 -42.85 -1.29
C VAL B 106 -16.51 -44.00 -2.24
N LYS B 107 -17.47 -44.41 -3.07
CA LYS B 107 -17.20 -45.48 -4.02
C LYS B 107 -16.13 -45.08 -5.02
N GLN B 108 -16.18 -43.84 -5.52
CA GLN B 108 -15.16 -43.37 -6.46
C GLN B 108 -13.79 -43.33 -5.82
N ALA B 109 -13.71 -42.85 -4.57
CA ALA B 109 -12.43 -42.82 -3.87
C ALA B 109 -11.87 -44.21 -3.66
N GLU B 110 -12.73 -45.16 -3.26
CA GLU B 110 -12.27 -46.53 -3.08
C GLU B 110 -11.81 -47.13 -4.40
N LEU B 111 -12.52 -46.84 -5.49
CA LEU B 111 -12.15 -47.41 -6.78
C LEU B 111 -10.84 -46.83 -7.30
N VAL B 112 -10.59 -45.54 -7.05
CA VAL B 112 -9.37 -44.91 -7.57
C VAL B 112 -8.18 -45.14 -6.65
N THR B 113 -8.40 -45.49 -5.38
CA THR B 113 -7.29 -45.59 -4.44
C THR B 113 -6.34 -46.73 -4.80
N ASN B 114 -6.86 -47.92 -5.04
CA ASN B 114 -6.02 -49.08 -5.33
C ASN B 114 -5.93 -49.34 -6.83
N GLU B 115 -4.87 -50.06 -7.22
CA GLU B 115 -4.56 -50.22 -8.63
C GLU B 115 -5.51 -51.19 -9.32
N ARG B 116 -6.03 -52.19 -8.60
CA ARG B 116 -6.91 -53.18 -9.22
C ARG B 116 -8.22 -52.54 -9.68
N SER B 117 -8.90 -51.83 -8.78
CA SER B 117 -10.16 -51.19 -9.14
C SER B 117 -9.94 -50.05 -10.12
N ARG B 118 -8.82 -49.33 -9.99
CA ARG B 118 -8.49 -48.28 -10.96
C ARG B 118 -8.31 -48.87 -12.35
N LEU B 119 -7.60 -49.99 -12.45
CA LEU B 119 -7.43 -50.67 -13.72
C LEU B 119 -8.76 -51.13 -14.28
N ARG B 120 -9.62 -51.70 -13.42
CA ARG B 120 -10.93 -52.16 -13.88
C ARG B 120 -11.77 -51.01 -14.41
N VAL B 121 -11.80 -49.89 -13.69
CA VAL B 121 -12.60 -48.75 -14.11
C VAL B 121 -12.07 -48.15 -15.40
N ALA B 122 -10.75 -48.03 -15.53
CA ALA B 122 -10.17 -47.53 -16.77
C ALA B 122 -10.52 -48.45 -17.93
N ARG B 123 -10.42 -49.76 -17.73
CA ARG B 123 -10.81 -50.71 -18.77
C ARG B 123 -12.27 -50.53 -19.14
N ARG B 124 -13.13 -50.27 -18.14
CA ARG B 124 -14.55 -50.11 -18.41
C ARG B 124 -14.83 -48.85 -19.23
N MET B 125 -14.17 -47.74 -18.90
CA MET B 125 -14.34 -46.53 -19.71
C MET B 125 -13.85 -46.74 -21.13
N TYR B 126 -12.70 -47.40 -21.29
CA TYR B 126 -12.19 -47.65 -22.62
C TYR B 126 -13.10 -48.58 -23.41
N GLN B 127 -13.73 -49.54 -22.72
CA GLN B 127 -14.74 -50.38 -23.36
C GLN B 127 -15.96 -49.57 -23.78
N MET B 128 -16.39 -48.64 -22.93
CA MET B 128 -17.48 -47.74 -23.31
C MET B 128 -17.13 -46.95 -24.57
N ARG B 129 -15.85 -46.57 -24.70
CA ARG B 129 -15.40 -45.89 -25.91
C ARG B 129 -15.09 -46.85 -27.05
N PHE B 130 -15.11 -48.16 -26.80
CA PHE B 130 -14.83 -49.18 -27.83
C PHE B 130 -15.95 -50.21 -27.83
N PRO B 131 -17.12 -49.86 -28.38
CA PRO B 131 -18.21 -50.85 -28.41
C PRO B 131 -17.92 -52.08 -29.25
N THR B 132 -17.14 -51.93 -30.32
CA THR B 132 -16.93 -53.02 -31.27
C THR B 132 -15.68 -53.84 -31.00
N GLU B 133 -14.94 -53.54 -29.93
CA GLU B 133 -13.72 -54.25 -29.60
C GLU B 133 -13.69 -54.58 -28.11
N ASP B 134 -12.98 -55.66 -27.77
CA ASP B 134 -12.83 -56.09 -26.40
C ASP B 134 -11.44 -55.66 -25.90
N VAL B 135 -11.41 -54.84 -24.86
CA VAL B 135 -10.18 -54.29 -24.34
C VAL B 135 -9.93 -54.74 -22.90
N SER B 136 -10.55 -55.84 -22.48
CA SER B 136 -10.39 -56.32 -21.11
C SER B 136 -9.00 -56.91 -20.85
N LYS B 137 -8.19 -57.11 -21.88
CA LYS B 137 -6.85 -57.67 -21.73
C LYS B 137 -5.74 -56.69 -22.11
N LEU B 138 -6.08 -55.56 -22.72
CA LEU B 138 -5.06 -54.60 -23.12
C LEU B 138 -4.51 -53.84 -21.91
N THR B 139 -3.28 -53.36 -22.06
CA THR B 139 -2.62 -52.59 -21.01
C THR B 139 -2.90 -51.10 -21.20
N MET B 140 -2.44 -50.29 -20.25
CA MET B 140 -2.63 -48.85 -20.34
C MET B 140 -1.94 -48.27 -21.56
N GLN B 141 -0.73 -48.72 -21.87
CA GLN B 141 -0.06 -48.26 -23.08
C GLN B 141 -0.85 -48.66 -24.33
N GLN B 142 -1.28 -49.93 -24.38
CA GLN B 142 -2.07 -50.38 -25.52
C GLN B 142 -3.41 -49.65 -25.57
N LEU B 143 -4.03 -49.42 -24.42
CA LEU B 143 -5.32 -48.74 -24.38
C LEU B 143 -5.21 -47.31 -24.88
N ARG B 144 -4.17 -46.59 -24.45
CA ARG B 144 -4.00 -45.21 -24.90
C ARG B 144 -3.63 -45.15 -26.38
N SER B 145 -2.85 -46.13 -26.86
CA SER B 145 -2.58 -46.20 -28.29
C SER B 145 -3.85 -46.43 -29.09
N HIS B 146 -4.72 -47.32 -28.58
CA HIS B 146 -5.98 -47.58 -29.25
C HIS B 146 -6.87 -46.35 -29.28
N GLU B 147 -6.93 -45.60 -28.18
CA GLU B 147 -7.71 -44.37 -28.17
C GLU B 147 -7.14 -43.33 -29.12
N GLY B 148 -5.80 -43.21 -29.18
CA GLY B 148 -5.21 -42.30 -30.14
C GLY B 148 -5.57 -42.66 -31.57
N ALA B 149 -5.49 -43.95 -31.92
CA ALA B 149 -5.88 -44.39 -33.25
C ALA B 149 -7.36 -44.11 -33.50
N ARG B 150 -8.22 -44.37 -32.50
CA ARG B 150 -9.64 -44.15 -32.66
C ARG B 150 -9.96 -42.69 -32.90
N VAL B 151 -9.34 -41.79 -32.14
CA VAL B 151 -9.64 -40.37 -32.32
C VAL B 151 -9.08 -39.86 -33.65
N ARG B 152 -7.91 -40.37 -34.09
CA ARG B 152 -7.43 -40.01 -35.41
C ARG B 152 -8.41 -40.46 -36.49
N ARG B 153 -8.90 -41.70 -36.40
CA ARG B 153 -9.84 -42.20 -37.40
C ARG B 153 -11.14 -41.41 -37.38
N LYS B 154 -11.64 -41.07 -36.18
CA LYS B 154 -12.86 -40.30 -36.07
C LYS B 154 -12.71 -38.92 -36.68
N TYR B 155 -11.59 -38.25 -36.37
CA TYR B 155 -11.33 -36.93 -36.96
C TYR B 155 -11.26 -37.03 -38.48
N ARG B 156 -10.56 -38.04 -38.99
CA ARG B 156 -10.41 -38.19 -40.44
C ARG B 156 -11.76 -38.42 -41.12
N GLU B 157 -12.58 -39.32 -40.55
CA GLU B 157 -13.83 -39.65 -41.23
C GLU B 157 -14.82 -38.50 -41.13
N LEU B 158 -14.82 -37.77 -40.01
CA LEU B 158 -15.69 -36.60 -39.92
C LEU B 158 -15.22 -35.48 -40.84
N SER B 159 -13.90 -35.33 -41.03
CA SER B 159 -13.39 -34.37 -42.00
C SER B 159 -13.83 -34.74 -43.41
N LYS B 160 -13.78 -36.04 -43.74
CA LYS B 160 -14.24 -36.47 -45.06
C LYS B 160 -15.74 -36.25 -45.21
N LYS B 161 -16.52 -36.49 -44.15
CA LYS B 161 -17.97 -36.37 -44.25
C LYS B 161 -18.40 -34.91 -44.40
N TYR B 162 -17.85 -34.02 -43.58
CA TYR B 162 -18.27 -32.63 -43.55
C TYR B 162 -17.48 -31.75 -44.50
N ASN B 163 -16.58 -32.31 -45.30
CA ASN B 163 -15.76 -31.56 -46.25
C ASN B 163 -14.95 -30.48 -45.56
N VAL B 164 -14.56 -30.73 -44.31
CA VAL B 164 -13.76 -29.79 -43.52
C VAL B 164 -12.30 -30.24 -43.60
N PRO B 165 -11.40 -29.43 -44.12
CA PRO B 165 -9.99 -29.83 -44.15
C PRO B 165 -9.47 -30.07 -42.74
N TRP B 166 -8.64 -31.11 -42.60
CA TRP B 166 -8.08 -31.48 -41.31
C TRP B 166 -6.67 -31.99 -41.51
N LYS B 167 -5.72 -31.43 -40.75
CA LYS B 167 -4.33 -31.85 -40.79
C LYS B 167 -3.87 -32.47 -39.49
N LYS B 168 -4.07 -31.78 -38.37
CA LYS B 168 -3.58 -32.22 -37.07
C LYS B 168 -4.20 -31.34 -36.01
N ARG B 169 -4.45 -31.92 -34.84
CA ARG B 169 -5.02 -31.17 -33.72
C ARG B 169 -3.96 -30.23 -33.17
N VAL B 170 -4.05 -28.95 -33.54
CA VAL B 170 -3.12 -27.93 -33.06
C VAL B 170 -3.93 -26.80 -32.44
N TYR B 171 -3.51 -26.36 -31.26
CA TYR B 171 -4.19 -25.29 -30.55
C TYR B 171 -3.27 -24.77 -29.45
N ASN B 172 -3.67 -23.66 -28.84
CA ASN B 172 -2.93 -23.06 -27.75
C ASN B 172 -3.90 -22.81 -26.59
N PRO B 173 -3.66 -23.39 -25.42
CA PRO B 173 -4.55 -23.12 -24.28
C PRO B 173 -4.60 -21.65 -23.88
N ASP B 174 -3.56 -20.88 -24.19
CA ASP B 174 -3.51 -19.46 -23.83
C ASP B 174 -3.86 -18.53 -24.97
N ASP B 175 -3.92 -19.04 -26.21
CA ASP B 175 -4.22 -18.22 -27.39
C ASP B 175 -5.33 -18.91 -28.18
N PHE B 176 -6.58 -18.60 -27.81
CA PHE B 176 -7.72 -19.21 -28.50
C PHE B 176 -7.94 -18.59 -29.87
N ALA B 177 -7.63 -17.30 -30.02
CA ALA B 177 -7.88 -16.62 -31.29
C ALA B 177 -7.05 -17.22 -32.41
N GLY B 178 -5.78 -17.54 -32.14
CA GLY B 178 -4.92 -18.11 -33.15
C GLY B 178 -5.12 -19.60 -33.32
N GLY B 179 -5.79 -20.00 -34.40
CA GLY B 179 -6.04 -21.40 -34.67
C GLY B 179 -7.08 -21.60 -35.75
N ASP B 180 -7.17 -22.82 -36.27
CA ASP B 180 -8.15 -23.12 -37.30
C ASP B 180 -9.55 -23.08 -36.69
N PRO B 181 -10.56 -22.74 -37.50
CA PRO B 181 -11.94 -22.73 -36.97
C PRO B 181 -12.39 -24.08 -36.46
N ILE B 182 -11.93 -25.18 -37.07
CA ILE B 182 -12.30 -26.50 -36.59
C ILE B 182 -11.73 -26.75 -35.20
N ASN B 183 -10.49 -26.34 -34.96
CA ASN B 183 -9.90 -26.52 -33.64
C ASN B 183 -10.60 -25.66 -32.59
N GLN B 184 -10.96 -24.43 -32.96
CA GLN B 184 -11.70 -23.58 -32.03
C GLN B 184 -13.05 -24.18 -31.68
N ALA B 185 -13.76 -24.71 -32.69
CA ALA B 185 -15.04 -25.36 -32.44
C ALA B 185 -14.86 -26.59 -31.57
N LEU B 186 -13.81 -27.37 -31.80
CA LEU B 186 -13.54 -28.54 -30.98
C LEU B 186 -13.30 -28.14 -29.53
N SER B 187 -12.48 -27.11 -29.31
CA SER B 187 -12.19 -26.67 -27.95
C SER B 187 -13.46 -26.17 -27.26
N ALA B 188 -14.26 -25.38 -27.96
CA ALA B 188 -15.47 -24.82 -27.35
C ALA B 188 -16.47 -25.93 -27.01
N ALA B 189 -16.68 -26.87 -27.93
CA ALA B 189 -17.61 -27.96 -27.67
C ALA B 189 -17.11 -28.85 -26.54
N HIS B 190 -15.80 -29.15 -26.52
CA HIS B 190 -15.25 -29.96 -25.45
C HIS B 190 -15.40 -29.27 -24.09
N VAL B 191 -15.18 -27.96 -24.05
CA VAL B 191 -15.33 -27.25 -22.77
C VAL B 191 -16.79 -27.21 -22.35
N ALA B 192 -17.73 -27.09 -23.29
CA ALA B 192 -19.13 -27.17 -22.93
C ALA B 192 -19.49 -28.54 -22.37
N LEU B 193 -18.95 -29.59 -22.98
CA LEU B 193 -19.15 -30.94 -22.45
C LEU B 193 -18.54 -31.07 -21.06
N TYR B 194 -17.37 -30.45 -20.84
CA TYR B 194 -16.75 -30.46 -19.53
C TYR B 194 -17.64 -29.77 -18.51
N GLY B 195 -18.25 -28.66 -18.89
CA GLY B 195 -19.17 -27.98 -17.99
C GLY B 195 -20.36 -28.86 -17.63
N LEU B 196 -20.94 -29.56 -18.60
CA LEU B 196 -22.03 -30.46 -18.30
C LEU B 196 -21.58 -31.61 -17.39
N VAL B 197 -20.40 -32.16 -17.67
CA VAL B 197 -19.87 -33.25 -16.85
C VAL B 197 -19.69 -32.79 -15.41
N HIS B 198 -19.10 -31.60 -15.24
CA HIS B 198 -18.88 -31.08 -13.89
C HIS B 198 -20.19 -30.79 -13.19
N SER B 199 -21.18 -30.29 -13.93
CA SER B 199 -22.49 -30.05 -13.33
C SER B 199 -23.11 -31.34 -12.83
N VAL B 200 -23.07 -32.39 -13.65
CA VAL B 200 -23.63 -33.68 -13.24
C VAL B 200 -22.86 -34.26 -12.07
N VAL B 201 -21.53 -34.17 -12.11
CA VAL B 201 -20.68 -34.71 -11.05
C VAL B 201 -20.96 -33.99 -9.72
N ALA B 202 -21.04 -32.66 -9.76
CA ALA B 202 -21.33 -31.90 -8.56
C ALA B 202 -22.74 -32.17 -8.04
N ALA B 203 -23.70 -32.38 -8.95
CA ALA B 203 -25.05 -32.74 -8.52
C ALA B 203 -25.06 -34.10 -7.82
N LEU B 204 -24.33 -35.07 -8.37
CA LEU B 204 -24.30 -36.41 -7.79
C LEU B 204 -23.40 -36.51 -6.56
N GLY B 205 -22.57 -35.51 -6.31
CA GLY B 205 -21.70 -35.52 -5.16
C GLY B 205 -20.31 -36.09 -5.40
N LEU B 206 -19.99 -36.46 -6.64
CA LEU B 206 -18.69 -37.01 -6.94
C LEU B 206 -17.61 -35.93 -6.85
N SER B 207 -16.36 -36.38 -6.80
CA SER B 207 -15.23 -35.48 -6.74
C SER B 207 -14.65 -35.29 -8.12
N PRO B 208 -14.65 -34.07 -8.67
CA PRO B 208 -14.08 -33.86 -10.01
C PRO B 208 -12.59 -34.16 -10.10
N GLY B 209 -11.87 -34.14 -8.98
CA GLY B 209 -10.43 -34.33 -9.03
C GLY B 209 -9.99 -35.78 -9.04
N LEU B 210 -10.79 -36.67 -8.46
CA LEU B 210 -10.44 -38.08 -8.36
C LEU B 210 -10.69 -38.75 -9.72
N GLY B 211 -9.70 -38.63 -10.60
CA GLY B 211 -9.79 -39.20 -11.92
C GLY B 211 -9.06 -40.54 -12.01
N PHE B 212 -9.52 -41.36 -12.94
CA PHE B 212 -8.95 -42.70 -13.12
C PHE B 212 -7.86 -42.70 -14.19
N VAL B 213 -8.20 -42.27 -15.41
CA VAL B 213 -7.20 -42.19 -16.47
C VAL B 213 -6.39 -40.91 -16.33
N HIS B 214 -7.08 -39.78 -16.20
CA HIS B 214 -6.42 -38.51 -15.94
C HIS B 214 -6.16 -38.36 -14.45
N THR B 215 -5.01 -37.81 -14.11
CA THR B 215 -4.59 -37.72 -12.71
C THR B 215 -3.81 -36.43 -12.51
N GLY B 216 -3.91 -35.87 -11.30
CA GLY B 216 -3.15 -34.71 -10.92
C GLY B 216 -3.83 -33.38 -11.14
N HIS B 217 -4.99 -33.36 -11.76
CA HIS B 217 -5.73 -32.13 -12.04
C HIS B 217 -7.02 -32.10 -11.24
N ASP B 218 -7.50 -30.88 -10.98
CA ASP B 218 -8.73 -30.71 -10.20
C ASP B 218 -9.98 -31.10 -10.99
N ARG B 219 -9.86 -31.37 -12.29
CA ARG B 219 -10.97 -31.80 -13.13
C ARG B 219 -10.59 -33.05 -13.92
N SER B 220 -9.78 -33.92 -13.33
CA SER B 220 -9.36 -35.13 -14.03
C SER B 220 -10.54 -36.06 -14.30
N PHE B 221 -11.40 -36.26 -13.30
CA PHE B 221 -12.57 -37.11 -13.50
C PHE B 221 -13.52 -36.50 -14.52
N ILE B 222 -13.62 -35.17 -14.54
CA ILE B 222 -14.47 -34.51 -15.53
C ILE B 222 -14.01 -34.84 -16.94
N TYR B 223 -12.70 -34.76 -17.19
CA TYR B 223 -12.20 -35.07 -18.52
C TYR B 223 -12.33 -36.55 -18.82
N ASP B 224 -12.14 -37.41 -17.81
CA ASP B 224 -12.31 -38.84 -18.01
C ASP B 224 -13.73 -39.17 -18.46
N VAL B 225 -14.72 -38.58 -17.79
CA VAL B 225 -16.11 -38.85 -18.14
C VAL B 225 -16.47 -38.22 -19.48
N ALA B 226 -15.97 -37.02 -19.75
CA ALA B 226 -16.31 -36.34 -20.99
C ALA B 226 -15.68 -37.02 -22.20
N ASP B 227 -14.57 -37.74 -22.00
CA ASP B 227 -13.97 -38.49 -23.10
C ASP B 227 -14.89 -39.59 -23.61
N LEU B 228 -15.84 -40.04 -22.78
CA LEU B 228 -16.80 -41.04 -23.22
C LEU B 228 -17.76 -40.48 -24.26
N TYR B 229 -18.00 -39.16 -24.23
CA TYR B 229 -18.96 -38.53 -25.12
C TYR B 229 -18.33 -37.61 -26.14
N LYS B 230 -17.01 -37.39 -26.09
CA LYS B 230 -16.36 -36.54 -27.07
C LYS B 230 -16.56 -37.08 -28.48
N ALA B 231 -16.23 -38.35 -28.69
CA ALA B 231 -16.30 -38.94 -30.03
C ALA B 231 -17.72 -39.13 -30.52
N GLU B 232 -18.72 -38.96 -29.66
CA GLU B 232 -20.12 -39.16 -30.05
C GLU B 232 -20.91 -37.88 -30.15
N ILE B 233 -20.56 -36.85 -29.37
CA ILE B 233 -21.40 -35.65 -29.30
C ILE B 233 -20.64 -34.42 -29.76
N THR B 234 -19.55 -34.08 -29.05
CA THR B 234 -18.92 -32.79 -29.24
C THR B 234 -18.07 -32.71 -30.51
N VAL B 235 -17.40 -33.78 -30.88
CA VAL B 235 -16.59 -33.76 -32.11
C VAL B 235 -17.48 -33.61 -33.34
N PRO B 236 -18.57 -34.38 -33.50
CA PRO B 236 -19.46 -34.11 -34.63
C PRO B 236 -20.06 -32.72 -34.62
N ILE B 237 -20.41 -32.21 -33.43
CA ILE B 237 -20.96 -30.87 -33.33
C ILE B 237 -19.93 -29.84 -33.80
N ALA B 238 -18.68 -30.00 -33.37
CA ALA B 238 -17.62 -29.08 -33.76
C ALA B 238 -17.36 -29.15 -35.26
N PHE B 239 -17.37 -30.36 -35.84
CA PHE B 239 -17.16 -30.48 -37.27
C PHE B 239 -18.30 -29.84 -38.06
N ALA B 240 -19.55 -30.02 -37.60
CA ALA B 240 -20.67 -29.36 -38.25
C ALA B 240 -20.54 -27.84 -38.15
N VAL B 241 -20.15 -27.35 -36.98
CA VAL B 241 -19.99 -25.90 -36.80
C VAL B 241 -18.92 -25.37 -37.74
N ALA B 242 -17.79 -26.07 -37.85
CA ALA B 242 -16.72 -25.62 -38.74
C ALA B 242 -17.16 -25.68 -40.19
N ALA B 243 -17.97 -26.68 -40.55
CA ALA B 243 -18.45 -26.78 -41.93
C ALA B 243 -19.37 -25.62 -42.28
N GLU B 244 -20.38 -25.37 -41.44
CA GLU B 244 -21.34 -24.29 -41.71
C GLU B 244 -20.98 -23.06 -40.88
N ALA B 245 -19.81 -22.51 -41.18
CA ALA B 245 -19.33 -21.30 -40.53
C ALA B 245 -18.81 -20.33 -41.58
N GLU B 246 -19.15 -19.06 -41.41
CA GLU B 246 -18.64 -18.01 -42.27
C GLU B 246 -17.36 -17.41 -41.70
N GLU B 247 -16.54 -16.86 -42.59
CA GLU B 247 -15.30 -16.22 -42.15
C GLU B 247 -15.62 -14.99 -41.30
N GLY B 248 -14.88 -14.84 -40.21
CA GLY B 248 -15.11 -13.75 -39.28
C GLY B 248 -16.18 -14.02 -38.25
N GLN B 249 -16.77 -15.20 -38.24
CA GLN B 249 -17.81 -15.54 -37.28
C GLN B 249 -17.20 -16.07 -35.98
N ASP B 250 -17.92 -15.86 -34.88
CA ASP B 250 -17.47 -16.33 -33.57
C ASP B 250 -17.66 -17.83 -33.50
N ILE B 251 -16.59 -18.59 -33.72
CA ILE B 251 -16.69 -20.05 -33.75
C ILE B 251 -16.98 -20.61 -32.37
N GLY B 252 -16.35 -20.04 -31.33
CA GLY B 252 -16.59 -20.52 -29.99
C GLY B 252 -18.02 -20.35 -29.55
N GLN B 253 -18.60 -19.17 -29.80
CA GLN B 253 -20.00 -18.95 -29.47
C GLN B 253 -20.92 -19.88 -30.25
N LEU B 254 -20.63 -20.09 -31.53
CA LEU B 254 -21.44 -21.00 -32.34
C LEU B 254 -21.40 -22.41 -31.78
N ALA B 255 -20.21 -22.90 -31.44
CA ALA B 255 -20.09 -24.24 -30.90
C ALA B 255 -20.78 -24.37 -29.56
N ARG B 256 -20.65 -23.36 -28.69
CA ARG B 256 -21.33 -23.41 -27.40
C ARG B 256 -22.85 -23.42 -27.58
N LEU B 257 -23.36 -22.61 -28.50
CA LEU B 257 -24.81 -22.59 -28.74
C LEU B 257 -25.30 -23.91 -29.32
N ARG B 258 -24.55 -24.51 -30.25
CA ARG B 258 -24.97 -25.81 -30.77
C ARG B 258 -24.92 -26.87 -29.69
N THR B 259 -23.92 -26.82 -28.82
CA THR B 259 -23.83 -27.80 -27.74
C THR B 259 -24.97 -27.63 -26.75
N ARG B 260 -25.35 -26.39 -26.43
CA ARG B 260 -26.49 -26.18 -25.53
C ARG B 260 -27.78 -26.64 -26.20
N ASP B 261 -27.90 -26.44 -27.51
CA ASP B 261 -29.07 -26.96 -28.22
C ASP B 261 -29.13 -28.48 -28.15
N ALA B 262 -27.98 -29.14 -28.28
CA ALA B 262 -27.93 -30.58 -28.11
C ALA B 262 -28.27 -31.00 -26.68
N PHE B 263 -27.89 -30.18 -25.70
CA PHE B 263 -28.18 -30.48 -24.30
C PHE B 263 -29.60 -30.13 -23.90
N VAL B 264 -30.35 -29.42 -24.75
CA VAL B 264 -31.73 -29.04 -24.40
C VAL B 264 -32.57 -30.28 -24.16
N ASP B 265 -32.38 -31.33 -24.96
CA ASP B 265 -33.25 -32.50 -24.90
C ASP B 265 -33.21 -33.15 -23.53
N GLY B 266 -32.03 -33.26 -22.93
CA GLY B 266 -31.86 -33.89 -21.64
C GLY B 266 -31.55 -35.37 -21.70
N LYS B 267 -31.60 -35.98 -22.87
CA LYS B 267 -31.22 -37.39 -22.99
C LYS B 267 -29.75 -37.58 -22.64
N ILE B 268 -28.90 -36.64 -23.02
CA ILE B 268 -27.47 -36.74 -22.75
C ILE B 268 -27.21 -36.75 -21.25
N LEU B 269 -27.90 -35.88 -20.50
CA LEU B 269 -27.69 -35.83 -19.06
C LEU B 269 -28.10 -37.14 -18.39
N LYS B 270 -29.23 -37.71 -18.80
CA LYS B 270 -29.66 -39.00 -18.25
C LYS B 270 -28.66 -40.10 -18.58
N ARG B 271 -28.17 -40.11 -19.83
CA ARG B 271 -27.15 -41.08 -20.20
C ARG B 271 -25.89 -40.90 -19.36
N MET B 272 -25.52 -39.66 -19.08
CA MET B 272 -24.35 -39.37 -18.26
C MET B 272 -24.51 -39.89 -16.84
N VAL B 273 -25.69 -39.68 -16.24
CA VAL B 273 -25.92 -40.18 -14.89
C VAL B 273 -25.85 -41.71 -14.87
N LYS B 274 -26.49 -42.35 -15.87
CA LYS B 274 -26.46 -43.80 -15.94
C LYS B 274 -25.04 -44.32 -16.12
N ASP B 275 -24.26 -43.68 -17.00
CA ASP B 275 -22.89 -44.12 -17.25
C ASP B 275 -22.01 -43.92 -16.03
N LEU B 276 -22.21 -42.82 -15.30
CA LEU B 276 -21.47 -42.61 -14.07
C LEU B 276 -21.76 -43.71 -13.07
N GLN B 277 -23.04 -44.03 -12.86
CA GLN B 277 -23.38 -45.08 -11.92
C GLN B 277 -22.88 -46.44 -12.38
N THR B 278 -22.84 -46.67 -13.70
CA THR B 278 -22.26 -47.91 -14.22
C THR B 278 -20.76 -47.97 -13.94
N LEU B 279 -20.05 -46.86 -14.15
CA LEU B 279 -18.61 -46.85 -13.92
C LEU B 279 -18.27 -47.08 -12.46
N LEU B 280 -19.02 -46.45 -11.55
CA LEU B 280 -18.76 -46.68 -10.13
C LEU B 280 -19.25 -48.02 -9.61
N GLU B 281 -19.63 -48.96 -10.47
CA GLU B 281 -20.05 -50.30 -10.05
C GLU B 281 -21.25 -50.25 -9.11
N ILE B 282 -22.07 -49.22 -9.25
CA ILE B 282 -23.28 -49.13 -8.42
C ILE B 282 -24.28 -50.19 -8.89
N PRO B 283 -24.80 -51.02 -7.99
CA PRO B 283 -25.78 -52.02 -8.41
C PRO B 283 -27.02 -51.36 -8.99
N GLU B 284 -27.59 -52.00 -10.02
CA GLU B 284 -28.72 -51.42 -10.72
C GLU B 284 -29.91 -51.20 -9.78
N GLU B 285 -30.00 -51.99 -8.72
CA GLU B 285 -31.06 -51.77 -7.73
C GLU B 285 -30.87 -50.44 -7.01
N GLY B 286 -29.63 -50.12 -6.64
CA GLY B 286 -29.34 -48.87 -5.97
C GLY B 286 -29.12 -47.68 -6.88
N GLN B 287 -29.11 -47.89 -8.19
CA GLN B 287 -28.91 -46.80 -9.13
C GLN B 287 -30.10 -45.84 -9.11
N ILE B 288 -29.80 -44.57 -9.34
CA ILE B 288 -30.83 -43.55 -9.44
C ILE B 288 -31.02 -43.20 -10.91
N GLU B 289 -32.18 -42.64 -11.23
CA GLU B 289 -32.54 -42.29 -12.58
C GLU B 289 -32.72 -40.78 -12.69
N ALA B 290 -32.03 -40.16 -13.64
CA ALA B 290 -32.15 -38.73 -13.85
C ALA B 290 -33.41 -38.41 -14.64
N GLU B 291 -34.10 -37.35 -14.24
CA GLU B 291 -35.33 -36.90 -14.89
C GLU B 291 -35.16 -35.44 -15.28
N PRO B 292 -34.63 -35.16 -16.47
CA PRO B 292 -34.41 -33.77 -16.89
C PRO B 292 -35.71 -33.05 -17.21
N LEU B 293 -36.41 -32.59 -16.18
CA LEU B 293 -37.70 -31.94 -16.34
C LEU B 293 -37.54 -30.52 -16.87
N SER B 294 -38.59 -30.05 -17.53
CA SER B 294 -38.71 -28.66 -17.95
C SER B 294 -39.96 -28.08 -17.32
N LEU B 295 -40.01 -26.75 -17.23
CA LEU B 295 -41.08 -26.09 -16.49
C LEU B 295 -42.31 -25.84 -17.35
N TRP B 296 -42.16 -25.07 -18.43
CA TRP B 296 -43.27 -24.73 -19.28
C TRP B 296 -43.43 -25.66 -20.48
N ASP B 297 -42.45 -26.52 -20.74
CA ASP B 297 -42.58 -27.55 -21.76
C ASP B 297 -43.11 -28.86 -21.20
N ASP B 298 -43.21 -28.99 -19.89
CA ASP B 298 -43.69 -30.21 -19.23
C ASP B 298 -44.74 -29.87 -18.19
N LYS B 299 -45.64 -28.94 -18.51
CA LYS B 299 -46.70 -28.57 -17.58
C LYS B 299 -47.64 -29.75 -17.32
N GLU B 300 -47.97 -30.51 -18.38
CA GLU B 300 -48.89 -31.62 -18.23
C GLU B 300 -48.33 -32.69 -17.31
N LYS B 301 -47.02 -32.94 -17.38
CA LYS B 301 -46.41 -33.94 -16.51
C LYS B 301 -46.32 -33.47 -15.07
N LEU B 302 -46.12 -32.17 -14.85
CA LEU B 302 -45.86 -31.64 -13.52
C LEU B 302 -47.12 -31.24 -12.76
N VAL B 303 -48.23 -30.99 -13.45
CA VAL B 303 -49.46 -30.60 -12.76
C VAL B 303 -49.93 -31.67 -11.77
N PRO B 304 -49.99 -32.96 -12.12
CA PRO B 304 -50.42 -33.95 -11.13
C PRO B 304 -49.49 -34.08 -9.94
N TYR B 305 -48.23 -33.64 -10.06
CA TYR B 305 -47.28 -33.73 -8.96
C TYR B 305 -47.44 -32.62 -7.94
N GLY B 306 -48.36 -31.68 -8.17
CA GLY B 306 -48.55 -30.57 -7.27
C GLY B 306 -47.91 -29.27 -7.69
N VAL B 307 -47.30 -29.24 -8.88
CA VAL B 307 -46.61 -28.04 -9.35
C VAL B 307 -47.67 -27.07 -9.87
N ASN B 308 -47.92 -26.00 -9.13
CA ASN B 308 -48.89 -25.00 -9.56
C ASN B 308 -48.32 -24.16 -10.70
N TYR B 309 -49.23 -23.55 -11.46
CA TYR B 309 -48.84 -22.68 -12.56
C TYR B 309 -49.67 -21.40 -12.52
N SER B 310 -49.05 -20.29 -12.93
CA SER B 310 -49.73 -19.01 -13.00
C SER B 310 -49.28 -18.31 -14.28
N GLU B 311 -50.14 -17.45 -14.80
CA GLU B 311 -49.85 -16.74 -16.04
C GLU B 311 -50.29 -15.28 -15.96
N ALA C 2 0.97 -14.14 -19.91
CA ALA C 2 0.18 -15.33 -20.17
C ALA C 2 -0.87 -15.08 -21.25
N GLY C 3 -2.10 -15.51 -20.98
CA GLY C 3 -3.19 -15.31 -21.91
C GLY C 3 -3.83 -13.95 -21.75
N PRO C 4 -4.84 -13.66 -22.57
CA PRO C 4 -5.55 -12.39 -22.44
C PRO C 4 -6.24 -12.27 -21.10
N ILE C 5 -6.28 -11.04 -20.58
CA ILE C 5 -6.89 -10.74 -19.29
C ILE C 5 -8.19 -10.00 -19.54
N ILE C 6 -9.28 -10.51 -18.96
CA ILE C 6 -10.60 -9.91 -19.10
C ILE C 6 -11.19 -9.70 -17.71
N ALA C 7 -12.12 -8.76 -17.64
CA ALA C 7 -12.77 -8.44 -16.37
C ALA C 7 -13.67 -9.59 -15.92
N GLY C 8 -13.60 -9.91 -14.63
CA GLY C 8 -14.43 -10.92 -14.05
C GLY C 8 -13.82 -12.31 -13.98
N LYS C 9 -12.78 -12.58 -14.76
CA LYS C 9 -12.11 -13.87 -14.75
C LYS C 9 -10.66 -13.66 -14.33
N SER C 10 -10.21 -14.44 -13.36
CA SER C 10 -8.87 -14.30 -12.79
C SER C 10 -8.25 -15.66 -12.58
N GLU C 11 -6.93 -15.73 -12.76
CA GLU C 11 -6.19 -16.95 -12.55
C GLU C 11 -5.92 -17.16 -11.05
N SER C 12 -5.40 -18.35 -10.73
CA SER C 12 -5.09 -18.64 -9.33
C SER C 12 -3.88 -17.85 -8.85
N SER C 13 -2.92 -17.59 -9.73
CA SER C 13 -1.73 -16.85 -9.34
C SER C 13 -2.07 -15.41 -8.96
N GLU C 14 -2.96 -14.76 -9.70
CA GLU C 14 -3.33 -13.38 -9.42
C GLU C 14 -4.04 -13.22 -8.08
N LEU C 15 -4.58 -14.30 -7.55
CA LEU C 15 -5.29 -14.26 -6.28
C LEU C 15 -4.34 -14.42 -5.11
N PRO C 16 -4.73 -13.93 -3.94
CA PRO C 16 -3.93 -14.18 -2.74
C PRO C 16 -3.95 -15.66 -2.36
N ARG C 17 -2.94 -16.05 -1.58
CA ARG C 17 -2.92 -17.39 -1.04
C ARG C 17 -4.11 -17.59 -0.10
N VAL C 18 -4.47 -18.85 0.11
CA VAL C 18 -5.62 -19.17 0.96
C VAL C 18 -5.40 -18.63 2.36
N GLU C 19 -4.17 -18.72 2.87
CA GLU C 19 -3.87 -18.30 4.22
C GLU C 19 -3.62 -16.81 4.35
N ASP C 20 -3.58 -16.07 3.24
CA ASP C 20 -3.26 -14.65 3.26
C ASP C 20 -4.47 -13.75 3.07
N ARG C 21 -5.68 -14.31 3.05
CA ARG C 21 -6.90 -13.54 2.83
C ARG C 21 -7.58 -13.21 4.15
N ALA C 22 -8.59 -12.35 4.06
CA ALA C 22 -9.45 -12.10 5.20
C ALA C 22 -10.34 -13.31 5.46
N THR C 23 -10.93 -13.36 6.65
CA THR C 23 -11.63 -14.57 7.08
C THR C 23 -13.03 -14.64 6.49
N PHE C 24 -13.89 -13.70 6.84
CA PHE C 24 -15.30 -13.80 6.45
C PHE C 24 -15.95 -12.44 6.47
N ILE C 25 -17.07 -12.34 5.77
CA ILE C 25 -17.96 -11.18 5.81
C ILE C 25 -19.39 -11.69 5.91
N TYR C 26 -20.22 -10.98 6.65
CA TYR C 26 -21.61 -11.37 6.88
C TYR C 26 -22.53 -10.33 6.24
N ILE C 27 -23.42 -10.79 5.38
CA ILE C 27 -24.34 -9.93 4.66
C ILE C 27 -25.76 -10.42 4.92
N GLU C 28 -26.64 -9.52 5.33
CA GLU C 28 -28.04 -9.84 5.57
C GLU C 28 -28.93 -8.69 5.13
N HIS C 29 -30.15 -9.03 4.73
CA HIS C 29 -31.14 -8.05 4.29
C HIS C 29 -30.58 -7.13 3.21
N ALA C 30 -29.86 -7.73 2.26
CA ALA C 30 -29.25 -7.00 1.17
C ALA C 30 -29.48 -7.77 -0.11
N LYS C 31 -28.79 -7.38 -1.18
CA LYS C 31 -28.96 -8.04 -2.48
C LYS C 31 -27.62 -8.01 -3.20
N ILE C 32 -26.86 -9.09 -3.06
CA ILE C 32 -25.59 -9.21 -3.78
C ILE C 32 -25.88 -9.28 -5.27
N ASN C 33 -25.13 -8.49 -6.04
CA ASN C 33 -25.41 -8.30 -7.44
C ASN C 33 -24.13 -7.88 -8.13
N ARG C 34 -23.88 -8.44 -9.32
CA ARG C 34 -22.69 -8.10 -10.08
C ARG C 34 -23.01 -6.97 -11.05
N VAL C 35 -22.44 -5.80 -10.83
CA VAL C 35 -22.52 -4.69 -11.77
C VAL C 35 -21.10 -4.27 -12.15
N ASP C 36 -20.84 -4.23 -13.45
CA ASP C 36 -19.54 -3.83 -13.99
C ASP C 36 -18.41 -4.67 -13.41
N SER C 37 -18.63 -5.98 -13.37
CA SER C 37 -17.62 -6.96 -12.94
C SER C 37 -17.22 -6.77 -11.48
N ALA C 38 -18.16 -6.36 -10.64
CA ALA C 38 -17.90 -6.11 -9.23
C ALA C 38 -18.96 -6.79 -8.38
N VAL C 39 -18.52 -7.53 -7.36
CA VAL C 39 -19.44 -8.11 -6.40
C VAL C 39 -19.96 -6.99 -5.52
N THR C 40 -21.18 -6.55 -5.76
CA THR C 40 -21.75 -5.38 -5.11
C THR C 40 -22.90 -5.79 -4.20
N VAL C 41 -22.85 -5.33 -2.96
CA VAL C 41 -23.92 -5.55 -1.99
C VAL C 41 -24.77 -4.29 -1.97
N ALA C 42 -26.00 -4.40 -2.44
CA ALA C 42 -26.90 -3.25 -2.61
C ALA C 42 -27.96 -3.30 -1.51
N GLU C 43 -27.73 -2.53 -0.45
CA GLU C 43 -28.71 -2.41 0.62
C GLU C 43 -29.73 -1.33 0.27
N ALA C 44 -30.63 -1.05 1.21
CA ALA C 44 -31.65 -0.04 1.00
C ALA C 44 -31.03 1.34 0.86
N LYS C 45 -30.01 1.65 1.67
CA LYS C 45 -29.41 2.97 1.65
C LYS C 45 -28.44 3.14 0.49
N GLY C 46 -27.51 2.21 0.32
CA GLY C 46 -26.51 2.33 -0.72
C GLY C 46 -25.90 1.01 -1.15
N VAL C 47 -24.83 1.07 -1.92
CA VAL C 47 -24.19 -0.12 -2.49
C VAL C 47 -22.79 -0.26 -1.91
N VAL C 48 -22.41 -1.49 -1.58
CA VAL C 48 -21.11 -1.81 -1.01
C VAL C 48 -20.43 -2.82 -1.93
N ARG C 49 -19.20 -2.51 -2.34
CA ARG C 49 -18.43 -3.40 -3.19
C ARG C 49 -17.53 -4.30 -2.34
N ILE C 50 -17.62 -5.60 -2.57
CA ILE C 50 -16.91 -6.60 -1.78
C ILE C 50 -15.57 -6.88 -2.44
N PRO C 51 -14.45 -6.70 -1.75
CA PRO C 51 -13.17 -7.16 -2.29
C PRO C 51 -13.05 -8.68 -2.19
N ALA C 52 -13.68 -9.39 -3.12
CA ALA C 52 -13.82 -10.83 -2.99
C ALA C 52 -12.47 -11.55 -3.05
N ALA C 53 -11.49 -10.98 -3.75
CA ALA C 53 -10.18 -11.61 -3.83
C ALA C 53 -9.49 -11.66 -2.48
N MET C 54 -9.81 -10.73 -1.58
CA MET C 54 -9.26 -10.71 -0.24
C MET C 54 -10.13 -11.42 0.78
N ILE C 55 -11.30 -11.92 0.39
CA ILE C 55 -12.24 -12.54 1.31
C ILE C 55 -12.25 -14.04 1.04
N GLY C 56 -12.15 -14.83 2.09
CA GLY C 56 -12.16 -16.27 1.97
C GLY C 56 -13.53 -16.86 1.78
N VAL C 57 -14.47 -16.48 2.64
CA VAL C 57 -15.85 -16.98 2.58
C VAL C 57 -16.80 -15.81 2.74
N LEU C 58 -17.89 -15.85 2.00
CA LEU C 58 -18.94 -14.83 2.09
C LEU C 58 -20.16 -15.46 2.75
N LEU C 59 -20.59 -14.89 3.87
CA LEU C 59 -21.69 -15.43 4.66
C LEU C 59 -22.97 -14.68 4.31
N LEU C 60 -23.96 -15.41 3.82
CA LEU C 60 -25.22 -14.84 3.38
C LEU C 60 -26.27 -15.06 4.45
N GLY C 61 -26.79 -13.97 5.02
CA GLY C 61 -27.76 -14.05 6.08
C GLY C 61 -29.19 -14.02 5.60
N PRO C 62 -30.13 -13.80 6.53
CA PRO C 62 -31.54 -13.73 6.14
C PRO C 62 -31.83 -12.54 5.24
N GLY C 63 -32.85 -12.69 4.41
CA GLY C 63 -33.25 -11.62 3.51
C GLY C 63 -32.24 -11.29 2.44
N THR C 64 -31.35 -12.22 2.12
CA THR C 64 -30.25 -11.97 1.19
C THR C 64 -30.58 -12.58 -0.16
N ASP C 65 -30.51 -11.76 -1.21
CA ASP C 65 -30.72 -12.19 -2.58
C ASP C 65 -29.41 -12.12 -3.32
N ILE C 66 -29.06 -13.19 -4.04
CA ILE C 66 -27.82 -13.24 -4.79
C ILE C 66 -28.12 -13.71 -6.21
N SER C 67 -27.48 -13.07 -7.18
CA SER C 67 -27.72 -13.37 -8.59
C SER C 67 -26.80 -14.49 -9.06
N HIS C 68 -27.05 -14.95 -10.30
CA HIS C 68 -26.25 -16.02 -10.88
C HIS C 68 -24.85 -15.55 -11.19
N ARG C 69 -24.71 -14.38 -11.82
CA ARG C 69 -23.39 -13.86 -12.15
C ARG C 69 -22.61 -13.47 -10.90
N ALA C 70 -23.29 -13.02 -9.85
CA ALA C 70 -22.60 -12.75 -8.59
C ALA C 70 -22.01 -14.03 -8.01
N VAL C 71 -22.77 -15.13 -8.05
CA VAL C 71 -22.26 -16.42 -7.59
C VAL C 71 -21.07 -16.85 -8.43
N GLU C 72 -21.16 -16.67 -9.75
CA GLU C 72 -20.04 -17.05 -10.62
C GLU C 72 -18.80 -16.22 -10.30
N LEU C 73 -18.98 -14.91 -10.07
CA LEU C 73 -17.84 -14.05 -9.73
C LEU C 73 -17.21 -14.46 -8.41
N LEU C 74 -18.03 -14.74 -7.40
CA LEU C 74 -17.50 -15.15 -6.10
C LEU C 74 -16.77 -16.48 -6.21
N GLY C 75 -17.30 -17.41 -7.01
CA GLY C 75 -16.59 -18.65 -7.23
C GLY C 75 -15.28 -18.46 -7.97
N ASP C 76 -15.25 -17.51 -8.91
CA ASP C 76 -14.02 -17.21 -9.63
C ASP C 76 -12.96 -16.65 -8.70
N THR C 77 -13.36 -15.78 -7.77
CA THR C 77 -12.42 -15.21 -6.81
C THR C 77 -12.03 -16.18 -5.71
N GLY C 78 -12.48 -17.42 -5.76
CA GLY C 78 -12.19 -18.39 -4.73
C GLY C 78 -12.99 -18.22 -3.46
N THR C 79 -13.86 -17.22 -3.40
CA THR C 79 -14.68 -16.99 -2.21
C THR C 79 -15.81 -18.01 -2.15
N ALA C 80 -15.97 -18.64 -0.99
CA ALA C 80 -17.03 -19.62 -0.80
C ALA C 80 -18.31 -18.94 -0.34
N LEU C 81 -19.44 -19.55 -0.68
CA LEU C 81 -20.75 -19.03 -0.35
C LEU C 81 -21.42 -19.96 0.65
N VAL C 82 -21.81 -19.42 1.80
CA VAL C 82 -22.52 -20.17 2.82
C VAL C 82 -23.73 -19.34 3.26
N TRP C 83 -24.92 -19.93 3.14
CA TRP C 83 -26.16 -19.26 3.55
C TRP C 83 -26.34 -19.47 5.05
N VAL C 84 -25.79 -18.55 5.84
CA VAL C 84 -25.81 -18.69 7.30
C VAL C 84 -27.09 -18.00 7.77
N GLY C 85 -28.18 -18.74 7.72
CA GLY C 85 -29.44 -18.27 8.25
C GLY C 85 -29.52 -18.53 9.74
N GLU C 86 -30.75 -18.48 10.25
CA GLU C 86 -30.98 -18.86 11.64
C GLU C 86 -30.82 -20.38 11.78
N GLN C 87 -30.85 -20.83 13.03
CA GLN C 87 -30.54 -22.22 13.41
C GLN C 87 -29.39 -22.81 12.59
N GLY C 88 -28.31 -22.04 12.50
CA GLY C 88 -27.06 -22.53 11.95
C GLY C 88 -26.94 -22.39 10.44
N VAL C 89 -25.91 -23.05 9.91
CA VAL C 89 -25.64 -23.02 8.48
C VAL C 89 -26.79 -23.72 7.74
N ARG C 90 -27.27 -23.09 6.68
CA ARG C 90 -28.37 -23.64 5.89
C ARG C 90 -27.93 -24.25 4.57
N TYR C 91 -26.85 -23.75 3.96
CA TYR C 91 -26.41 -24.30 2.69
C TYR C 91 -24.95 -23.91 2.45
N TYR C 92 -24.32 -24.63 1.53
CA TYR C 92 -22.95 -24.38 1.11
C TYR C 92 -22.92 -24.19 -0.40
N ALA C 93 -21.93 -23.45 -0.88
CA ALA C 93 -21.72 -23.28 -2.31
C ALA C 93 -20.31 -22.78 -2.55
N SER C 94 -19.72 -23.25 -3.65
CA SER C 94 -18.38 -22.83 -4.04
C SER C 94 -18.18 -23.19 -5.51
N GLY C 95 -17.27 -22.47 -6.15
CA GLY C 95 -16.92 -22.71 -7.53
C GLY C 95 -15.78 -23.70 -7.63
N ARG C 96 -15.11 -23.68 -8.79
CA ARG C 96 -13.95 -24.53 -8.99
C ARG C 96 -12.86 -24.19 -7.99
N ALA C 97 -12.17 -25.22 -7.51
CA ALA C 97 -11.04 -25.00 -6.61
C ALA C 97 -9.94 -24.25 -7.35
N LEU C 98 -9.38 -23.24 -6.69
CA LEU C 98 -8.27 -22.48 -7.26
C LEU C 98 -6.93 -23.17 -7.08
N ALA C 99 -6.93 -24.45 -6.70
CA ALA C 99 -5.74 -25.28 -6.66
C ALA C 99 -5.85 -26.30 -7.78
N ARG C 100 -4.93 -26.23 -8.74
CA ARG C 100 -4.99 -27.10 -9.91
C ARG C 100 -4.35 -28.46 -9.66
N SER C 101 -3.78 -28.69 -8.49
CA SER C 101 -3.16 -29.97 -8.14
C SER C 101 -4.05 -30.70 -7.15
N THR C 102 -4.28 -31.99 -7.41
CA THR C 102 -5.14 -32.81 -6.57
C THR C 102 -4.35 -33.69 -5.61
N ARG C 103 -3.08 -33.36 -5.38
CA ARG C 103 -2.24 -34.17 -4.49
C ARG C 103 -2.85 -34.25 -3.10
N PHE C 104 -3.33 -33.13 -2.57
CA PHE C 104 -4.00 -33.13 -1.27
C PHE C 104 -5.23 -34.03 -1.30
N LEU C 105 -6.05 -33.89 -2.36
CA LEU C 105 -7.26 -34.69 -2.45
C LEU C 105 -6.94 -36.17 -2.62
N VAL C 106 -5.93 -36.50 -3.42
CA VAL C 106 -5.54 -37.89 -3.61
C VAL C 106 -5.07 -38.49 -2.29
N LYS C 107 -4.25 -37.75 -1.55
CA LYS C 107 -3.79 -38.25 -0.26
C LYS C 107 -4.95 -38.42 0.71
N GLN C 108 -5.88 -37.47 0.73
CA GLN C 108 -7.04 -37.57 1.62
C GLN C 108 -7.88 -38.79 1.27
N ALA C 109 -8.10 -39.05 -0.01
CA ALA C 109 -8.87 -40.22 -0.42
C ALA C 109 -8.15 -41.51 -0.04
N GLU C 110 -6.84 -41.57 -0.28
CA GLU C 110 -6.09 -42.77 0.07
C GLU C 110 -6.11 -43.02 1.57
N LEU C 111 -6.12 -41.95 2.38
CA LEU C 111 -6.18 -42.13 3.82
C LEU C 111 -7.57 -42.55 4.28
N VAL C 112 -8.63 -41.97 3.71
CA VAL C 112 -9.97 -42.27 4.20
C VAL C 112 -10.40 -43.68 3.78
N THR C 113 -10.01 -44.13 2.58
CA THR C 113 -10.43 -45.46 2.14
C THR C 113 -9.77 -46.55 2.97
N ASN C 114 -8.49 -46.42 3.28
CA ASN C 114 -7.81 -47.42 4.09
C ASN C 114 -8.25 -47.30 5.55
N GLU C 115 -8.71 -48.42 6.12
CA GLU C 115 -9.26 -48.38 7.47
C GLU C 115 -8.21 -48.03 8.50
N ARG C 116 -7.01 -48.62 8.39
CA ARG C 116 -5.93 -48.28 9.32
C ARG C 116 -5.51 -46.83 9.16
N SER C 117 -5.39 -46.36 7.92
CA SER C 117 -5.03 -44.96 7.68
C SER C 117 -6.10 -44.02 8.21
N ARG C 118 -7.38 -44.36 8.00
CA ARG C 118 -8.46 -43.53 8.52
C ARG C 118 -8.44 -43.47 10.03
N LEU C 119 -8.22 -44.61 10.69
CA LEU C 119 -8.14 -44.62 12.14
C LEU C 119 -6.95 -43.80 12.64
N ARG C 120 -5.81 -43.90 11.95
CA ARG C 120 -4.64 -43.12 12.33
C ARG C 120 -4.91 -41.62 12.18
N VAL C 121 -5.58 -41.23 11.10
CA VAL C 121 -5.89 -39.82 10.89
C VAL C 121 -6.86 -39.31 11.96
N ALA C 122 -7.87 -40.11 12.30
CA ALA C 122 -8.79 -39.72 13.35
C ALA C 122 -8.07 -39.58 14.69
N ARG C 123 -7.13 -40.50 14.98
CA ARG C 123 -6.34 -40.39 16.19
C ARG C 123 -5.49 -39.12 16.18
N ARG C 124 -4.93 -38.77 15.02
CA ARG C 124 -4.15 -37.53 14.93
C ARG C 124 -5.03 -36.32 15.20
N MET C 125 -6.25 -36.28 14.64
CA MET C 125 -7.15 -35.17 14.92
C MET C 125 -7.49 -35.10 16.40
N TYR C 126 -7.77 -36.24 17.02
CA TYR C 126 -8.07 -36.23 18.45
C TYR C 126 -6.88 -35.76 19.27
N GLN C 127 -5.67 -36.18 18.91
CA GLN C 127 -4.47 -35.73 19.60
C GLN C 127 -4.30 -34.23 19.44
N MET C 128 -4.56 -33.70 18.25
CA MET C 128 -4.45 -32.26 18.02
C MET C 128 -5.46 -31.49 18.87
N ARG C 129 -6.68 -32.02 19.00
CA ARG C 129 -7.66 -31.38 19.86
C ARG C 129 -7.25 -31.42 21.33
N PHE C 130 -6.71 -32.56 21.78
CA PHE C 130 -6.31 -32.75 23.18
C PHE C 130 -4.87 -33.25 23.21
N PRO C 131 -3.89 -32.35 23.20
CA PRO C 131 -2.48 -32.79 23.10
C PRO C 131 -1.96 -33.51 24.33
N THR C 132 -2.53 -33.27 25.51
CA THR C 132 -1.96 -33.83 26.73
C THR C 132 -2.17 -35.34 26.81
N GLU C 133 -3.31 -35.83 26.32
CA GLU C 133 -3.68 -37.22 26.49
C GLU C 133 -2.93 -38.11 25.49
N ASP C 134 -3.12 -39.42 25.64
CA ASP C 134 -2.59 -40.42 24.72
C ASP C 134 -3.72 -41.34 24.30
N VAL C 135 -3.89 -41.50 22.98
CA VAL C 135 -5.02 -42.26 22.45
C VAL C 135 -4.54 -43.33 21.49
N SER C 136 -3.34 -43.85 21.73
CA SER C 136 -2.78 -44.88 20.86
C SER C 136 -3.57 -46.19 20.88
N LYS C 137 -4.47 -46.37 21.84
CA LYS C 137 -5.25 -47.60 21.95
C LYS C 137 -6.76 -47.37 21.87
N LEU C 138 -7.21 -46.13 21.67
CA LEU C 138 -8.63 -45.87 21.57
C LEU C 138 -9.16 -46.25 20.19
N THR C 139 -10.40 -46.75 20.17
CA THR C 139 -11.05 -47.12 18.93
C THR C 139 -11.97 -45.99 18.47
N MET C 140 -12.58 -46.18 17.30
CA MET C 140 -13.35 -45.10 16.67
C MET C 140 -14.55 -44.70 17.52
N GLN C 141 -15.35 -45.68 17.95
CA GLN C 141 -16.51 -45.38 18.79
C GLN C 141 -16.09 -44.77 20.11
N GLN C 142 -15.01 -45.28 20.71
CA GLN C 142 -14.49 -44.67 21.93
C GLN C 142 -14.02 -43.25 21.68
N LEU C 143 -13.40 -43.01 20.51
CA LEU C 143 -12.97 -41.66 20.17
C LEU C 143 -14.15 -40.70 20.10
N ARG C 144 -15.22 -41.13 19.41
CA ARG C 144 -16.40 -40.27 19.30
C ARG C 144 -17.04 -40.01 20.67
N SER C 145 -17.20 -41.05 21.47
CA SER C 145 -17.81 -40.89 22.79
C SER C 145 -16.97 -39.98 23.67
N HIS C 146 -15.65 -40.16 23.66
CA HIS C 146 -14.77 -39.35 24.49
C HIS C 146 -14.74 -37.90 24.04
N GLU C 147 -14.74 -37.67 22.72
CA GLU C 147 -14.77 -36.29 22.23
C GLU C 147 -16.08 -35.61 22.62
N GLY C 148 -17.20 -36.33 22.54
CA GLY C 148 -18.46 -35.76 22.99
C GLY C 148 -18.45 -35.45 24.47
N ALA C 149 -17.93 -36.37 25.28
CA ALA C 149 -17.88 -36.16 26.72
C ALA C 149 -17.03 -34.95 27.09
N ARG C 150 -15.84 -34.82 26.46
CA ARG C 150 -14.98 -33.68 26.77
C ARG C 150 -15.54 -32.38 26.21
N VAL C 151 -16.24 -32.42 25.07
CA VAL C 151 -16.88 -31.21 24.58
C VAL C 151 -17.96 -30.75 25.56
N ARG C 152 -18.76 -31.69 26.07
CA ARG C 152 -19.76 -31.34 27.07
C ARG C 152 -19.12 -30.80 28.35
N ARG C 153 -18.01 -31.41 28.77
CA ARG C 153 -17.30 -30.92 29.96
C ARG C 153 -16.78 -29.50 29.75
N LYS C 154 -16.22 -29.22 28.56
CA LYS C 154 -15.75 -27.88 28.26
C LYS C 154 -16.90 -26.88 28.25
N TYR C 155 -18.04 -27.27 27.68
CA TYR C 155 -19.21 -26.39 27.69
C TYR C 155 -19.65 -26.08 29.11
N ARG C 156 -19.71 -27.11 29.97
CA ARG C 156 -20.11 -26.90 31.36
C ARG C 156 -19.12 -26.00 32.09
N GLU C 157 -17.81 -26.23 31.88
CA GLU C 157 -16.80 -25.41 32.53
C GLU C 157 -16.90 -23.96 32.10
N LEU C 158 -17.07 -23.70 30.80
CA LEU C 158 -17.15 -22.33 30.33
C LEU C 158 -18.45 -21.67 30.74
N SER C 159 -19.53 -22.44 30.89
CA SER C 159 -20.76 -21.88 31.42
C SER C 159 -20.60 -21.50 32.89
N LYS C 160 -19.91 -22.33 33.66
CA LYS C 160 -19.65 -22.01 35.06
C LYS C 160 -18.76 -20.78 35.19
N LYS C 161 -17.76 -20.66 34.31
CA LYS C 161 -16.82 -19.55 34.40
C LYS C 161 -17.51 -18.21 34.20
N TYR C 162 -18.39 -18.11 33.20
CA TYR C 162 -19.07 -16.87 32.87
C TYR C 162 -20.44 -16.74 33.53
N ASN C 163 -20.86 -17.75 34.28
CA ASN C 163 -22.14 -17.73 35.00
C ASN C 163 -23.31 -17.49 34.04
N VAL C 164 -23.48 -18.41 33.11
CA VAL C 164 -24.57 -18.36 32.14
C VAL C 164 -25.31 -19.69 32.16
N PRO C 165 -26.64 -19.70 32.04
CA PRO C 165 -27.40 -20.96 32.09
C PRO C 165 -27.28 -21.71 30.77
N TRP C 166 -26.68 -22.90 30.82
CA TRP C 166 -26.58 -23.77 29.66
C TRP C 166 -27.33 -25.07 29.95
N LYS C 167 -28.19 -25.48 29.03
CA LYS C 167 -29.04 -26.65 29.25
C LYS C 167 -28.40 -27.94 28.74
N LYS C 168 -27.14 -28.16 29.13
CA LYS C 168 -26.43 -29.41 28.87
C LYS C 168 -26.54 -29.85 27.41
N ARG C 169 -26.32 -28.91 26.50
CA ARG C 169 -26.47 -29.14 25.08
C ARG C 169 -25.14 -28.92 24.37
N VAL C 170 -25.00 -29.56 23.21
CA VAL C 170 -23.82 -29.43 22.36
C VAL C 170 -24.28 -28.93 20.99
N TYR C 171 -23.52 -27.98 20.43
CA TYR C 171 -23.84 -27.45 19.13
C TYR C 171 -23.67 -28.53 18.07
N ASN C 172 -24.61 -28.56 17.13
CA ASN C 172 -24.59 -29.52 16.04
C ASN C 172 -25.18 -28.87 14.79
N PRO C 173 -24.44 -28.80 13.68
CA PRO C 173 -24.98 -28.12 12.48
C PRO C 173 -26.25 -28.76 11.95
N ASP C 174 -26.55 -30.00 12.33
CA ASP C 174 -27.78 -30.67 11.91
C ASP C 174 -28.90 -30.30 12.87
N ASP C 175 -29.66 -29.27 12.51
CA ASP C 175 -30.89 -28.89 13.20
C ASP C 175 -30.64 -28.53 14.67
N PHE C 176 -29.88 -27.46 14.87
CA PHE C 176 -29.68 -26.87 16.19
C PHE C 176 -30.33 -25.48 16.20
N ALA C 177 -31.31 -25.29 17.08
CA ALA C 177 -32.04 -24.04 17.16
C ALA C 177 -32.01 -23.53 18.60
N GLY C 178 -32.07 -22.21 18.74
CA GLY C 178 -32.05 -21.59 20.05
C GLY C 178 -32.54 -20.15 19.98
N GLY C 179 -32.95 -19.65 21.15
CA GLY C 179 -33.44 -18.29 21.24
C GLY C 179 -32.69 -17.46 22.27
N ASP C 180 -31.97 -18.14 23.16
CA ASP C 180 -31.19 -17.43 24.17
C ASP C 180 -30.01 -16.70 23.51
N PRO C 181 -29.56 -15.59 24.10
CA PRO C 181 -28.38 -14.90 23.53
C PRO C 181 -27.15 -15.78 23.48
N ILE C 182 -26.98 -16.68 24.44
CA ILE C 182 -25.86 -17.62 24.38
C ILE C 182 -25.99 -18.52 23.16
N ASN C 183 -27.20 -19.00 22.87
CA ASN C 183 -27.42 -19.82 21.69
C ASN C 183 -27.12 -19.05 20.41
N GLN C 184 -27.56 -17.78 20.35
CA GLN C 184 -27.30 -16.97 19.18
C GLN C 184 -25.81 -16.73 18.97
N ALA C 185 -25.08 -16.43 20.05
CA ALA C 185 -23.64 -16.22 19.94
C ALA C 185 -22.92 -17.49 19.51
N LEU C 186 -23.31 -18.62 20.10
CA LEU C 186 -22.72 -19.90 19.71
C LEU C 186 -22.98 -20.19 18.23
N SER C 187 -24.21 -19.98 17.78
CA SER C 187 -24.56 -20.22 16.39
C SER C 187 -23.75 -19.32 15.46
N ALA C 188 -23.62 -18.03 15.81
CA ALA C 188 -22.88 -17.11 14.95
C ALA C 188 -21.41 -17.50 14.84
N ALA C 189 -20.77 -17.76 15.99
CA ALA C 189 -19.37 -18.15 15.96
C ALA C 189 -19.17 -19.44 15.18
N HIS C 190 -20.07 -20.42 15.38
CA HIS C 190 -19.91 -21.70 14.72
C HIS C 190 -20.15 -21.59 13.22
N VAL C 191 -21.12 -20.79 12.80
CA VAL C 191 -21.37 -20.67 11.36
C VAL C 191 -20.21 -19.95 10.69
N ALA C 192 -19.64 -18.95 11.36
CA ALA C 192 -18.44 -18.31 10.81
C ALA C 192 -17.30 -19.32 10.68
N LEU C 193 -17.10 -20.15 11.70
CA LEU C 193 -16.04 -21.15 11.64
C LEU C 193 -16.28 -22.16 10.52
N TYR C 194 -17.52 -22.62 10.37
CA TYR C 194 -17.83 -23.61 9.34
C TYR C 194 -17.67 -23.01 7.95
N GLY C 195 -18.08 -21.75 7.78
CA GLY C 195 -17.85 -21.09 6.50
C GLY C 195 -16.37 -20.97 6.17
N LEU C 196 -15.57 -20.59 7.17
CA LEU C 196 -14.13 -20.49 6.94
C LEU C 196 -13.53 -21.85 6.60
N VAL C 197 -13.93 -22.90 7.30
CA VAL C 197 -13.40 -24.24 7.04
C VAL C 197 -13.80 -24.70 5.65
N HIS C 198 -15.06 -24.47 5.27
CA HIS C 198 -15.52 -24.85 3.94
C HIS C 198 -14.75 -24.10 2.86
N SER C 199 -14.50 -22.80 3.08
CA SER C 199 -13.72 -22.03 2.13
C SER C 199 -12.30 -22.58 1.99
N VAL C 200 -11.66 -22.89 3.12
CA VAL C 200 -10.29 -23.41 3.08
C VAL C 200 -10.25 -24.74 2.35
N VAL C 201 -11.18 -25.63 2.67
CA VAL C 201 -11.20 -26.96 2.07
C VAL C 201 -11.46 -26.87 0.57
N ALA C 202 -12.43 -26.04 0.17
CA ALA C 202 -12.70 -25.87 -1.26
C ALA C 202 -11.52 -25.22 -1.97
N ALA C 203 -10.75 -24.37 -1.27
CA ALA C 203 -9.59 -23.73 -1.87
C ALA C 203 -8.43 -24.69 -2.04
N LEU C 204 -8.24 -25.61 -1.10
CA LEU C 204 -7.13 -26.55 -1.17
C LEU C 204 -7.41 -27.74 -2.08
N GLY C 205 -8.63 -27.88 -2.58
CA GLY C 205 -8.99 -29.00 -3.43
C GLY C 205 -9.48 -30.23 -2.69
N LEU C 206 -9.49 -30.21 -1.36
CA LEU C 206 -9.94 -31.34 -0.58
C LEU C 206 -11.45 -31.55 -0.76
N SER C 207 -11.86 -32.80 -0.72
CA SER C 207 -13.28 -33.12 -0.82
C SER C 207 -13.96 -32.92 0.52
N PRO C 208 -15.02 -32.11 0.60
CA PRO C 208 -15.73 -31.94 1.88
C PRO C 208 -16.42 -33.21 2.37
N GLY C 209 -16.67 -34.18 1.51
CA GLY C 209 -17.37 -35.38 1.91
C GLY C 209 -16.47 -36.49 2.41
N LEU C 210 -15.19 -36.43 2.07
CA LEU C 210 -14.24 -37.47 2.44
C LEU C 210 -13.74 -37.24 3.87
N GLY C 211 -14.67 -37.37 4.82
CA GLY C 211 -14.34 -37.20 6.21
C GLY C 211 -13.86 -38.47 6.88
N PHE C 212 -13.22 -38.31 8.03
CA PHE C 212 -12.70 -39.43 8.81
C PHE C 212 -13.44 -39.64 10.13
N VAL C 213 -13.77 -38.56 10.84
CA VAL C 213 -14.55 -38.68 12.07
C VAL C 213 -16.04 -38.65 11.78
N HIS C 214 -16.49 -37.70 10.97
CA HIS C 214 -17.88 -37.63 10.56
C HIS C 214 -18.08 -38.35 9.22
N THR C 215 -19.22 -39.02 9.09
CA THR C 215 -19.59 -39.70 7.86
C THR C 215 -21.09 -39.50 7.62
N GLY C 216 -21.52 -39.77 6.40
CA GLY C 216 -22.93 -39.81 6.07
C GLY C 216 -23.47 -38.60 5.33
N HIS C 217 -22.64 -37.60 5.05
CA HIS C 217 -23.09 -36.44 4.29
C HIS C 217 -21.92 -35.88 3.49
N ASP C 218 -22.21 -34.89 2.66
CA ASP C 218 -21.22 -34.30 1.76
C ASP C 218 -20.32 -33.28 2.45
N ARG C 219 -20.62 -32.90 3.69
CA ARG C 219 -19.82 -31.92 4.43
C ARG C 219 -19.22 -32.52 5.68
N SER C 220 -18.92 -33.82 5.65
CA SER C 220 -18.37 -34.49 6.83
C SER C 220 -16.95 -34.04 7.13
N PHE C 221 -16.13 -33.88 6.09
CA PHE C 221 -14.77 -33.40 6.31
C PHE C 221 -14.76 -31.96 6.81
N ILE C 222 -15.74 -31.16 6.39
CA ILE C 222 -15.86 -29.81 6.92
C ILE C 222 -16.08 -29.86 8.43
N TYR C 223 -16.97 -30.76 8.88
CA TYR C 223 -17.21 -30.89 10.31
C TYR C 223 -15.96 -31.39 11.03
N ASP C 224 -15.25 -32.35 10.41
CA ASP C 224 -14.04 -32.87 11.02
C ASP C 224 -12.98 -31.78 11.21
N VAL C 225 -12.78 -30.96 10.18
CA VAL C 225 -11.78 -29.90 10.28
C VAL C 225 -12.23 -28.82 11.26
N ALA C 226 -13.52 -28.51 11.28
CA ALA C 226 -14.01 -27.45 12.18
C ALA C 226 -14.04 -27.89 13.63
N ASP C 227 -14.11 -29.20 13.90
CA ASP C 227 -14.07 -29.66 15.29
C ASP C 227 -12.70 -29.45 15.91
N LEU C 228 -11.65 -29.34 15.09
CA LEU C 228 -10.32 -29.09 15.61
C LEU C 228 -10.22 -27.73 16.30
N TYR C 229 -11.12 -26.80 15.97
CA TYR C 229 -11.04 -25.45 16.50
C TYR C 229 -12.33 -24.95 17.14
N LYS C 230 -13.44 -25.71 17.04
CA LYS C 230 -14.70 -25.21 17.58
C LYS C 230 -14.64 -25.06 19.09
N ALA C 231 -13.91 -25.94 19.77
CA ALA C 231 -13.84 -25.88 21.23
C ALA C 231 -12.81 -24.88 21.72
N GLU C 232 -11.81 -24.57 20.90
CA GLU C 232 -10.72 -23.71 21.33
C GLU C 232 -10.96 -22.23 21.01
N ILE C 233 -11.85 -21.93 20.06
CA ILE C 233 -12.19 -20.54 19.77
C ILE C 233 -13.68 -20.27 19.92
N THR C 234 -14.51 -20.96 19.12
CA THR C 234 -15.91 -20.55 18.98
C THR C 234 -16.65 -20.62 20.31
N VAL C 235 -16.41 -21.67 21.08
CA VAL C 235 -17.13 -21.87 22.35
C VAL C 235 -16.71 -20.81 23.38
N PRO C 236 -15.42 -20.65 23.70
CA PRO C 236 -15.06 -19.60 24.68
C PRO C 236 -15.45 -18.20 24.25
N ILE C 237 -15.28 -17.87 22.96
CA ILE C 237 -15.61 -16.54 22.49
C ILE C 237 -17.12 -16.32 22.53
N ALA C 238 -17.91 -17.33 22.17
CA ALA C 238 -19.36 -17.20 22.24
C ALA C 238 -19.82 -17.04 23.68
N PHE C 239 -19.20 -17.78 24.61
CA PHE C 239 -19.56 -17.62 26.02
C PHE C 239 -19.20 -16.22 26.52
N ALA C 240 -18.04 -15.71 26.12
CA ALA C 240 -17.65 -14.35 26.50
C ALA C 240 -18.63 -13.32 25.93
N VAL C 241 -19.07 -13.53 24.68
CA VAL C 241 -20.04 -12.63 24.08
C VAL C 241 -21.36 -12.67 24.85
N ALA C 242 -21.82 -13.86 25.20
CA ALA C 242 -23.06 -13.99 25.95
C ALA C 242 -22.97 -13.32 27.31
N ALA C 243 -21.83 -13.48 28.00
CA ALA C 243 -21.65 -12.82 29.28
C ALA C 243 -21.61 -11.30 29.13
N GLU C 244 -20.92 -10.81 28.09
CA GLU C 244 -20.78 -9.37 27.90
C GLU C 244 -22.04 -8.72 27.36
N ALA C 245 -22.89 -9.48 26.66
CA ALA C 245 -24.07 -8.90 26.01
C ALA C 245 -25.02 -8.32 27.04
N GLU C 246 -25.56 -7.15 26.74
CA GLU C 246 -26.51 -6.45 27.59
C GLU C 246 -27.87 -6.39 26.92
N GLU C 247 -28.80 -5.70 27.58
CA GLU C 247 -30.15 -5.56 27.04
C GLU C 247 -30.14 -4.69 25.79
N GLY C 248 -30.92 -5.10 24.79
CA GLY C 248 -31.04 -4.33 23.56
C GLY C 248 -29.78 -4.26 22.73
N GLN C 249 -29.01 -5.34 22.67
CA GLN C 249 -27.78 -5.41 21.89
C GLN C 249 -27.88 -6.56 20.90
N ASP C 250 -27.43 -6.32 19.67
CA ASP C 250 -27.43 -7.36 18.65
C ASP C 250 -26.38 -8.40 18.99
N ILE C 251 -26.83 -9.60 19.39
CA ILE C 251 -25.90 -10.64 19.80
C ILE C 251 -25.06 -11.11 18.62
N GLY C 252 -25.68 -11.23 17.45
CA GLY C 252 -24.95 -11.75 16.29
C GLY C 252 -23.81 -10.83 15.85
N GLN C 253 -24.05 -9.52 15.86
CA GLN C 253 -23.04 -8.57 15.41
C GLN C 253 -21.79 -8.66 16.27
N LEU C 254 -21.95 -8.55 17.59
CA LEU C 254 -20.80 -8.58 18.49
C LEU C 254 -20.19 -9.97 18.53
N ALA C 255 -21.01 -11.02 18.40
CA ALA C 255 -20.48 -12.38 18.36
C ALA C 255 -19.57 -12.58 17.15
N ARG C 256 -19.99 -12.11 15.97
CA ARG C 256 -19.14 -12.23 14.79
C ARG C 256 -17.91 -11.33 14.89
N LEU C 257 -18.06 -10.15 15.49
CA LEU C 257 -16.92 -9.27 15.68
C LEU C 257 -15.85 -9.94 16.54
N ARG C 258 -16.26 -10.51 17.68
CA ARG C 258 -15.31 -11.19 18.54
C ARG C 258 -14.81 -12.49 17.91
N THR C 259 -15.63 -13.15 17.10
CA THR C 259 -15.16 -14.34 16.39
C THR C 259 -14.05 -13.98 15.41
N ARG C 260 -14.21 -12.89 14.67
CA ARG C 260 -13.13 -12.44 13.79
C ARG C 260 -11.90 -12.03 14.58
N ASP C 261 -12.10 -11.36 15.72
CA ASP C 261 -10.95 -10.99 16.54
C ASP C 261 -10.17 -12.21 17.00
N ALA C 262 -10.89 -13.25 17.44
CA ALA C 262 -10.22 -14.48 17.89
C ALA C 262 -9.59 -15.22 16.73
N PHE C 263 -10.22 -15.19 15.55
CA PHE C 263 -9.62 -15.81 14.38
C PHE C 263 -8.32 -15.13 14.00
N VAL C 264 -8.28 -13.80 14.07
CA VAL C 264 -7.05 -13.07 13.75
C VAL C 264 -5.99 -13.34 14.81
N ASP C 265 -6.36 -13.25 16.09
CA ASP C 265 -5.39 -13.45 17.15
C ASP C 265 -4.86 -14.88 17.17
N GLY C 266 -5.74 -15.85 16.94
CA GLY C 266 -5.34 -17.25 16.92
C GLY C 266 -4.67 -17.70 15.64
N LYS C 267 -4.62 -16.85 14.62
CA LYS C 267 -4.04 -17.19 13.32
C LYS C 267 -4.69 -18.45 12.75
N ILE C 268 -6.03 -18.49 12.81
CA ILE C 268 -6.77 -19.69 12.49
C ILE C 268 -6.58 -20.12 11.04
N LEU C 269 -6.31 -19.18 10.14
CA LEU C 269 -6.29 -19.51 8.72
C LEU C 269 -4.99 -20.24 8.35
N LYS C 270 -3.85 -19.65 8.71
CA LYS C 270 -2.57 -20.32 8.50
C LYS C 270 -2.48 -21.59 9.34
N ARG C 271 -3.02 -21.55 10.57
CA ARG C 271 -3.03 -22.74 11.41
C ARG C 271 -3.83 -23.86 10.76
N MET C 272 -4.99 -23.53 10.18
CA MET C 272 -5.80 -24.54 9.50
C MET C 272 -5.09 -25.10 8.29
N VAL C 273 -4.42 -24.24 7.51
CA VAL C 273 -3.68 -24.74 6.36
C VAL C 273 -2.58 -25.70 6.79
N LYS C 274 -1.83 -25.34 7.83
CA LYS C 274 -0.75 -26.22 8.31
C LYS C 274 -1.30 -27.49 8.94
N ASP C 275 -2.44 -27.40 9.63
CA ASP C 275 -3.03 -28.59 10.22
C ASP C 275 -3.52 -29.56 9.16
N LEU C 276 -4.08 -29.03 8.07
CA LEU C 276 -4.46 -29.90 6.95
C LEU C 276 -3.23 -30.46 6.26
N GLN C 277 -2.13 -29.71 6.22
CA GLN C 277 -0.88 -30.24 5.69
C GLN C 277 -0.41 -31.44 6.51
N THR C 278 -0.38 -31.31 7.84
CA THR C 278 0.16 -32.36 8.69
C THR C 278 -0.80 -33.52 8.88
N LEU C 279 -2.11 -33.27 8.83
CA LEU C 279 -3.08 -34.34 9.05
C LEU C 279 -3.05 -35.38 7.94
N LEU C 280 -2.79 -34.96 6.71
CA LEU C 280 -2.73 -35.87 5.58
C LEU C 280 -1.35 -36.49 5.40
N GLU C 281 -0.43 -36.24 6.32
CA GLU C 281 0.93 -36.80 6.28
C GLU C 281 1.63 -36.46 4.97
N ILE C 282 1.46 -35.22 4.53
CA ILE C 282 2.08 -34.73 3.29
C ILE C 282 3.35 -33.96 3.69
N PRO C 283 4.54 -34.43 3.31
CA PRO C 283 5.75 -33.67 3.59
C PRO C 283 5.79 -32.36 2.81
N GLU C 284 6.47 -31.38 3.36
CA GLU C 284 6.60 -30.08 2.70
C GLU C 284 7.38 -30.22 1.40
N GLU C 285 6.87 -29.59 0.36
CA GLU C 285 7.51 -29.65 -0.96
C GLU C 285 7.66 -28.26 -1.56
N GLU C 291 3.10 -29.67 -15.69
CA GLU C 291 1.64 -29.66 -15.72
C GLU C 291 1.05 -30.58 -14.66
N PRO C 292 0.10 -30.08 -13.89
CA PRO C 292 -0.54 -30.94 -12.88
C PRO C 292 -1.22 -32.16 -13.47
N LEU C 293 -1.84 -32.03 -14.64
CA LEU C 293 -2.56 -33.14 -15.24
C LEU C 293 -1.61 -34.11 -15.90
N SER C 294 -1.91 -35.40 -15.79
CA SER C 294 -1.14 -36.44 -16.46
C SER C 294 -1.99 -37.70 -16.54
N LEU C 295 -1.62 -38.57 -17.47
CA LEU C 295 -2.28 -39.87 -17.61
C LEU C 295 -1.82 -40.81 -16.51
N TRP C 296 -2.53 -41.93 -16.37
CA TRP C 296 -2.20 -42.93 -15.37
C TRP C 296 -1.74 -44.22 -16.04
N ASP C 297 -0.74 -44.85 -15.45
CA ASP C 297 -0.21 -46.11 -15.97
C ASP C 297 0.31 -46.93 -14.80
N ASP C 298 0.46 -48.24 -15.04
CA ASP C 298 0.98 -49.13 -13.99
C ASP C 298 2.50 -49.14 -13.97
N LYS C 299 3.12 -49.38 -15.12
CA LYS C 299 4.58 -49.50 -15.17
C LYS C 299 5.25 -48.14 -15.02
N GLU C 300 4.75 -47.13 -15.72
CA GLU C 300 5.41 -45.83 -15.79
C GLU C 300 4.76 -44.77 -14.90
N LYS C 301 3.76 -45.14 -14.10
CA LYS C 301 3.03 -44.22 -13.23
C LYS C 301 2.44 -43.12 -14.12
N LEU C 302 2.80 -41.85 -13.93
CA LEU C 302 2.22 -40.78 -14.72
C LEU C 302 2.77 -40.79 -16.14
N VAL C 303 1.90 -40.41 -17.08
CA VAL C 303 2.25 -40.32 -18.50
C VAL C 303 1.82 -38.94 -18.99
N PRO C 304 2.64 -38.24 -19.78
CA PRO C 304 2.25 -36.90 -20.24
C PRO C 304 0.96 -36.94 -21.06
N TYR C 305 0.13 -35.92 -20.87
CA TYR C 305 -1.16 -35.83 -21.51
C TYR C 305 -1.07 -35.01 -22.81
N GLY C 306 -2.21 -34.86 -23.48
CA GLY C 306 -2.26 -34.03 -24.67
C GLY C 306 -1.40 -34.54 -25.81
N VAL C 307 -1.12 -35.84 -25.83
CA VAL C 307 -0.30 -36.45 -26.88
C VAL C 307 -1.07 -37.61 -27.49
N ASN C 308 -0.93 -37.78 -28.80
CA ASN C 308 -1.63 -38.82 -29.54
C ASN C 308 -0.67 -39.98 -29.79
N TYR C 309 -1.07 -41.18 -29.39
CA TYR C 309 -0.26 -42.38 -29.53
C TYR C 309 -0.71 -43.12 -30.78
N SER C 310 0.01 -42.90 -31.88
CA SER C 310 -0.29 -43.60 -33.12
C SER C 310 0.29 -45.01 -33.10
N GLU C 311 -0.20 -45.83 -34.02
CA GLU C 311 0.22 -47.22 -34.16
C GLU C 311 0.05 -47.99 -32.85
N MET D 1 7.58 3.00 8.85
CA MET D 1 6.56 4.02 8.71
C MET D 1 5.51 3.59 7.68
N PRO D 2 4.26 3.42 8.12
CA PRO D 2 3.21 2.97 7.22
C PRO D 2 2.88 4.03 6.18
N MET D 3 2.37 3.57 5.03
CA MET D 3 1.97 4.46 3.96
C MET D 3 0.58 5.02 4.24
N THR D 4 0.40 6.30 3.92
CA THR D 4 -0.85 7.01 4.16
C THR D 4 -1.29 7.71 2.89
N VAL D 5 -2.59 7.68 2.61
CA VAL D 5 -3.17 8.28 1.42
C VAL D 5 -4.33 9.17 1.82
N ILE D 6 -4.32 10.41 1.34
CA ILE D 6 -5.39 11.37 1.59
C ILE D 6 -5.94 11.82 0.25
N THR D 7 -7.27 11.81 0.12
CA THR D 7 -7.95 12.26 -1.09
C THR D 7 -8.74 13.53 -0.79
N LEU D 8 -8.54 14.55 -1.61
CA LEU D 8 -9.22 15.83 -1.46
C LEU D 8 -9.96 16.18 -2.74
N LYS D 9 -11.12 16.82 -2.59
CA LYS D 9 -11.77 17.48 -3.72
C LYS D 9 -12.72 18.54 -3.19
N ASN D 10 -12.91 19.58 -3.99
CA ASN D 10 -13.71 20.75 -3.60
C ASN D 10 -13.15 21.38 -2.33
N VAL D 11 -11.85 21.61 -2.33
CA VAL D 11 -11.14 22.19 -1.18
C VAL D 11 -10.36 23.40 -1.65
N PRO D 12 -10.04 24.32 -0.75
CA PRO D 12 -9.27 25.51 -1.15
C PRO D 12 -7.90 25.13 -1.70
N GLN D 13 -7.43 25.95 -2.64
CA GLN D 13 -6.13 25.69 -3.27
C GLN D 13 -5.00 25.73 -2.25
N SER D 14 -5.19 26.47 -1.15
CA SER D 14 -4.17 26.53 -0.11
C SER D 14 -3.88 25.16 0.46
N LEU D 15 -4.94 24.39 0.78
CA LEU D 15 -4.75 23.03 1.29
C LEU D 15 -4.16 22.12 0.21
N ARG D 16 -4.58 22.30 -1.04
CA ARG D 16 -4.08 21.47 -2.13
C ARG D 16 -2.58 21.63 -2.29
N GLY D 17 -2.07 22.86 -2.16
CA GLY D 17 -0.64 23.04 -2.20
C GLY D 17 0.05 22.70 -0.89
N ASP D 18 -0.66 22.84 0.24
CA ASP D 18 -0.03 22.62 1.53
C ASP D 18 0.24 21.15 1.78
N LEU D 19 -0.69 20.27 1.39
CA LEU D 19 -0.43 18.84 1.56
C LEU D 19 0.72 18.36 0.68
N THR D 20 1.04 19.06 -0.40
CA THR D 20 2.18 18.67 -1.22
C THR D 20 3.51 18.88 -0.51
N ARG D 21 3.53 19.65 0.58
CA ARG D 21 4.74 19.79 1.38
C ARG D 21 5.03 18.55 2.21
N TRP D 22 4.04 17.71 2.45
CA TRP D 22 4.22 16.46 3.19
C TRP D 22 4.17 15.25 2.28
N MET D 23 3.13 15.11 1.46
CA MET D 23 2.93 13.91 0.65
C MET D 23 2.64 14.31 -0.78
N GLN D 24 3.23 13.56 -1.71
CA GLN D 24 3.15 13.89 -3.12
C GLN D 24 1.75 13.64 -3.67
N GLU D 25 1.44 14.30 -4.78
CA GLU D 25 0.13 14.23 -5.42
C GLU D 25 0.27 13.49 -6.74
N ILE D 26 -0.07 12.19 -6.74
CA ILE D 26 0.07 11.38 -7.94
C ILE D 26 -0.95 11.78 -8.99
N ALA D 27 -2.18 12.06 -8.58
CA ALA D 27 -3.23 12.52 -9.47
C ALA D 27 -4.03 13.59 -8.77
N THR D 28 -4.94 14.22 -9.51
CA THR D 28 -5.70 15.35 -8.98
C THR D 28 -6.43 14.98 -7.71
N GLY D 29 -6.03 15.59 -6.60
CA GLY D 29 -6.74 15.45 -5.35
C GLY D 29 -6.41 14.23 -4.53
N VAL D 30 -5.43 13.42 -4.94
CA VAL D 30 -5.03 12.23 -4.20
C VAL D 30 -3.55 12.34 -3.84
N TYR D 31 -3.23 12.03 -2.59
CA TYR D 31 -1.88 12.22 -2.05
C TYR D 31 -1.37 10.92 -1.46
N VAL D 32 -0.07 10.69 -1.56
CA VAL D 32 0.58 9.49 -1.03
C VAL D 32 1.81 9.90 -0.25
N GLY D 33 2.01 9.31 0.93
CA GLY D 33 3.16 9.61 1.75
C GLY D 33 3.39 8.62 2.87
N ASN D 34 4.63 8.52 3.32
CA ASN D 34 5.02 7.59 4.38
C ASN D 34 5.30 8.37 5.66
N PHE D 35 4.43 8.19 6.66
CA PHE D 35 4.55 8.90 7.93
C PHE D 35 4.24 7.95 9.07
N ASN D 36 4.72 8.30 10.25
CA ASN D 36 4.34 7.56 11.44
C ASN D 36 2.96 8.00 11.92
N SER D 37 2.53 7.46 13.05
CA SER D 37 1.20 7.77 13.57
C SER D 37 1.07 9.24 13.93
N ARG D 38 2.10 9.81 14.55
CA ARG D 38 2.02 11.20 15.00
C ARG D 38 1.91 12.16 13.82
N ILE D 39 2.78 11.99 12.81
CA ILE D 39 2.75 12.88 11.66
C ILE D 39 1.44 12.74 10.89
N ARG D 40 0.96 11.51 10.74
CA ARG D 40 -0.31 11.29 10.04
C ARG D 40 -1.47 11.93 10.79
N GLU D 41 -1.49 11.80 12.12
CA GLU D 41 -2.54 12.42 12.92
C GLU D 41 -2.50 13.94 12.80
N TYR D 42 -1.29 14.52 12.84
CA TYR D 42 -1.18 15.97 12.69
C TYR D 42 -1.61 16.42 11.29
N LEU D 43 -1.25 15.66 10.26
CA LEU D 43 -1.67 16.00 8.90
C LEU D 43 -3.18 15.93 8.76
N TRP D 44 -3.82 14.91 9.34
CA TRP D 44 -5.26 14.82 9.27
C TRP D 44 -5.92 15.96 10.03
N ARG D 45 -5.38 16.33 11.20
CA ARG D 45 -5.92 17.45 11.94
C ARG D 45 -5.77 18.75 11.15
N ARG D 46 -4.66 18.91 10.44
CA ARG D 46 -4.47 20.07 9.57
C ARG D 46 -5.50 20.08 8.45
N VAL D 47 -5.77 18.91 7.86
CA VAL D 47 -6.74 18.84 6.77
C VAL D 47 -8.14 19.20 7.27
N GLN D 48 -8.50 18.71 8.46
CA GLN D 48 -9.83 18.98 9.00
C GLN D 48 -10.09 20.48 9.19
N GLU D 49 -9.03 21.26 9.45
CA GLU D 49 -9.18 22.67 9.76
C GLU D 49 -8.81 23.58 8.59
N THR D 50 -8.70 23.01 7.38
CA THR D 50 -8.34 23.80 6.22
C THR D 50 -9.23 23.55 5.00
N MET D 51 -9.88 22.37 4.90
CA MET D 51 -10.71 22.08 3.74
C MET D 51 -11.98 22.92 3.72
N GLY D 52 -12.49 23.30 4.89
CA GLY D 52 -13.71 24.09 4.93
C GLY D 52 -14.88 23.30 4.37
N ALA D 53 -15.53 23.87 3.35
CA ALA D 53 -16.67 23.22 2.71
C ALA D 53 -16.17 22.28 1.61
N GLY D 54 -15.54 21.19 2.06
CA GLY D 54 -14.99 20.19 1.17
C GLY D 54 -15.05 18.83 1.82
N GLU D 55 -14.55 17.83 1.10
CA GLU D 55 -14.58 16.45 1.58
C GLU D 55 -13.18 15.86 1.51
N ALA D 56 -12.83 15.10 2.54
CA ALA D 56 -11.52 14.47 2.64
C ALA D 56 -11.66 13.06 3.20
N SER D 57 -10.92 12.12 2.61
CA SER D 57 -10.88 10.74 3.07
C SER D 57 -9.42 10.29 3.11
N MET D 58 -9.05 9.62 4.18
CA MET D 58 -7.67 9.18 4.39
C MET D 58 -7.60 7.67 4.57
N CYS D 59 -6.61 7.05 3.92
CA CYS D 59 -6.36 5.63 4.04
C CYS D 59 -4.97 5.41 4.62
N PHE D 60 -4.89 4.50 5.59
CA PHE D 60 -3.63 4.21 6.26
C PHE D 60 -3.62 2.75 6.68
N ALA D 61 -2.42 2.22 6.91
CA ALA D 61 -2.28 0.84 7.34
C ALA D 61 -2.82 0.67 8.75
N ALA D 62 -3.50 -0.44 8.99
CA ALA D 62 -4.09 -0.75 10.29
C ALA D 62 -3.77 -2.21 10.63
N ARG D 63 -4.41 -2.71 11.68
CA ARG D 63 -4.14 -4.04 12.20
C ARG D 63 -5.38 -4.93 12.09
N ASN D 64 -6.06 -4.86 10.95
CA ASN D 64 -7.21 -5.71 10.67
C ASN D 64 -6.86 -6.67 9.53
N GLU D 65 -7.83 -7.52 9.18
CA GLU D 65 -7.58 -8.51 8.13
C GLU D 65 -7.30 -7.85 6.79
N LEU D 66 -8.05 -6.82 6.45
CA LEU D 66 -7.78 -6.08 5.22
C LEU D 66 -6.47 -5.29 5.31
N GLY D 67 -5.99 -5.03 6.52
CA GLY D 67 -4.73 -4.34 6.70
C GLY D 67 -4.80 -2.83 6.66
N TYR D 68 -5.99 -2.24 6.57
CA TYR D 68 -6.10 -0.79 6.53
C TYR D 68 -7.43 -0.37 7.15
N ASP D 69 -7.47 0.89 7.57
CA ASP D 69 -8.67 1.51 8.11
C ASP D 69 -8.78 2.91 7.55
N PHE D 70 -10.00 3.45 7.54
CA PHE D 70 -10.31 4.65 6.78
C PHE D 70 -10.86 5.72 7.69
N LEU D 71 -10.43 6.96 7.46
CA LEU D 71 -11.01 8.14 8.11
C LEU D 71 -11.53 9.09 7.04
N THR D 72 -12.80 9.49 7.17
CA THR D 72 -13.44 10.38 6.23
C THR D 72 -14.12 11.51 7.00
N GLU D 73 -14.07 12.72 6.44
CA GLU D 73 -14.73 13.89 7.00
C GLU D 73 -15.59 14.53 5.93
N ASN D 74 -16.91 14.41 6.09
CA ASN D 74 -17.89 14.99 5.17
C ASN D 74 -17.65 14.48 3.75
N ALA D 75 -17.23 13.23 3.64
CA ALA D 75 -16.94 12.63 2.35
C ALA D 75 -18.19 12.06 1.71
N SER D 76 -18.16 11.96 0.38
CA SER D 76 -19.29 11.39 -0.35
C SER D 76 -19.48 9.92 0.00
N ARG D 77 -18.40 9.16 0.06
CA ARG D 77 -18.44 7.74 0.41
C ARG D 77 -18.05 7.58 1.87
N SER D 78 -18.95 7.03 2.67
CA SER D 78 -18.69 6.78 4.08
C SER D 78 -18.00 5.44 4.25
N VAL D 79 -17.74 5.06 5.50
CA VAL D 79 -17.11 3.79 5.84
C VAL D 79 -17.95 3.13 6.93
N ILE D 80 -18.34 1.88 6.71
CA ILE D 80 -19.14 1.14 7.68
C ILE D 80 -18.40 -0.14 8.03
N ASP D 81 -18.73 -0.70 9.19
CA ASP D 81 -18.02 -1.82 9.78
C ASP D 81 -18.78 -3.11 9.52
N TYR D 82 -18.13 -4.06 8.85
CA TYR D 82 -18.65 -5.41 8.66
C TYR D 82 -17.88 -6.36 9.56
N ASP D 83 -18.37 -6.54 10.79
CA ASP D 83 -17.81 -7.49 11.74
C ASP D 83 -16.34 -7.18 12.04
N GLY D 84 -15.99 -5.90 12.03
CA GLY D 84 -14.62 -5.49 12.20
C GLY D 84 -13.83 -5.31 10.92
N LEU D 85 -14.48 -5.42 9.76
CA LEU D 85 -13.81 -5.24 8.48
C LEU D 85 -14.32 -3.96 7.83
N PRO D 86 -13.47 -2.93 7.71
CA PRO D 86 -13.91 -1.65 7.11
C PRO D 86 -14.12 -1.81 5.61
N LEU D 87 -15.36 -1.61 5.16
CA LEU D 87 -15.69 -1.62 3.75
C LEU D 87 -16.37 -0.31 3.37
N ILE D 88 -16.04 0.20 2.20
CA ILE D 88 -16.52 1.51 1.76
C ILE D 88 -18.00 1.41 1.39
N PHE D 89 -18.78 2.35 1.89
CA PHE D 89 -20.21 2.41 1.63
C PHE D 89 -20.50 3.62 0.75
N ILE D 90 -21.14 3.38 -0.39
CA ILE D 90 -21.46 4.44 -1.35
C ILE D 90 -22.96 4.72 -1.25
N PRO D 91 -23.38 5.86 -0.69
CA PRO D 91 -24.81 6.15 -0.62
C PRO D 91 -25.43 6.33 -1.99
N LYS D 92 -26.70 5.98 -2.09
CA LYS D 92 -27.47 6.11 -3.32
C LYS D 92 -28.28 7.40 -3.28
N GLU D 93 -28.19 8.20 -4.34
CA GLU D 93 -28.89 9.47 -4.42
C GLU D 93 -30.40 9.27 -4.40
N ASP E 20 35.52 49.43 8.38
CA ASP E 20 34.65 49.48 9.55
C ASP E 20 33.24 49.91 9.16
N ARG E 21 32.93 49.86 7.87
CA ARG E 21 31.63 50.24 7.33
C ARG E 21 30.90 48.98 6.91
N ALA E 22 29.71 48.77 7.47
CA ALA E 22 28.88 47.61 7.18
C ALA E 22 27.52 48.12 6.70
N THR E 23 27.35 48.22 5.38
CA THR E 23 26.09 48.70 4.84
C THR E 23 25.00 47.66 4.99
N PHE E 24 23.79 48.13 5.30
CA PHE E 24 22.62 47.27 5.46
C PHE E 24 21.63 47.68 4.37
N ILE E 25 21.78 47.09 3.19
CA ILE E 25 20.90 47.41 2.07
C ILE E 25 19.63 46.59 2.18
N TYR E 26 18.48 47.25 2.16
CA TYR E 26 17.18 46.59 2.18
C TYR E 26 16.59 46.63 0.78
N ILE E 27 16.34 45.45 0.22
CA ILE E 27 15.79 45.31 -1.13
C ILE E 27 14.43 44.63 -1.03
N GLU E 28 13.44 45.21 -1.67
CA GLU E 28 12.10 44.65 -1.71
C GLU E 28 11.47 44.97 -3.06
N HIS E 29 10.48 44.17 -3.43
CA HIS E 29 9.73 44.32 -4.68
C HIS E 29 10.67 44.27 -5.89
N ALA E 30 11.68 43.42 -5.86
CA ALA E 30 12.74 43.46 -6.86
C ALA E 30 13.11 42.05 -7.32
N LYS E 31 13.93 42.01 -8.36
CA LYS E 31 14.49 40.77 -8.90
C LYS E 31 16.00 40.95 -9.04
N ILE E 32 16.76 40.28 -8.20
CA ILE E 32 18.21 40.43 -8.18
C ILE E 32 18.84 39.37 -9.08
N ASN E 33 19.54 39.83 -10.10
CA ASN E 33 20.41 39.00 -10.94
C ASN E 33 21.82 39.56 -10.80
N ARG E 34 22.76 38.99 -11.56
CA ARG E 34 24.16 39.41 -11.44
C ARG E 34 24.72 39.79 -12.80
N VAL E 35 25.27 41.00 -12.88
CA VAL E 35 26.20 41.37 -13.94
C VAL E 35 27.60 41.19 -13.36
N ASP E 36 28.59 41.00 -14.23
CA ASP E 36 29.93 40.64 -13.79
C ASP E 36 30.43 41.52 -12.64
N SER E 37 30.62 40.88 -11.49
CA SER E 37 31.12 41.53 -10.27
C SER E 37 30.20 42.65 -9.79
N ALA E 38 28.91 42.56 -10.08
CA ALA E 38 27.96 43.59 -9.64
C ALA E 38 26.55 43.03 -9.67
N VAL E 39 25.88 43.05 -8.52
CA VAL E 39 24.49 42.61 -8.47
C VAL E 39 23.60 43.64 -9.18
N THR E 40 22.45 43.17 -9.64
CA THR E 40 21.51 44.01 -10.41
C THR E 40 20.14 43.92 -9.76
N VAL E 41 19.67 45.04 -9.21
CA VAL E 41 18.35 45.12 -8.58
C VAL E 41 17.41 45.80 -9.56
N ALA E 42 16.33 45.11 -9.93
CA ALA E 42 15.36 45.61 -10.90
C ALA E 42 14.03 45.78 -10.19
N GLU E 43 13.79 46.98 -9.68
CA GLU E 43 12.54 47.31 -9.01
C GLU E 43 11.57 47.91 -10.02
N ALA E 44 10.44 48.43 -9.51
CA ALA E 44 9.50 49.12 -10.38
C ALA E 44 10.06 50.45 -10.88
N LYS E 45 10.79 51.17 -10.01
CA LYS E 45 11.35 52.46 -10.39
C LYS E 45 12.37 52.32 -11.51
N GLY E 46 13.25 51.32 -11.42
CA GLY E 46 14.27 51.15 -12.43
C GLY E 46 15.19 50.00 -12.10
N VAL E 47 16.34 49.98 -12.77
CA VAL E 47 17.34 48.94 -12.62
C VAL E 47 18.57 49.55 -11.97
N VAL E 48 19.05 48.93 -10.90
CA VAL E 48 20.18 49.42 -10.13
C VAL E 48 21.30 48.37 -10.16
N ARG E 49 22.49 48.79 -10.55
CA ARG E 49 23.67 47.94 -10.53
C ARG E 49 24.56 48.34 -9.36
N ILE E 50 24.89 47.39 -8.50
CA ILE E 50 25.64 47.63 -7.28
C ILE E 50 26.85 46.72 -7.29
N PRO E 51 28.07 47.24 -7.09
CA PRO E 51 29.21 46.34 -6.85
C PRO E 51 28.98 45.51 -5.60
N ALA E 52 29.40 44.24 -5.67
CA ALA E 52 29.09 43.31 -4.59
C ALA E 52 29.88 43.60 -3.32
N ALA E 53 31.02 44.30 -3.44
CA ALA E 53 31.90 44.49 -2.30
C ALA E 53 31.27 45.38 -1.23
N MET E 54 30.35 46.26 -1.61
CA MET E 54 29.76 47.22 -0.68
C MET E 54 28.38 46.80 -0.17
N ILE E 55 27.94 45.58 -0.50
CA ILE E 55 26.61 45.15 -0.08
C ILE E 55 26.54 45.03 1.43
N GLY E 56 27.53 44.40 2.05
CA GLY E 56 27.48 44.19 3.48
C GLY E 56 26.37 43.24 3.88
N VAL E 57 25.30 43.78 4.46
CA VAL E 57 24.10 43.02 4.79
C VAL E 57 23.04 43.32 3.76
N LEU E 58 22.50 42.29 3.12
CA LEU E 58 21.44 42.44 2.14
C LEU E 58 20.16 41.89 2.75
N LEU E 59 19.24 42.80 3.09
CA LEU E 59 17.94 42.42 3.66
C LEU E 59 16.97 42.25 2.51
N LEU E 60 16.67 40.99 2.17
CA LEU E 60 15.78 40.68 1.06
C LEU E 60 14.34 40.68 1.56
N GLY E 61 13.62 41.75 1.26
CA GLY E 61 12.25 41.88 1.69
C GLY E 61 11.29 41.12 0.80
N PRO E 62 10.00 41.27 1.08
CA PRO E 62 8.99 40.56 0.29
C PRO E 62 9.02 40.96 -1.16
N GLY E 63 8.64 40.01 -2.03
CA GLY E 63 8.68 40.24 -3.45
C GLY E 63 10.03 40.11 -4.08
N THR E 64 10.98 39.48 -3.38
CA THR E 64 12.35 39.34 -3.85
C THR E 64 12.54 37.99 -4.52
N ASP E 65 13.13 37.99 -5.71
CA ASP E 65 13.43 36.78 -6.47
C ASP E 65 14.93 36.78 -6.72
N ILE E 66 15.69 36.22 -5.78
CA ILE E 66 17.14 36.19 -5.86
C ILE E 66 17.57 35.07 -6.80
N SER E 67 18.62 35.31 -7.57
CA SER E 67 19.11 34.35 -8.55
C SER E 67 20.32 33.60 -8.00
N HIS E 68 20.57 32.41 -8.56
CA HIS E 68 21.66 31.58 -8.09
C HIS E 68 23.01 32.26 -8.31
N ARG E 69 23.20 32.87 -9.47
CA ARG E 69 24.49 33.48 -9.77
C ARG E 69 24.73 34.72 -8.92
N ALA E 70 23.66 35.47 -8.62
CA ALA E 70 23.76 36.58 -7.67
C ALA E 70 24.11 36.08 -6.27
N VAL E 71 23.51 34.97 -5.85
CA VAL E 71 23.85 34.38 -4.56
C VAL E 71 25.33 34.00 -4.53
N GLU E 72 25.81 33.40 -5.62
CA GLU E 72 27.22 33.03 -5.69
C GLU E 72 28.13 34.25 -5.58
N LEU E 73 27.81 35.32 -6.33
CA LEU E 73 28.62 36.53 -6.26
C LEU E 73 28.62 37.12 -4.87
N LEU E 74 27.45 37.19 -4.24
CA LEU E 74 27.35 37.76 -2.90
C LEU E 74 28.11 36.91 -1.88
N GLY E 75 28.06 35.59 -2.04
CA GLY E 75 28.82 34.72 -1.16
C GLY E 75 30.32 34.88 -1.32
N ASP E 76 30.78 35.17 -2.55
CA ASP E 76 32.20 35.44 -2.75
C ASP E 76 32.68 36.65 -1.96
N THR E 77 31.80 37.62 -1.68
CA THR E 77 32.20 38.88 -1.07
C THR E 77 31.74 38.99 0.38
N GLY E 78 31.51 37.87 1.06
CA GLY E 78 31.18 37.90 2.46
C GLY E 78 29.89 38.63 2.79
N THR E 79 28.84 38.42 1.99
CA THR E 79 27.56 39.07 2.20
C THR E 79 26.68 38.22 3.11
N ALA E 80 25.95 38.89 4.00
CA ALA E 80 25.03 38.23 4.91
C ALA E 80 23.61 38.44 4.37
N LEU E 81 23.18 37.51 3.52
CA LEU E 81 21.83 37.56 2.98
C LEU E 81 20.83 37.12 4.04
N VAL E 82 19.87 37.98 4.36
CA VAL E 82 18.84 37.67 5.34
C VAL E 82 17.48 37.95 4.69
N TRP E 83 16.62 36.94 4.67
CA TRP E 83 15.28 37.07 4.09
C TRP E 83 14.35 37.59 5.18
N VAL E 84 13.93 38.85 5.04
CA VAL E 84 13.16 39.51 6.08
C VAL E 84 11.79 39.90 5.56
N GLY E 85 10.98 40.51 6.42
CA GLY E 85 9.70 41.07 6.03
C GLY E 85 9.84 42.50 5.59
N GLU E 86 8.74 43.25 5.70
CA GLU E 86 8.72 44.65 5.33
C GLU E 86 9.59 45.45 6.30
N GLN E 87 10.75 45.91 5.83
CA GLN E 87 11.70 46.66 6.67
C GLN E 87 12.13 45.85 7.90
N GLY E 88 12.25 44.54 7.75
CA GLY E 88 12.74 43.70 8.82
C GLY E 88 11.76 43.41 9.93
N VAL E 89 10.45 43.53 9.68
CA VAL E 89 9.47 43.20 10.72
C VAL E 89 9.56 41.73 11.10
N ARG E 90 9.67 40.84 10.12
CA ARG E 90 9.71 39.42 10.37
C ARG E 90 11.01 38.84 9.82
N TYR E 91 11.57 37.88 10.56
CA TYR E 91 12.77 37.17 10.14
C TYR E 91 12.36 35.79 9.63
N TYR E 92 12.77 35.48 8.40
CA TYR E 92 12.39 34.24 7.74
C TYR E 92 13.56 33.30 7.53
N ALA E 93 14.66 33.80 6.98
CA ALA E 93 15.84 32.97 6.76
C ALA E 93 17.06 33.88 6.66
N SER E 94 18.23 33.27 6.82
CA SER E 94 19.49 34.00 6.73
C SER E 94 20.57 33.06 6.20
N GLY E 95 21.57 33.65 5.56
CA GLY E 95 22.69 32.87 5.05
C GLY E 95 23.86 32.86 6.01
N ARG E 96 25.00 33.35 5.55
CA ARG E 96 26.20 33.42 6.37
C ARG E 96 26.27 34.80 7.03
N ALA E 97 27.41 35.10 7.64
CA ALA E 97 27.61 36.36 8.36
C ALA E 97 28.49 37.31 7.54
N LEU E 98 28.71 38.50 8.10
CA LEU E 98 29.60 39.48 7.47
C LEU E 98 31.00 38.91 7.32
N ALA E 99 31.46 38.81 6.07
CA ALA E 99 32.78 38.27 5.76
C ALA E 99 33.00 36.91 6.41
N ARG E 100 31.91 36.14 6.52
CA ARG E 100 31.87 34.83 7.19
C ARG E 100 32.68 34.83 8.47
N SER E 101 32.61 35.94 9.22
CA SER E 101 33.39 36.10 10.44
C SER E 101 32.58 35.66 11.65
N THR E 102 33.26 35.01 12.59
CA THR E 102 32.62 34.48 13.79
C THR E 102 33.19 35.09 15.07
N ARG E 103 33.92 36.21 14.96
CA ARG E 103 34.50 36.82 16.15
C ARG E 103 33.42 37.25 17.13
N PHE E 104 32.34 37.85 16.62
CA PHE E 104 31.23 38.25 17.48
C PHE E 104 30.59 37.03 18.14
N LEU E 105 30.38 35.97 17.37
CA LEU E 105 29.79 34.75 17.93
C LEU E 105 30.70 34.12 18.98
N VAL E 106 32.00 34.05 18.71
CA VAL E 106 32.94 33.48 19.67
C VAL E 106 32.95 34.31 20.95
N LYS E 107 32.96 35.63 20.81
CA LYS E 107 32.93 36.50 21.99
C LYS E 107 31.66 36.29 22.79
N GLN E 108 30.52 36.20 22.11
CA GLN E 108 29.25 35.97 22.81
C GLN E 108 29.25 34.63 23.53
N ALA E 109 29.78 33.58 22.88
CA ALA E 109 29.85 32.29 23.52
C ALA E 109 30.74 32.32 24.77
N GLU E 110 31.92 32.94 24.65
CA GLU E 110 32.81 33.05 25.80
C GLU E 110 32.14 33.81 26.94
N LEU E 111 31.38 34.85 26.60
CA LEU E 111 30.66 35.61 27.62
C LEU E 111 29.54 34.80 28.25
N VAL E 112 28.90 33.91 27.50
CA VAL E 112 27.69 33.28 27.99
C VAL E 112 27.96 31.98 28.76
N THR E 113 29.02 31.23 28.41
CA THR E 113 29.25 29.96 29.12
C THR E 113 29.64 30.18 30.57
N ASN E 114 30.60 31.08 30.82
CA ASN E 114 31.01 31.31 32.19
C ASN E 114 30.00 32.19 32.93
N GLU E 115 30.09 32.19 34.27
CA GLU E 115 29.08 32.86 35.08
C GLU E 115 29.38 34.34 35.27
N ARG E 116 30.66 34.70 35.41
CA ARG E 116 31.01 36.09 35.69
C ARG E 116 30.64 37.00 34.53
N SER E 117 31.05 36.64 33.31
CA SER E 117 30.74 37.48 32.15
C SER E 117 29.24 37.49 31.87
N ARG E 118 28.56 36.36 32.08
CA ARG E 118 27.12 36.33 31.89
C ARG E 118 26.42 37.27 32.84
N LEU E 119 26.81 37.25 34.12
CA LEU E 119 26.22 38.17 35.10
C LEU E 119 26.53 39.62 34.75
N ARG E 120 27.76 39.89 34.32
CA ARG E 120 28.12 41.26 33.94
C ARG E 120 27.29 41.74 32.75
N VAL E 121 27.09 40.89 31.76
CA VAL E 121 26.33 41.28 30.57
C VAL E 121 24.85 41.45 30.92
N ALA E 122 24.32 40.59 31.78
CA ALA E 122 22.94 40.76 32.23
C ALA E 122 22.76 42.08 32.97
N ARG E 123 23.71 42.43 33.84
CA ARG E 123 23.65 43.70 34.54
C ARG E 123 23.77 44.87 33.56
N ARG E 124 24.61 44.73 32.54
CA ARG E 124 24.73 45.78 31.54
C ARG E 124 23.43 45.96 30.76
N MET E 125 22.77 44.86 30.43
CA MET E 125 21.47 44.94 29.76
C MET E 125 20.44 45.63 30.65
N TYR E 126 20.41 45.28 31.94
CA TYR E 126 19.49 45.92 32.86
C TYR E 126 19.76 47.42 32.96
N GLN E 127 21.05 47.80 33.02
CA GLN E 127 21.39 49.21 33.10
C GLN E 127 20.99 49.95 31.83
N MET E 128 21.22 49.33 30.67
CA MET E 128 20.85 49.97 29.41
C MET E 128 19.34 50.14 29.28
N ARG E 129 18.58 49.14 29.72
CA ARG E 129 17.13 49.22 29.67
C ARG E 129 16.60 50.31 30.60
N PRO E 181 -7.21 44.13 22.63
CA PRO E 181 -6.73 45.07 21.60
C PRO E 181 -5.35 45.62 21.92
N ILE E 182 -5.19 46.21 23.11
CA ILE E 182 -3.89 46.72 23.52
C ILE E 182 -2.89 45.59 23.66
N ASN E 183 -3.30 44.46 24.23
CA ASN E 183 -2.40 43.31 24.36
C ASN E 183 -2.01 42.78 22.99
N GLN E 184 -2.96 42.71 22.06
CA GLN E 184 -2.65 42.24 20.72
C GLN E 184 -1.67 43.17 20.01
N ALA E 185 -1.88 44.48 20.15
CA ALA E 185 -0.95 45.44 19.57
C ALA E 185 0.44 45.32 20.17
N LEU E 186 0.52 45.14 21.48
CA LEU E 186 1.81 44.95 22.14
C LEU E 186 2.50 43.70 21.63
N SER E 187 1.74 42.60 21.49
CA SER E 187 2.33 41.36 20.99
C SER E 187 2.83 41.52 19.56
N ALA E 188 2.06 42.19 18.71
CA ALA E 188 2.48 42.39 17.33
C ALA E 188 3.74 43.25 17.26
N ALA E 189 3.79 44.34 18.04
CA ALA E 189 4.97 45.18 18.04
C ALA E 189 6.19 44.44 18.57
N HIS E 190 6.00 43.62 19.62
CA HIS E 190 7.11 42.84 20.15
C HIS E 190 7.61 41.82 19.14
N VAL E 191 6.70 41.21 18.38
CA VAL E 191 7.10 40.23 17.37
C VAL E 191 7.85 40.93 16.23
N ALA E 192 7.42 42.15 15.87
CA ALA E 192 8.16 42.91 14.87
C ALA E 192 9.57 43.22 15.36
N LEU E 193 9.70 43.63 16.62
CA LEU E 193 11.02 43.88 17.19
C LEU E 193 11.85 42.61 17.22
N TYR E 194 11.22 41.48 17.55
CA TYR E 194 11.92 40.19 17.52
C TYR E 194 12.46 39.91 16.12
N GLY E 195 11.64 40.17 15.10
CA GLY E 195 12.09 39.93 13.73
C GLY E 195 13.28 40.79 13.35
N LEU E 196 13.21 42.08 13.67
CA LEU E 196 14.33 42.96 13.34
C LEU E 196 15.59 42.57 14.11
N VAL E 197 15.45 42.26 15.40
CA VAL E 197 16.61 41.88 16.21
C VAL E 197 17.22 40.58 15.68
N HIS E 198 16.38 39.62 15.31
CA HIS E 198 16.87 38.36 14.76
C HIS E 198 17.58 38.59 13.44
N SER E 199 17.04 39.48 12.60
CA SER E 199 17.72 39.80 11.34
C SER E 199 19.11 40.37 11.61
N VAL E 200 19.21 41.32 12.54
CA VAL E 200 20.51 41.93 12.85
C VAL E 200 21.46 40.88 13.42
N VAL E 201 20.98 40.04 14.33
CA VAL E 201 21.81 39.03 14.97
C VAL E 201 22.32 38.02 13.94
N ALA E 202 21.43 37.56 13.06
CA ALA E 202 21.84 36.61 12.03
C ALA E 202 22.83 37.23 11.06
N ALA E 203 22.65 38.51 10.73
CA ALA E 203 23.60 39.19 9.86
C ALA E 203 24.96 39.32 10.52
N LEU E 204 24.99 39.63 11.82
CA LEU E 204 26.26 39.82 12.52
C LEU E 204 26.98 38.51 12.80
N GLY E 205 26.26 37.39 12.81
CA GLY E 205 26.86 36.10 13.10
C GLY E 205 26.60 35.57 14.49
N LEU E 206 25.97 36.35 15.36
CA LEU E 206 25.63 35.88 16.69
C LEU E 206 24.61 34.75 16.62
N SER E 207 24.71 33.84 17.58
CA SER E 207 23.76 32.74 17.69
C SER E 207 22.53 33.21 18.43
N PRO E 208 21.33 33.12 17.84
CA PRO E 208 20.13 33.59 18.55
C PRO E 208 19.81 32.80 19.81
N GLY E 209 20.36 31.60 19.98
CA GLY E 209 20.03 30.79 21.14
C GLY E 209 20.80 31.14 22.40
N LEU E 210 22.05 31.57 22.25
CA LEU E 210 22.91 31.86 23.41
C LEU E 210 22.50 33.21 23.99
N GLY E 211 21.58 33.18 24.94
CA GLY E 211 21.10 34.38 25.60
C GLY E 211 21.59 34.45 27.03
N PHE E 212 21.69 35.67 27.55
CA PHE E 212 22.20 35.88 28.91
C PHE E 212 21.09 35.92 29.94
N VAL E 213 20.16 36.86 29.80
CA VAL E 213 19.03 36.94 30.73
C VAL E 213 18.07 35.78 30.49
N HIS E 214 17.75 35.51 29.22
CA HIS E 214 16.88 34.40 28.86
C HIS E 214 17.72 33.22 28.39
N THR E 215 17.33 32.02 28.81
CA THR E 215 18.02 30.80 28.44
C THR E 215 17.01 29.71 28.13
N GLY E 216 17.47 28.67 27.45
CA GLY E 216 16.66 27.50 27.19
C GLY E 216 15.75 27.58 25.99
N HIS E 217 15.89 28.61 25.15
CA HIS E 217 15.05 28.77 23.98
C HIS E 217 15.91 29.14 22.77
N ASP E 218 15.38 28.85 21.59
CA ASP E 218 16.12 29.12 20.35
C ASP E 218 16.30 30.61 20.11
N ARG E 219 15.40 31.45 20.64
CA ARG E 219 15.47 32.89 20.42
C ARG E 219 15.72 33.64 21.72
N SER E 220 16.36 33.02 22.70
CA SER E 220 16.56 33.66 24.00
C SER E 220 17.36 34.94 23.87
N PHE E 221 18.45 34.91 23.09
CA PHE E 221 19.24 36.12 22.88
C PHE E 221 18.44 37.16 22.14
N ILE E 222 17.59 36.74 21.20
CA ILE E 222 16.74 37.69 20.49
C ILE E 222 15.82 38.40 21.47
N TYR E 223 15.22 37.66 22.40
CA TYR E 223 14.35 38.28 23.39
C TYR E 223 15.13 39.22 24.30
N ASP E 224 16.34 38.82 24.70
CA ASP E 224 17.15 39.67 25.56
C ASP E 224 17.50 40.99 24.88
N VAL E 225 17.88 40.93 23.60
CA VAL E 225 18.21 42.15 22.88
C VAL E 225 16.96 43.00 22.64
N ALA E 226 15.83 42.35 22.36
CA ALA E 226 14.60 43.09 22.13
C ALA E 226 14.09 43.77 23.40
N ASP E 227 14.37 43.20 24.57
CA ASP E 227 13.98 43.84 25.82
C ASP E 227 14.62 45.22 25.97
N LEU E 228 15.75 45.47 25.30
CA LEU E 228 16.36 46.79 25.33
C LEU E 228 15.45 47.83 24.69
N TYR E 229 14.83 47.49 23.57
CA TYR E 229 14.06 48.44 22.77
C TYR E 229 12.56 48.29 22.94
N LYS E 230 12.11 47.36 23.78
CA LYS E 230 10.68 47.16 23.97
C LYS E 230 10.00 48.38 24.59
N ALA E 231 10.66 49.00 25.58
CA ALA E 231 10.02 50.00 26.40
C ALA E 231 9.94 51.38 25.73
N GLU E 232 10.72 51.63 24.68
CA GLU E 232 10.75 52.95 24.07
C GLU E 232 10.44 52.98 22.59
N ILE E 233 10.21 51.83 21.95
CA ILE E 233 9.76 51.76 20.57
C ILE E 233 8.44 51.02 20.44
N THR E 234 8.39 49.76 20.90
CA THR E 234 7.22 48.94 20.66
C THR E 234 6.05 49.37 21.53
N VAL E 235 6.30 49.71 22.80
CA VAL E 235 5.21 50.12 23.68
C VAL E 235 4.53 51.41 23.21
N PRO E 236 5.26 52.49 22.88
CA PRO E 236 4.56 53.67 22.36
C PRO E 236 3.78 53.41 21.09
N ILE E 237 4.33 52.61 20.18
CA ILE E 237 3.62 52.31 18.93
C ILE E 237 2.36 51.51 19.22
N ALA E 238 2.45 50.52 20.11
CA ALA E 238 1.29 49.71 20.43
C ALA E 238 0.19 50.54 21.08
N PHE E 239 0.57 51.42 22.02
CA PHE E 239 -0.44 52.26 22.65
C PHE E 239 -1.04 53.26 21.67
N ALA E 240 -0.22 53.80 20.77
CA ALA E 240 -0.73 54.73 19.77
C ALA E 240 -1.73 54.05 18.84
N VAL E 241 -1.42 52.84 18.38
CA VAL E 241 -2.33 52.15 17.47
C VAL E 241 -3.57 51.68 18.22
N ALA E 242 -3.45 51.33 19.50
CA ALA E 242 -4.62 50.97 20.29
C ALA E 242 -5.55 52.16 20.47
N ALA E 243 -4.99 53.34 20.73
CA ALA E 243 -5.82 54.55 20.84
C ALA E 243 -6.45 54.91 19.51
N GLU E 244 -5.69 54.78 18.41
CA GLU E 244 -6.15 55.17 17.09
C GLU E 244 -6.99 54.09 16.41
N ALA E 245 -7.04 52.89 16.98
CA ALA E 245 -7.72 51.77 16.31
C ALA E 245 -9.20 52.04 16.16
N GLU E 246 -9.73 51.76 14.97
CA GLU E 246 -11.16 51.78 14.74
C GLU E 246 -11.77 50.43 15.08
N GLU E 247 -13.07 50.45 15.37
CA GLU E 247 -13.76 49.21 15.71
C GLU E 247 -13.78 48.26 14.53
N GLY E 248 -13.56 46.97 14.81
CA GLY E 248 -13.52 45.97 13.75
C GLY E 248 -12.37 46.13 12.79
N GLN E 249 -11.17 46.42 13.29
CA GLN E 249 -9.99 46.58 12.47
C GLN E 249 -8.89 45.65 12.95
N ASP E 250 -8.05 45.22 12.00
CA ASP E 250 -6.94 44.33 12.30
C ASP E 250 -5.86 45.11 13.05
N ILE E 251 -5.83 44.98 14.38
CA ILE E 251 -4.86 45.72 15.19
C ILE E 251 -3.45 45.20 14.95
N GLY E 252 -3.31 43.90 14.70
CA GLY E 252 -1.99 43.34 14.46
C GLY E 252 -1.35 43.88 13.19
N GLN E 253 -2.14 43.97 12.12
CA GLN E 253 -1.63 44.53 10.87
C GLN E 253 -1.24 45.99 11.04
N LEU E 254 -2.07 46.77 11.75
CA LEU E 254 -1.75 48.16 12.01
C LEU E 254 -0.47 48.30 12.81
N ALA E 255 -0.30 47.46 13.84
CA ALA E 255 0.92 47.51 14.64
C ALA E 255 2.14 47.17 13.80
N ARG E 256 2.03 46.14 12.96
CA ARG E 256 3.16 45.76 12.11
C ARG E 256 3.51 46.87 11.12
N LEU E 257 2.49 47.50 10.53
CA LEU E 257 2.75 48.57 9.57
C LEU E 257 3.37 49.79 10.25
N ARG E 258 2.90 50.15 11.43
CA ARG E 258 3.50 51.26 12.16
C ARG E 258 4.93 50.94 12.58
N THR E 259 5.19 49.70 12.97
CA THR E 259 6.55 49.31 13.34
C THR E 259 7.48 49.36 12.13
N ARG E 260 7.01 48.91 10.97
CA ARG E 260 7.86 49.00 9.78
C ARG E 260 8.07 50.46 9.39
N ASP E 261 7.06 51.32 9.55
CA ASP E 261 7.25 52.74 9.28
C ASP E 261 8.29 53.34 10.21
N ALA E 262 8.28 52.93 11.49
CA ALA E 262 9.33 53.36 12.40
C ALA E 262 10.69 52.84 11.97
N PHE E 263 10.74 51.60 11.47
CA PHE E 263 11.99 50.98 11.04
C PHE E 263 12.51 51.51 9.71
N VAL E 264 11.70 52.28 8.98
CA VAL E 264 12.12 52.76 7.66
C VAL E 264 13.37 53.63 7.77
N ASP E 265 13.42 54.49 8.78
CA ASP E 265 14.53 55.44 8.90
C ASP E 265 15.87 54.73 9.04
N GLY E 266 15.90 53.63 9.79
CA GLY E 266 17.10 52.84 9.96
C GLY E 266 17.95 53.20 11.16
N LYS E 267 17.60 54.25 11.90
CA LYS E 267 18.36 54.60 13.10
C LYS E 267 18.27 53.48 14.13
N ILE E 268 17.12 52.81 14.22
CA ILE E 268 16.95 51.73 15.17
C ILE E 268 17.89 50.57 14.83
N LEU E 269 18.06 50.29 13.54
CA LEU E 269 19.01 49.25 13.13
C LEU E 269 20.44 49.61 13.54
N LYS E 270 20.84 50.87 13.34
CA LYS E 270 22.16 51.30 13.75
C LYS E 270 22.34 51.15 15.26
N ARG E 271 21.33 51.54 16.03
CA ARG E 271 21.44 51.42 17.48
C ARG E 271 21.48 49.97 17.92
N MET E 272 20.72 49.09 17.27
CA MET E 272 20.81 47.67 17.60
C MET E 272 22.20 47.12 17.33
N VAL E 273 22.78 47.48 16.18
CA VAL E 273 24.14 47.01 15.89
C VAL E 273 25.13 47.55 16.91
N LYS E 274 25.02 48.84 17.25
CA LYS E 274 25.93 49.44 18.21
C LYS E 274 25.83 48.78 19.57
N ASP E 275 24.61 48.54 20.05
CA ASP E 275 24.44 47.91 21.35
C ASP E 275 24.85 46.45 21.34
N LEU E 276 24.63 45.74 20.22
CA LEU E 276 25.12 44.37 20.12
C LEU E 276 26.64 44.32 20.23
N GLN E 277 27.32 45.24 19.55
CA GLN E 277 28.78 45.28 19.66
C GLN E 277 29.24 45.71 21.05
N THR E 278 28.51 46.63 21.68
CA THR E 278 28.88 47.09 23.02
C THR E 278 28.72 46.00 24.05
N LEU E 279 27.63 45.22 23.97
CA LEU E 279 27.35 44.21 24.98
C LEU E 279 28.40 43.10 25.02
N LEU E 280 29.16 42.92 23.95
CA LEU E 280 30.20 41.91 23.89
C LEU E 280 31.57 42.47 24.26
N GLU E 281 31.63 43.71 24.74
CA GLU E 281 32.90 44.37 25.09
C GLU E 281 33.85 44.40 23.91
N ILE E 282 33.30 44.54 22.71
CA ILE E 282 34.13 44.66 21.51
C ILE E 282 34.87 45.99 21.55
N PRO E 283 36.19 46.02 21.36
CA PRO E 283 36.91 47.31 21.36
C PRO E 283 36.38 48.24 20.28
N GLU E 284 36.32 49.52 20.62
CA GLU E 284 35.75 50.50 19.69
C GLU E 284 36.55 50.60 18.40
N GLU E 285 37.87 50.41 18.47
CA GLU E 285 38.69 50.47 17.26
C GLU E 285 38.35 49.33 16.31
N GLY E 286 38.09 48.14 16.84
CA GLY E 286 37.75 46.99 16.02
C GLY E 286 36.29 46.86 15.65
N GLN E 287 35.44 47.78 16.12
CA GLN E 287 34.02 47.72 15.80
C GLN E 287 33.77 48.13 14.36
N ILE E 288 32.59 47.78 13.87
CA ILE E 288 32.11 48.19 12.55
C ILE E 288 30.75 48.86 12.73
N GLU E 289 30.50 49.91 11.95
CA GLU E 289 29.29 50.71 12.08
C GLU E 289 28.30 50.35 10.98
N ALA E 290 27.02 50.33 11.33
CA ALA E 290 25.97 49.97 10.40
C ALA E 290 25.54 51.16 9.56
N GLU E 291 25.28 50.91 8.28
CA GLU E 291 24.85 51.94 7.33
C GLU E 291 23.54 51.47 6.70
N PRO E 292 22.40 51.88 7.25
CA PRO E 292 21.11 51.46 6.68
C PRO E 292 20.85 52.10 5.33
N LEU E 293 21.52 51.58 4.31
CA LEU E 293 21.53 52.20 3.00
C LEU E 293 20.18 52.03 2.32
N SER E 294 19.74 53.08 1.61
CA SER E 294 18.52 53.05 0.83
C SER E 294 18.88 53.22 -0.65
N LEU E 295 18.29 52.37 -1.49
CA LEU E 295 18.70 52.33 -2.89
C LEU E 295 18.27 53.57 -3.66
N TRP E 296 17.05 54.05 -3.41
CA TRP E 296 16.52 55.18 -4.17
C TRP E 296 16.47 56.47 -3.36
N ASP E 297 16.16 56.39 -2.06
CA ASP E 297 16.16 57.57 -1.22
C ASP E 297 17.56 58.13 -1.02
N ASP E 298 18.60 57.36 -1.34
CA ASP E 298 19.99 57.78 -1.17
C ASP E 298 20.77 57.60 -2.46
N LYS E 299 20.17 57.97 -3.60
CA LYS E 299 20.87 57.84 -4.87
C LYS E 299 22.11 58.73 -4.93
N GLU E 300 22.01 59.95 -4.40
CA GLU E 300 23.14 60.87 -4.41
C GLU E 300 24.29 60.34 -3.56
N LYS E 301 23.99 59.55 -2.53
CA LYS E 301 25.03 58.94 -1.71
C LYS E 301 25.72 57.77 -2.38
N LEU E 302 25.02 57.07 -3.28
CA LEU E 302 25.57 55.88 -3.93
C LEU E 302 26.20 56.17 -5.29
N VAL E 303 25.86 57.29 -5.93
CA VAL E 303 26.45 57.61 -7.22
C VAL E 303 27.98 57.70 -7.15
N PRO E 304 28.58 58.42 -6.20
CA PRO E 304 30.05 58.38 -6.12
C PRO E 304 30.61 57.00 -5.80
N TYR E 305 29.82 56.13 -5.17
CA TYR E 305 30.30 54.80 -4.79
C TYR E 305 30.45 53.87 -5.98
N GLY E 306 29.95 54.25 -7.15
CA GLY E 306 29.97 53.38 -8.32
C GLY E 306 28.69 52.64 -8.58
N VAL E 307 27.60 52.97 -7.88
CA VAL E 307 26.33 52.30 -8.03
C VAL E 307 25.63 52.92 -9.24
N ASN E 308 25.67 52.21 -10.37
CA ASN E 308 25.01 52.69 -11.57
C ASN E 308 23.49 52.63 -11.43
N TYR E 309 22.81 53.53 -12.12
CA TYR E 309 21.36 53.59 -12.10
C TYR E 309 20.83 53.59 -13.53
N SER E 310 19.63 53.05 -13.69
CA SER E 310 18.98 53.00 -15.00
C SER E 310 17.47 53.01 -14.80
N GLU E 311 16.76 53.36 -15.86
CA GLU E 311 15.30 53.41 -15.83
C GLU E 311 14.71 52.81 -17.10
N PRO F 4 -4.50 28.24 15.89
CA PRO F 4 -5.11 27.65 14.69
C PRO F 4 -4.07 27.11 13.71
N ILE F 5 -4.53 26.44 12.66
CA ILE F 5 -3.67 25.88 11.63
C ILE F 5 -3.84 26.71 10.37
N ILE F 6 -2.73 27.28 9.90
CA ILE F 6 -2.71 28.15 8.72
C ILE F 6 -1.89 27.48 7.65
N ALA F 7 -2.44 27.42 6.43
CA ALA F 7 -1.71 26.83 5.31
C ALA F 7 -0.41 27.58 5.07
N GLY F 8 0.68 26.82 4.89
CA GLY F 8 1.99 27.38 4.73
C GLY F 8 2.80 27.48 6.00
N LYS F 9 2.18 27.26 7.16
CA LYS F 9 2.86 27.31 8.44
C LYS F 9 2.60 26.02 9.20
N SER F 10 3.64 25.49 9.84
CA SER F 10 3.55 24.26 10.59
C SER F 10 4.46 24.32 11.81
N GLU F 11 4.10 23.56 12.83
CA GLU F 11 4.94 23.42 14.01
C GLU F 11 6.02 22.38 13.77
N SER F 12 6.99 22.34 14.69
CA SER F 12 8.05 21.34 14.58
C SER F 12 7.51 19.93 14.83
N SER F 13 6.48 19.80 15.66
CA SER F 13 5.90 18.49 15.92
C SER F 13 5.28 17.90 14.65
N GLU F 14 4.62 18.74 13.85
CA GLU F 14 4.01 18.27 12.61
C GLU F 14 5.04 17.87 11.56
N LEU F 15 6.28 18.25 11.74
CA LEU F 15 7.31 17.87 10.78
C LEU F 15 8.02 16.59 11.24
N PRO F 16 8.49 15.78 10.30
CA PRO F 16 9.26 14.59 10.67
C PRO F 16 10.56 14.96 11.35
N ARG F 17 11.04 14.05 12.19
CA ARG F 17 12.31 14.26 12.88
C ARG F 17 13.45 14.39 11.86
N VAL F 18 14.61 14.81 12.37
CA VAL F 18 15.78 14.97 11.52
C VAL F 18 16.20 13.62 10.94
N GLU F 19 16.04 12.55 11.72
CA GLU F 19 16.49 11.23 11.28
C GLU F 19 15.62 10.68 10.16
N ASP F 20 14.32 10.92 10.24
CA ASP F 20 13.33 10.15 9.50
C ASP F 20 12.98 10.75 8.14
N ARG F 21 13.65 11.81 7.71
CA ARG F 21 13.36 12.42 6.43
C ARG F 21 14.45 12.07 5.41
N ALA F 22 14.16 12.38 4.15
CA ALA F 22 15.10 12.11 3.08
C ALA F 22 16.33 13.00 3.23
N THR F 23 17.38 12.67 2.47
CA THR F 23 18.66 13.33 2.66
C THR F 23 18.71 14.69 1.95
N PHE F 24 18.58 14.69 0.63
CA PHE F 24 18.76 15.94 -0.12
C PHE F 24 18.01 15.86 -1.44
N ILE F 25 17.74 17.04 -2.00
CA ILE F 25 17.22 17.19 -3.34
C ILE F 25 18.09 18.20 -4.07
N TYR F 26 18.50 17.88 -5.29
CA TYR F 26 19.30 18.77 -6.11
C TYR F 26 18.42 19.38 -7.20
N ILE F 27 18.53 20.70 -7.36
CA ILE F 27 17.76 21.43 -8.35
C ILE F 27 18.71 22.32 -9.13
N GLU F 28 18.57 22.32 -10.45
CA GLU F 28 19.36 23.20 -11.30
C GLU F 28 18.54 23.61 -12.51
N HIS F 29 18.84 24.81 -13.03
CA HIS F 29 18.19 25.35 -14.21
C HIS F 29 16.66 25.35 -14.07
N ALA F 30 16.21 25.81 -12.90
CA ALA F 30 14.78 25.83 -12.59
C ALA F 30 14.48 27.14 -11.86
N LYS F 31 13.27 27.21 -11.29
CA LYS F 31 12.83 28.41 -10.57
C LYS F 31 11.97 27.95 -9.41
N ILE F 32 12.56 27.90 -8.21
CA ILE F 32 11.81 27.52 -7.02
C ILE F 32 10.83 28.64 -6.68
N ASN F 33 9.57 28.28 -6.47
CA ASN F 33 8.51 29.27 -6.33
C ASN F 33 7.44 28.70 -5.40
N ARG F 34 6.65 29.60 -4.82
CA ARG F 34 5.55 29.22 -3.95
C ARG F 34 4.22 29.60 -4.61
N VAL F 35 3.46 28.59 -5.02
CA VAL F 35 2.09 28.79 -5.48
C VAL F 35 1.19 27.88 -4.67
N ASP F 36 0.08 28.42 -4.18
CA ASP F 36 -0.85 27.70 -3.32
C ASP F 36 -0.15 27.16 -2.07
N SER F 37 0.81 27.92 -1.56
CA SER F 37 1.57 27.56 -0.35
C SER F 37 2.29 26.22 -0.53
N ALA F 38 2.84 26.00 -1.72
CA ALA F 38 3.56 24.77 -2.04
C ALA F 38 4.94 25.13 -2.59
N VAL F 39 5.95 24.38 -2.16
CA VAL F 39 7.30 24.56 -2.69
C VAL F 39 7.33 23.97 -4.10
N THR F 40 7.17 24.82 -5.10
CA THR F 40 7.04 24.38 -6.48
C THR F 40 8.29 24.73 -7.26
N VAL F 41 8.84 23.74 -7.96
CA VAL F 41 10.03 23.91 -8.78
C VAL F 41 9.57 23.93 -10.23
N ALA F 42 9.65 25.10 -10.85
CA ALA F 42 9.11 25.31 -12.19
C ALA F 42 10.22 25.18 -13.22
N GLU F 43 10.06 24.22 -14.12
CA GLU F 43 10.93 24.07 -15.27
C GLU F 43 10.20 24.51 -16.54
N ALA F 44 10.92 24.53 -17.65
CA ALA F 44 10.32 24.92 -18.92
C ALA F 44 9.23 23.94 -19.34
N LYS F 45 9.48 22.64 -19.16
CA LYS F 45 8.52 21.62 -19.55
C LYS F 45 7.36 21.49 -18.57
N GLY F 46 7.59 21.78 -17.29
CA GLY F 46 6.52 21.63 -16.32
C GLY F 46 7.00 22.04 -14.93
N VAL F 47 6.22 21.66 -13.93
CA VAL F 47 6.47 22.03 -12.55
C VAL F 47 6.53 20.77 -11.69
N VAL F 48 7.45 20.76 -10.73
CA VAL F 48 7.59 19.67 -9.77
C VAL F 48 7.43 20.27 -8.37
N ARG F 49 6.50 19.71 -7.60
CA ARG F 49 6.20 20.19 -6.25
C ARG F 49 6.91 19.31 -5.24
N ILE F 50 7.74 19.92 -4.40
CA ILE F 50 8.64 19.20 -3.50
C ILE F 50 7.97 19.01 -2.13
N PRO F 51 7.98 17.80 -1.58
CA PRO F 51 7.52 17.60 -0.20
C PRO F 51 8.59 18.00 0.80
N ALA F 52 8.73 19.31 1.00
CA ALA F 52 9.85 19.86 1.76
C ALA F 52 9.90 19.35 3.20
N ALA F 53 8.78 18.86 3.74
CA ALA F 53 8.80 18.31 5.09
C ALA F 53 9.50 16.96 5.15
N MET F 54 9.72 16.31 4.01
CA MET F 54 10.36 15.00 3.96
C MET F 54 11.81 15.06 3.50
N ILE F 55 12.36 16.24 3.23
CA ILE F 55 13.73 16.39 2.78
C ILE F 55 14.45 17.35 3.71
N GLY F 56 15.65 16.97 4.13
CA GLY F 56 16.42 17.75 5.07
C GLY F 56 17.06 18.99 4.50
N VAL F 57 17.74 18.86 3.35
CA VAL F 57 18.42 19.98 2.72
C VAL F 57 18.08 19.99 1.25
N LEU F 58 17.99 21.20 0.68
CA LEU F 58 17.71 21.39 -0.73
C LEU F 58 18.94 22.03 -1.37
N LEU F 59 19.56 21.29 -2.28
CA LEU F 59 20.77 21.77 -2.95
C LEU F 59 20.36 22.58 -4.17
N LEU F 60 20.80 23.84 -4.23
CA LEU F 60 20.47 24.75 -5.31
C LEU F 60 21.64 24.82 -6.28
N GLY F 61 21.52 24.12 -7.41
CA GLY F 61 22.54 24.13 -8.43
C GLY F 61 22.44 25.35 -9.31
N PRO F 62 23.27 25.42 -10.34
CA PRO F 62 23.25 26.59 -11.23
C PRO F 62 21.91 26.76 -11.92
N GLY F 63 21.52 28.02 -12.11
CA GLY F 63 20.31 28.35 -12.83
C GLY F 63 19.04 28.40 -12.01
N THR F 64 19.12 28.20 -10.70
CA THR F 64 17.94 28.22 -9.84
C THR F 64 17.63 29.64 -9.39
N ASP F 65 16.40 30.08 -9.61
CA ASP F 65 15.95 31.40 -9.21
C ASP F 65 14.86 31.22 -8.16
N ILE F 66 15.23 31.37 -6.90
CA ILE F 66 14.32 31.13 -5.78
C ILE F 66 13.78 32.47 -5.30
N SER F 67 12.51 32.48 -4.92
CA SER F 67 11.84 33.70 -4.49
C SER F 67 11.91 33.86 -2.97
N HIS F 68 11.39 34.98 -2.48
CA HIS F 68 11.40 35.26 -1.06
C HIS F 68 10.48 34.32 -0.30
N ARG F 69 9.25 34.15 -0.79
CA ARG F 69 8.29 33.31 -0.10
C ARG F 69 8.66 31.83 -0.20
N ALA F 70 9.31 31.43 -1.30
CA ALA F 70 9.79 30.05 -1.38
C ALA F 70 10.83 29.76 -0.30
N VAL F 71 11.76 30.69 -0.10
CA VAL F 71 12.75 30.54 0.96
C VAL F 71 12.07 30.54 2.33
N GLU F 72 11.07 31.40 2.51
CA GLU F 72 10.33 31.43 3.77
C GLU F 72 9.65 30.08 4.04
N LEU F 73 9.01 29.51 3.01
CA LEU F 73 8.34 28.22 3.17
C LEU F 73 9.35 27.11 3.46
N LEU F 74 10.47 27.09 2.74
CA LEU F 74 11.47 26.06 2.96
C LEU F 74 12.05 26.15 4.38
N GLY F 75 12.30 27.36 4.86
CA GLY F 75 12.72 27.53 6.23
C GLY F 75 11.67 27.10 7.22
N ASP F 76 10.39 27.31 6.90
CA ASP F 76 9.32 26.86 7.77
C ASP F 76 9.29 25.35 7.88
N THR F 77 9.48 24.65 6.76
CA THR F 77 9.48 23.19 6.78
C THR F 77 10.72 22.61 7.45
N GLY F 78 11.72 23.42 7.75
CA GLY F 78 12.98 22.92 8.27
C GLY F 78 13.96 22.44 7.22
N THR F 79 13.70 22.71 5.95
CA THR F 79 14.58 22.27 4.87
C THR F 79 15.63 23.35 4.63
N ALA F 80 16.87 23.05 5.00
CA ALA F 80 17.96 23.99 4.81
C ALA F 80 18.27 24.14 3.32
N LEU F 81 18.87 25.27 2.97
CA LEU F 81 19.20 25.61 1.60
C LEU F 81 20.70 25.79 1.45
N VAL F 82 21.26 25.20 0.40
CA VAL F 82 22.67 25.36 0.07
C VAL F 82 22.77 25.58 -1.43
N TRP F 83 23.53 26.58 -1.83
CA TRP F 83 23.76 26.87 -3.25
C TRP F 83 25.00 26.10 -3.70
N VAL F 84 24.77 24.92 -4.23
CA VAL F 84 25.87 24.02 -4.62
C VAL F 84 26.17 24.34 -6.09
N GLY F 85 26.98 25.37 -6.29
CA GLY F 85 27.43 25.72 -7.62
C GLY F 85 28.62 24.89 -8.02
N GLU F 86 29.23 25.30 -9.13
CA GLU F 86 30.50 24.71 -9.53
C GLU F 86 31.56 25.03 -8.48
N GLN F 87 32.59 24.19 -8.43
CA GLN F 87 33.71 24.29 -7.49
C GLN F 87 33.24 24.60 -6.07
N GLY F 88 32.49 23.64 -5.52
CA GLY F 88 32.19 23.61 -4.10
C GLY F 88 30.89 24.27 -3.72
N VAL F 89 30.62 24.20 -2.41
CA VAL F 89 29.45 24.87 -1.84
C VAL F 89 29.67 26.37 -1.89
N ARG F 90 28.67 27.09 -2.40
CA ARG F 90 28.85 28.51 -2.67
C ARG F 90 28.21 29.41 -1.62
N TYR F 91 27.05 29.01 -1.09
CA TYR F 91 26.39 29.78 -0.05
C TYR F 91 25.46 28.87 0.73
N TYR F 92 25.20 29.23 1.99
CA TYR F 92 24.32 28.49 2.87
C TYR F 92 23.08 29.32 3.18
N ALA F 93 22.04 28.64 3.64
CA ALA F 93 20.81 29.30 4.08
C ALA F 93 20.02 28.34 4.95
N SER F 94 19.35 28.90 5.95
CA SER F 94 18.52 28.10 6.84
C SER F 94 17.57 29.02 7.59
N GLY F 95 16.37 28.53 7.84
CA GLY F 95 15.39 29.24 8.63
C GLY F 95 15.59 29.01 10.11
N ARG F 96 14.56 29.36 10.87
CA ARG F 96 14.60 29.13 12.32
C ARG F 96 14.72 27.63 12.60
N ALA F 97 15.51 27.31 13.61
CA ALA F 97 15.70 25.91 13.98
C ALA F 97 14.38 25.32 14.47
N LEU F 98 14.05 24.13 13.97
CA LEU F 98 12.86 23.42 14.42
C LEU F 98 13.11 22.63 15.70
N ALA F 99 14.18 22.95 16.42
CA ALA F 99 14.40 22.49 17.78
C ALA F 99 14.38 23.70 18.70
N ARG F 100 13.39 23.75 19.59
CA ARG F 100 13.17 24.92 20.43
C ARG F 100 13.98 24.90 21.71
N SER F 101 14.80 23.88 21.92
CA SER F 101 15.67 23.78 23.09
C SER F 101 17.13 23.89 22.64
N THR F 102 17.90 24.71 23.34
CA THR F 102 19.31 24.94 23.00
C THR F 102 20.25 24.23 23.96
N ARG F 103 19.83 23.09 24.51
CA ARG F 103 20.72 22.30 25.34
C ARG F 103 21.93 21.85 24.55
N PHE F 104 21.71 21.39 23.32
CA PHE F 104 22.83 21.06 22.43
C PHE F 104 23.69 22.28 22.16
N LEU F 105 23.07 23.42 21.89
CA LEU F 105 23.82 24.63 21.60
C LEU F 105 24.62 25.12 22.80
N VAL F 106 23.99 25.13 23.98
CA VAL F 106 24.69 25.56 25.18
C VAL F 106 25.86 24.63 25.49
N LYS F 107 25.63 23.32 25.36
CA LYS F 107 26.71 22.37 25.61
C LYS F 107 27.85 22.54 24.62
N GLN F 108 27.52 22.74 23.34
CA GLN F 108 28.55 22.96 22.33
C GLN F 108 29.35 24.23 22.63
N ALA F 109 28.66 25.29 23.06
CA ALA F 109 29.35 26.52 23.43
C ALA F 109 30.29 26.30 24.60
N GLU F 110 29.82 25.58 25.62
CA GLU F 110 30.64 25.41 26.82
C GLU F 110 31.81 24.44 26.58
N LEU F 111 31.70 23.55 25.58
CA LEU F 111 32.87 22.75 25.20
C LEU F 111 33.73 23.38 24.12
N VAL F 112 33.29 24.45 23.47
CA VAL F 112 34.18 25.10 22.50
C VAL F 112 34.93 26.27 23.14
N THR F 113 34.34 26.94 24.13
CA THR F 113 35.07 28.01 24.81
C THR F 113 36.25 27.47 25.61
N ASN F 114 36.05 26.36 26.33
CA ASN F 114 37.13 25.79 27.12
C ASN F 114 38.17 25.14 26.21
N GLU F 115 39.45 25.43 26.47
CA GLU F 115 40.51 24.89 25.64
C GLU F 115 40.69 23.39 25.87
N ARG F 116 40.61 22.95 27.13
CA ARG F 116 40.69 21.52 27.42
C ARG F 116 39.52 20.77 26.81
N SER F 117 38.32 21.35 26.87
CA SER F 117 37.15 20.72 26.24
C SER F 117 37.32 20.65 24.73
N ARG F 118 37.86 21.71 24.12
CA ARG F 118 38.14 21.69 22.68
C ARG F 118 39.12 20.57 22.33
N LEU F 119 40.18 20.44 23.13
CA LEU F 119 41.15 19.37 22.91
C LEU F 119 40.48 18.00 23.01
N ARG F 120 39.63 17.81 24.01
CA ARG F 120 38.98 16.52 24.20
C ARG F 120 38.00 16.22 23.06
N VAL F 121 37.26 17.22 22.61
CA VAL F 121 36.33 17.01 21.50
C VAL F 121 37.09 16.65 20.22
N ALA F 122 38.19 17.37 19.94
CA ALA F 122 39.00 17.02 18.77
C ALA F 122 39.58 15.63 18.91
N ARG F 123 39.94 15.24 20.13
CA ARG F 123 40.43 13.89 20.37
C ARG F 123 39.36 12.85 20.03
N ARG F 124 38.12 13.08 20.48
CA ARG F 124 37.07 12.11 20.17
C ARG F 124 36.77 12.07 18.67
N MET F 125 36.81 13.21 17.98
CA MET F 125 36.57 13.18 16.55
C MET F 125 37.67 12.43 15.81
N TYR F 126 38.93 12.62 16.21
CA TYR F 126 40.01 11.83 15.64
C TYR F 126 39.83 10.34 15.94
N GLN F 127 39.43 10.01 17.16
CA GLN F 127 39.22 8.61 17.52
C GLN F 127 38.12 7.99 16.68
N MET F 128 37.05 8.74 16.42
CA MET F 128 35.96 8.22 15.60
C MET F 128 36.38 8.06 14.15
N ARG F 129 37.14 9.01 13.62
CA ARG F 129 37.64 8.86 12.25
C ARG F 129 38.63 7.70 12.15
N PHE F 130 39.50 7.56 13.15
CA PHE F 130 40.55 6.53 13.15
C PHE F 130 40.52 5.81 14.49
N PRO F 131 39.68 4.78 14.64
CA PRO F 131 39.55 4.09 15.93
C PRO F 131 40.69 3.13 16.24
N THR F 132 41.60 2.89 15.31
CA THR F 132 42.68 1.92 15.49
C THR F 132 43.93 2.52 16.10
N GLU F 133 43.88 3.80 16.48
CA GLU F 133 45.06 4.51 16.98
C GLU F 133 44.81 5.00 18.42
N ASP F 134 45.82 5.67 18.96
CA ASP F 134 45.76 6.25 20.30
C ASP F 134 46.18 7.71 20.21
N VAL F 135 45.33 8.60 20.74
CA VAL F 135 45.58 10.04 20.68
C VAL F 135 45.45 10.64 22.06
N SER F 136 45.63 9.83 23.11
CA SER F 136 45.43 10.30 24.48
C SER F 136 46.37 11.43 24.86
N LYS F 137 47.52 11.55 24.21
CA LYS F 137 48.48 12.62 24.49
C LYS F 137 48.77 13.47 23.27
N LEU F 138 47.90 13.48 22.26
CA LEU F 138 48.16 14.17 21.02
C LEU F 138 47.54 15.57 21.06
N THR F 139 48.26 16.54 20.51
CA THR F 139 47.92 17.94 20.67
C THR F 139 47.19 18.49 19.44
N MET F 140 46.93 19.79 19.44
CA MET F 140 46.00 20.40 18.49
C MET F 140 46.59 20.42 17.08
N GLN F 141 47.70 21.14 16.89
CA GLN F 141 48.31 21.23 15.58
C GLN F 141 48.80 19.88 15.09
N GLN F 142 49.25 19.03 16.01
CA GLN F 142 49.59 17.66 15.64
C GLN F 142 48.35 16.89 15.18
N LEU F 143 47.20 17.18 15.79
CA LEU F 143 45.95 16.58 15.30
C LEU F 143 45.66 17.04 13.87
N ARG F 144 45.84 18.33 13.58
CA ARG F 144 45.67 18.81 12.21
C ARG F 144 46.60 18.10 11.25
N SER F 145 47.87 17.99 11.62
CA SER F 145 48.86 17.38 10.74
C SER F 145 48.55 15.91 10.50
N HIS F 146 48.17 15.19 11.56
CA HIS F 146 47.81 13.79 11.43
C HIS F 146 46.57 13.62 10.56
N GLU F 147 45.56 14.47 10.75
CA GLU F 147 44.36 14.40 9.93
C GLU F 147 44.69 14.61 8.47
N GLY F 148 45.54 15.60 8.17
CA GLY F 148 45.93 15.82 6.79
C GLY F 148 46.70 14.64 6.20
N ALA F 149 47.65 14.11 6.96
CA ALA F 149 48.44 13.00 6.45
C ALA F 149 47.54 11.81 6.14
N ARG F 150 46.61 11.51 7.04
CA ARG F 150 45.75 10.35 6.82
C ARG F 150 44.73 10.59 5.71
N VAL F 151 44.26 11.83 5.53
CA VAL F 151 43.32 12.06 4.44
C VAL F 151 44.02 11.95 3.09
N ARG F 152 45.27 12.44 2.97
CA ARG F 152 46.00 12.18 1.73
C ARG F 152 46.29 10.71 1.54
N ARG F 153 46.59 9.98 2.62
CA ARG F 153 46.83 8.55 2.47
C ARG F 153 45.57 7.84 1.97
N LYS F 154 44.40 8.18 2.52
CA LYS F 154 43.15 7.59 2.07
C LYS F 154 42.86 7.96 0.62
N TYR F 155 43.11 9.22 0.24
CA TYR F 155 42.89 9.64 -1.13
C TYR F 155 43.78 8.86 -2.10
N ARG F 156 45.06 8.71 -1.75
CA ARG F 156 45.98 7.97 -2.61
C ARG F 156 45.59 6.50 -2.71
N GLU F 157 45.21 5.89 -1.58
CA GLU F 157 44.83 4.49 -1.59
C GLU F 157 43.60 4.26 -2.45
N LEU F 158 42.60 5.14 -2.33
CA LEU F 158 41.39 4.99 -3.13
C LEU F 158 41.64 5.29 -4.60
N SER F 159 42.54 6.23 -4.90
CA SER F 159 42.87 6.50 -6.29
C SER F 159 43.56 5.31 -6.94
N LYS F 160 44.49 4.68 -6.21
CA LYS F 160 45.15 3.49 -6.73
C LYS F 160 44.18 2.32 -6.86
N LYS F 161 43.26 2.17 -5.89
CA LYS F 161 42.33 1.05 -5.91
C LYS F 161 41.42 1.10 -7.12
N TYR F 162 40.90 2.28 -7.44
CA TYR F 162 39.96 2.45 -8.55
C TYR F 162 40.64 2.84 -9.86
N ASN F 163 41.96 2.98 -9.86
CA ASN F 163 42.74 3.26 -11.08
C ASN F 163 42.25 4.54 -11.77
N VAL F 164 42.37 5.65 -11.05
CA VAL F 164 42.01 6.97 -11.59
C VAL F 164 43.13 7.95 -11.27
N PRO F 165 43.57 8.75 -12.24
CA PRO F 165 44.65 9.72 -11.98
C PRO F 165 44.17 10.82 -11.05
N TRP F 166 44.85 10.95 -9.91
CA TRP F 166 44.57 11.98 -8.93
C TRP F 166 45.80 12.87 -8.77
N LYS F 167 45.59 14.18 -8.80
CA LYS F 167 46.69 15.14 -8.78
C LYS F 167 47.08 15.56 -7.37
N LYS F 168 47.27 14.56 -6.50
CA LYS F 168 47.83 14.74 -5.15
C LYS F 168 47.18 15.92 -4.43
N ARG F 169 45.86 15.79 -4.22
CA ARG F 169 45.09 16.87 -3.61
C ARG F 169 44.02 16.29 -2.71
N VAL F 170 43.50 17.14 -1.83
CA VAL F 170 42.37 16.81 -0.97
C VAL F 170 41.31 17.89 -1.17
N TYR F 171 40.06 17.47 -1.33
CA TYR F 171 38.98 18.41 -1.58
C TYR F 171 38.87 19.43 -0.45
N ASN F 172 38.69 20.69 -0.84
CA ASN F 172 38.45 21.77 0.10
C ASN F 172 37.18 22.50 -0.30
N PRO F 173 36.32 22.86 0.65
CA PRO F 173 35.09 23.57 0.29
C PRO F 173 35.33 24.93 -0.34
N ASP F 174 36.49 25.54 -0.13
CA ASP F 174 36.80 26.87 -0.63
C ASP F 174 37.64 26.75 -1.90
N ASP F 175 37.03 27.07 -3.04
CA ASP F 175 37.74 27.20 -4.31
C ASP F 175 38.45 25.90 -4.70
N PHE F 176 37.65 24.86 -4.95
CA PHE F 176 38.15 23.59 -5.46
C PHE F 176 37.56 23.40 -6.86
N ALA F 177 38.25 23.93 -7.86
CA ALA F 177 37.79 23.91 -9.24
C ALA F 177 38.54 22.85 -10.03
N GLY F 178 37.81 22.09 -10.84
CA GLY F 178 38.40 21.06 -11.67
C GLY F 178 37.47 20.55 -12.74
N GLY F 179 38.01 20.30 -13.94
CA GLY F 179 37.22 19.78 -15.04
C GLY F 179 37.31 18.27 -15.16
N ASP F 180 38.18 17.66 -14.36
CA ASP F 180 38.32 16.22 -14.40
C ASP F 180 37.09 15.54 -13.81
N PRO F 181 36.73 14.35 -14.31
CA PRO F 181 35.57 13.64 -13.74
C PRO F 181 35.71 13.37 -12.26
N ILE F 182 36.91 13.08 -11.79
CA ILE F 182 37.12 12.89 -10.35
C ILE F 182 36.83 14.18 -9.59
N ASN F 183 37.22 15.33 -10.16
CA ASN F 183 36.95 16.59 -9.49
C ASN F 183 35.46 16.84 -9.38
N GLN F 184 34.72 16.61 -10.46
CA GLN F 184 33.27 16.82 -10.43
C GLN F 184 32.59 15.86 -9.46
N ALA F 185 32.99 14.59 -9.47
CA ALA F 185 32.38 13.63 -8.55
C ALA F 185 32.66 13.97 -7.10
N LEU F 186 33.92 14.33 -6.79
CA LEU F 186 34.27 14.72 -5.43
C LEU F 186 33.49 15.96 -5.01
N SER F 187 33.38 16.95 -5.90
CA SER F 187 32.64 18.15 -5.56
C SER F 187 31.17 17.85 -5.30
N ALA F 188 30.55 17.03 -6.14
CA ALA F 188 29.14 16.73 -5.96
C ALA F 188 28.89 15.98 -4.66
N ALA F 189 29.67 14.92 -4.41
CA ALA F 189 29.49 14.16 -3.18
C ALA F 189 29.74 15.02 -1.96
N HIS F 190 30.78 15.86 -2.02
CA HIS F 190 31.12 16.68 -0.86
C HIS F 190 30.09 17.77 -0.60
N VAL F 191 29.57 18.40 -1.65
CA VAL F 191 28.55 19.42 -1.44
C VAL F 191 27.27 18.78 -0.91
N ALA F 192 26.94 17.56 -1.36
CA ALA F 192 25.81 16.86 -0.76
C ALA F 192 26.04 16.61 0.73
N LEU F 193 27.25 16.17 1.09
CA LEU F 193 27.57 15.93 2.49
C LEU F 193 27.51 17.21 3.31
N TYR F 194 28.05 18.30 2.78
CA TYR F 194 28.05 19.56 3.51
C TYR F 194 26.64 20.11 3.66
N GLY F 195 25.81 19.98 2.63
CA GLY F 195 24.42 20.38 2.77
C GLY F 195 23.69 19.57 3.81
N LEU F 196 23.91 18.25 3.83
CA LEU F 196 23.28 17.42 4.85
C LEU F 196 23.75 17.79 6.25
N VAL F 197 25.05 18.04 6.41
CA VAL F 197 25.59 18.39 7.72
C VAL F 197 25.02 19.73 8.17
N HIS F 198 24.96 20.71 7.27
CA HIS F 198 24.39 22.01 7.61
C HIS F 198 22.93 21.88 7.98
N SER F 199 22.18 21.06 7.26
CA SER F 199 20.77 20.85 7.57
C SER F 199 20.61 20.23 8.96
N VAL F 200 21.42 19.22 9.28
CA VAL F 200 21.31 18.57 10.59
C VAL F 200 21.68 19.54 11.69
N VAL F 201 22.74 20.32 11.50
CA VAL F 201 23.19 21.25 12.53
C VAL F 201 22.14 22.33 12.76
N ALA F 202 21.60 22.90 11.68
CA ALA F 202 20.55 23.91 11.81
C ALA F 202 19.29 23.30 12.44
N ALA F 203 19.02 22.02 12.18
CA ALA F 203 17.83 21.39 12.71
C ALA F 203 17.97 21.07 14.20
N LEU F 204 19.17 20.78 14.66
CA LEU F 204 19.40 20.45 16.05
C LEU F 204 19.61 21.67 16.94
N GLY F 205 19.63 22.87 16.35
CA GLY F 205 19.86 24.09 17.10
C GLY F 205 21.31 24.40 17.37
N LEU F 206 22.24 23.62 16.83
CA LEU F 206 23.66 23.88 17.05
C LEU F 206 24.12 25.08 16.23
N SER F 207 25.19 25.71 16.72
CA SER F 207 25.79 26.83 16.01
C SER F 207 26.81 26.31 15.00
N PRO F 208 26.66 26.60 13.71
CA PRO F 208 27.66 26.14 12.73
C PRO F 208 29.02 26.82 12.86
N GLY F 209 29.12 27.90 13.63
CA GLY F 209 30.37 28.63 13.74
C GLY F 209 31.29 28.14 14.83
N LEU F 210 30.75 27.40 15.80
CA LEU F 210 31.52 26.94 16.95
C LEU F 210 32.19 25.61 16.60
N GLY F 211 33.28 25.71 15.84
CA GLY F 211 34.03 24.53 15.47
C GLY F 211 35.17 24.24 16.43
N PHE F 212 35.71 23.02 16.32
CA PHE F 212 36.80 22.58 17.18
C PHE F 212 38.11 22.44 16.42
N VAL F 213 38.16 21.62 15.37
CA VAL F 213 39.34 21.57 14.52
C VAL F 213 39.39 22.78 13.59
N HIS F 214 38.25 23.14 13.01
CA HIS F 214 38.17 24.33 12.18
C HIS F 214 37.68 25.51 13.00
N THR F 215 38.33 26.66 12.82
CA THR F 215 37.95 27.88 13.52
C THR F 215 38.13 29.06 12.59
N GLY F 216 37.54 30.20 12.98
CA GLY F 216 37.73 31.46 12.29
C GLY F 216 36.58 31.88 11.40
N HIS F 217 35.66 30.97 11.07
CA HIS F 217 34.54 31.29 10.21
C HIS F 217 33.27 30.67 10.78
N ASP F 218 32.13 31.11 10.24
CA ASP F 218 30.83 30.73 10.76
C ASP F 218 30.35 29.35 10.30
N ARG F 219 31.09 28.69 9.42
CA ARG F 219 30.75 27.33 8.99
C ARG F 219 31.82 26.34 9.44
N SER F 220 32.49 26.61 10.55
CA SER F 220 33.57 25.74 11.01
C SER F 220 33.04 24.43 11.57
N PHE F 221 31.98 24.48 12.38
CA PHE F 221 31.40 23.26 12.92
C PHE F 221 30.84 22.37 11.83
N ILE F 222 30.35 22.97 10.75
CA ILE F 222 29.89 22.19 9.60
C ILE F 222 31.05 21.38 9.04
N TYR F 223 32.22 22.02 8.88
CA TYR F 223 33.38 21.32 8.36
C TYR F 223 33.83 20.23 9.31
N ASP F 224 33.81 20.52 10.62
CA ASP F 224 34.23 19.54 11.61
C ASP F 224 33.33 18.31 11.58
N VAL F 225 32.02 18.51 11.50
CA VAL F 225 31.10 17.38 11.46
C VAL F 225 31.24 16.62 10.15
N ALA F 226 31.45 17.33 9.05
CA ALA F 226 31.54 16.66 7.76
C ALA F 226 32.83 15.86 7.63
N ASP F 227 33.90 16.26 8.33
CA ASP F 227 35.14 15.51 8.28
C ASP F 227 34.98 14.10 8.84
N LEU F 228 34.04 13.91 9.78
CA LEU F 228 33.85 12.60 10.38
C LEU F 228 33.38 11.57 9.36
N TYR F 229 32.76 12.02 8.26
CA TYR F 229 32.21 11.12 7.26
C TYR F 229 32.77 11.37 5.87
N LYS F 230 33.67 12.34 5.71
CA LYS F 230 34.18 12.67 4.39
C LYS F 230 34.95 11.51 3.78
N ALA F 231 35.93 10.98 4.52
CA ALA F 231 36.76 9.90 3.99
C ALA F 231 36.05 8.54 4.01
N GLU F 232 35.06 8.36 4.89
CA GLU F 232 34.38 7.08 4.97
C GLU F 232 33.40 6.87 3.83
N ILE F 233 32.68 7.92 3.43
CA ILE F 233 31.58 7.77 2.50
C ILE F 233 31.81 8.53 1.20
N THR F 234 31.99 9.85 1.30
CA THR F 234 31.96 10.69 0.11
C THR F 234 33.17 10.44 -0.79
N VAL F 235 34.37 10.33 -0.20
CA VAL F 235 35.57 10.12 -1.02
C VAL F 235 35.54 8.77 -1.75
N PRO F 236 35.27 7.62 -1.08
CA PRO F 236 35.17 6.37 -1.84
C PRO F 236 34.06 6.39 -2.88
N ILE F 237 32.94 7.05 -2.57
CA ILE F 237 31.84 7.12 -3.52
C ILE F 237 32.27 7.90 -4.76
N ALA F 238 32.95 9.03 -4.57
CA ALA F 238 33.41 9.83 -5.70
C ALA F 238 34.43 9.07 -6.53
N PHE F 239 35.35 8.36 -5.87
CA PHE F 239 36.34 7.58 -6.62
C PHE F 239 35.67 6.47 -7.41
N ALA F 240 34.68 5.79 -6.81
CA ALA F 240 33.94 4.76 -7.54
C ALA F 240 33.19 5.35 -8.73
N VAL F 241 32.59 6.53 -8.53
CA VAL F 241 31.86 7.18 -9.62
C VAL F 241 32.79 7.51 -10.78
N ALA F 242 33.96 8.04 -10.47
CA ALA F 242 34.94 8.34 -11.52
C ALA F 242 35.41 7.07 -12.20
N ALA F 243 35.57 5.98 -11.43
CA ALA F 243 36.01 4.71 -12.01
C ALA F 243 34.97 4.15 -12.98
N GLU F 244 33.71 4.17 -12.59
CA GLU F 244 32.64 3.56 -13.39
C GLU F 244 31.99 4.53 -14.36
N ALA F 245 32.45 5.78 -14.41
CA ALA F 245 31.86 6.76 -15.31
C ALA F 245 32.14 6.41 -16.76
N GLU F 246 31.13 6.57 -17.61
CA GLU F 246 31.25 6.35 -19.03
C GLU F 246 31.38 7.70 -19.75
N GLU F 247 31.47 7.63 -21.08
CA GLU F 247 31.54 8.84 -21.89
C GLU F 247 30.14 9.40 -22.10
N GLY F 248 29.98 10.71 -21.88
CA GLY F 248 28.70 11.36 -21.99
C GLY F 248 27.80 11.21 -20.78
N GLN F 249 28.25 10.51 -19.74
CA GLN F 249 27.46 10.37 -18.53
C GLN F 249 27.68 11.58 -17.62
N ASP F 250 26.58 12.17 -17.15
CA ASP F 250 26.66 13.34 -16.28
C ASP F 250 27.28 12.91 -14.95
N ILE F 251 28.48 13.42 -14.67
CA ILE F 251 29.21 13.00 -13.48
C ILE F 251 28.45 13.39 -12.22
N GLY F 252 27.89 14.60 -12.19
CA GLY F 252 27.20 15.07 -11.01
C GLY F 252 25.97 14.24 -10.66
N GLN F 253 25.17 13.89 -11.68
CA GLN F 253 23.94 13.16 -11.43
C GLN F 253 24.23 11.76 -10.87
N LEU F 254 25.14 11.04 -11.50
CA LEU F 254 25.48 9.70 -11.03
C LEU F 254 26.20 9.74 -9.69
N ALA F 255 27.04 10.78 -9.48
CA ALA F 255 27.70 10.93 -8.20
C ALA F 255 26.69 11.17 -7.08
N ARG F 256 25.64 11.96 -7.36
CA ARG F 256 24.61 12.18 -6.36
C ARG F 256 23.79 10.91 -6.14
N LEU F 257 23.53 10.15 -7.20
CA LEU F 257 22.93 8.83 -7.03
C LEU F 257 23.73 7.98 -6.04
N ARG F 258 25.04 7.87 -6.28
CA ARG F 258 25.87 7.00 -5.47
C ARG F 258 25.98 7.50 -4.04
N THR F 259 26.09 8.82 -3.85
CA THR F 259 26.22 9.34 -2.50
C THR F 259 24.91 9.21 -1.72
N ARG F 260 23.76 9.35 -2.40
CA ARG F 260 22.49 9.08 -1.73
C ARG F 260 22.36 7.62 -1.36
N ASP F 261 22.80 6.72 -2.26
CA ASP F 261 22.78 5.29 -1.94
C ASP F 261 23.67 5.00 -0.73
N ALA F 262 24.85 5.62 -0.67
CA ALA F 262 25.73 5.43 0.47
C ALA F 262 25.12 5.99 1.75
N PHE F 263 24.47 7.15 1.66
CA PHE F 263 23.83 7.73 2.84
C PHE F 263 22.72 6.83 3.36
N VAL F 264 21.92 6.25 2.46
CA VAL F 264 20.86 5.33 2.89
C VAL F 264 21.45 4.06 3.48
N ASP F 265 22.43 3.47 2.79
CA ASP F 265 23.05 2.24 3.26
C ASP F 265 23.83 2.47 4.54
N GLY F 266 24.61 3.54 4.61
CA GLY F 266 25.41 3.83 5.78
C GLY F 266 24.65 4.43 6.94
N LYS F 267 23.38 4.78 6.74
CA LYS F 267 22.55 5.41 7.77
C LYS F 267 23.23 6.65 8.34
N ILE F 268 23.75 7.48 7.44
CA ILE F 268 24.54 8.64 7.84
C ILE F 268 23.72 9.65 8.63
N LEU F 269 22.39 9.63 8.49
CA LEU F 269 21.56 10.60 9.18
C LEU F 269 21.39 10.24 10.66
N LYS F 270 20.93 9.02 10.95
CA LYS F 270 20.84 8.56 12.32
C LYS F 270 22.21 8.53 12.98
N ARG F 271 23.22 8.05 12.24
CA ARG F 271 24.58 8.05 12.76
C ARG F 271 25.07 9.46 13.05
N MET F 272 24.74 10.41 12.17
CA MET F 272 25.17 11.79 12.36
C MET F 272 24.55 12.38 13.62
N VAL F 273 23.26 12.16 13.83
CA VAL F 273 22.61 12.68 15.04
C VAL F 273 23.20 12.01 16.28
N LYS F 274 23.42 10.70 16.23
CA LYS F 274 23.99 9.99 17.38
C LYS F 274 25.38 10.51 17.70
N ASP F 275 26.21 10.74 16.68
CA ASP F 275 27.54 11.28 16.93
C ASP F 275 27.46 12.69 17.50
N LEU F 276 26.60 13.54 16.93
CA LEU F 276 26.45 14.88 17.49
C LEU F 276 25.99 14.83 18.94
N GLN F 277 25.28 13.77 19.32
CA GLN F 277 24.93 13.58 20.73
C GLN F 277 26.14 13.18 21.57
N THR F 278 26.95 12.23 21.06
CA THR F 278 28.05 11.71 21.87
C THR F 278 29.20 12.68 22.01
N LEU F 279 29.53 13.43 20.95
CA LEU F 279 30.62 14.40 21.03
C LEU F 279 30.35 15.48 22.07
N LEU F 280 29.09 15.74 22.40
CA LEU F 280 28.76 16.78 23.36
C LEU F 280 28.31 16.21 24.71
N GLU F 281 28.44 14.91 24.92
CA GLU F 281 28.08 14.24 26.18
C GLU F 281 26.65 14.58 26.62
N ILE F 282 25.69 14.11 25.83
CA ILE F 282 24.30 14.10 26.23
C ILE F 282 23.93 12.66 26.58
N PRO F 283 23.68 12.35 27.86
CA PRO F 283 23.28 11.00 28.30
C PRO F 283 21.92 10.60 27.74
#